data_8X1T
#
_entry.id   8X1T
#
loop_
_entity.id
_entity.type
_entity.pdbx_description
1 polymer 'Chloride anion exchanger'
2 non-polymer 'SULFATE ION'
#
_entity_poly.entity_id   1
_entity_poly.type   'polypeptide(L)'
_entity_poly.pdbx_seq_one_letter_code
;MDYKDDDDKGTMIEPFGNQYIVARPVYSTNAFEENHKKTGRHHKTFLDHLKVCCSCSPQKAKRIVLSLFPIASWLPAYRL
KEWLLSDIVSGISTGIVAVLQGLAFALLVDIPPVYGLYASFFPAIIYLFFGTSRHISVGPFPILSMMVGLAVSGAVSKAV
PDRNATTLGLPNNSNNSSLLDDERVRVAAAASVTVLSGIIQLAFGILRIGFVVIYLSESLISGFTTAAAVHVLVSQLKFI
FQLTVPSHTDPVSIFKVLYSVFSQIEKTNIADLVTALIVLLVVSIVKEINQRFKDKLPVPIPIEFIMTVIAAGVSYGCDF
KNRFKVAVVGDMNPGFQPPITPDVETFQNTVGDCFGIAMVAFAVAFSVASVYSLKYDYPLDGNQELIALGLGNIVCGVFR
GFAGSTALSRSAVQESTGGKTQIAGLIGAIIVLIVVLAIGFLLAPLQKSVLAALALGNLKGMLMQFAEIGRLWRKDKYDC
LIWIMTFIFTIVLGLGLGLAASVAFQLLTIVFRTQFPKCSTLANIGRTNIYKNKKDYYDMYEPEGVKIFRCPSPIYFANI
GFFRRKLIDAVGFSPLRILRKRNKALRKIRKLQKQGLLQVTPKGFICTVDTIKDSDEELDNNQIEVLDQPINTTDLPFHI
DWNDDLPLNIEVPKISLHSLILDFSAVSFLDVSSVRGLKSILQEFIRIKVDVYIVGTDDDFIEKLNRYEFFDGEVKSSIF
FLTIHDAVLHILMKKDYSTSKFNPSQEKDGKIDFTINTNGGLRNRVYEVPVETKF
;
_entity_poly.pdbx_strand_id   A,B
#
loop_
_chem_comp.id
_chem_comp.type
_chem_comp.name
_chem_comp.formula
SO4 non-polymer 'SULFATE ION' 'O4 S -2'
#
# COMPACT_ATOMS: atom_id res chain seq x y z
N ASN A 18 -1.27 -31.11 35.58
CA ASN A 18 -1.30 -30.14 34.49
C ASN A 18 -0.45 -28.94 34.81
N GLN A 19 0.83 -29.20 35.10
CA GLN A 19 1.71 -28.10 35.49
C GLN A 19 2.77 -27.76 34.47
N TYR A 20 2.97 -26.46 34.27
CA TYR A 20 4.01 -25.99 33.37
C TYR A 20 5.25 -25.87 34.22
N ILE A 21 6.13 -26.86 34.15
CA ILE A 21 7.34 -26.84 34.97
C ILE A 21 8.58 -26.72 34.12
N VAL A 22 9.35 -25.68 34.36
CA VAL A 22 10.54 -25.43 33.56
C VAL A 22 11.70 -25.10 34.49
N ALA A 23 12.89 -25.57 34.17
CA ALA A 23 14.09 -25.29 34.95
C ALA A 23 15.24 -25.30 33.96
N ARG A 24 15.54 -24.16 33.36
CA ARG A 24 16.58 -24.03 32.35
C ARG A 24 17.42 -22.79 32.66
N PRO A 25 18.58 -22.62 32.03
CA PRO A 25 19.36 -21.41 32.27
C PRO A 25 18.80 -20.22 31.51
N VAL A 26 19.11 -19.02 31.97
CA VAL A 26 18.67 -17.81 31.28
C VAL A 26 19.45 -17.64 29.99
N TYR A 27 18.79 -17.23 28.92
CA TYR A 27 19.48 -17.19 27.64
C TYR A 27 19.43 -15.91 26.83
N SER A 28 20.58 -15.39 26.46
CA SER A 28 20.59 -14.28 25.55
C SER A 28 20.50 -15.04 24.24
N THR A 29 20.18 -14.35 23.15
CA THR A 29 20.14 -15.01 21.86
C THR A 29 21.51 -15.56 21.54
N ASN A 30 22.55 -14.83 21.93
CA ASN A 30 23.92 -15.26 21.69
C ASN A 30 24.32 -16.47 22.53
N ALA A 31 23.98 -16.49 23.82
CA ALA A 31 24.27 -17.66 24.64
C ALA A 31 23.55 -18.91 24.12
N PHE A 32 22.35 -18.75 23.57
CA PHE A 32 21.66 -19.89 22.99
C PHE A 32 22.36 -20.39 21.74
N GLU A 33 22.83 -19.48 20.88
CA GLU A 33 23.59 -19.93 19.72
C GLU A 33 24.91 -20.59 20.12
N GLU A 34 25.53 -20.11 21.19
CA GLU A 34 26.78 -20.73 21.64
C GLU A 34 26.53 -22.13 22.20
N ASN A 35 25.48 -22.28 23.00
CA ASN A 35 25.25 -23.56 23.69
C ASN A 35 24.68 -24.62 22.75
N HIS A 36 23.93 -24.21 21.74
CA HIS A 36 23.27 -25.13 20.82
C HIS A 36 23.79 -24.90 19.41
N LYS A 37 24.64 -25.80 18.94
CA LYS A 37 25.29 -25.61 17.66
C LYS A 37 24.26 -25.63 16.54
N LYS A 38 24.42 -24.69 15.60
CA LYS A 38 23.40 -24.37 14.62
C LYS A 38 23.69 -25.14 13.34
N THR A 39 22.65 -25.75 12.76
CA THR A 39 22.78 -26.52 11.54
C THR A 39 23.17 -25.63 10.37
N GLY A 40 24.39 -25.82 9.85
CA GLY A 40 24.82 -25.02 8.72
C GLY A 40 24.01 -25.33 7.48
N ARG A 41 23.47 -24.28 6.86
CA ARG A 41 22.67 -24.42 5.64
C ARG A 41 23.28 -23.57 4.54
N HIS A 42 23.26 -24.11 3.33
CA HIS A 42 23.86 -23.44 2.17
C HIS A 42 23.09 -22.18 1.82
N HIS A 43 23.71 -21.33 1.03
CA HIS A 43 23.08 -20.11 0.53
C HIS A 43 22.28 -20.43 -0.73
N LYS A 44 21.00 -20.04 -0.74
CA LYS A 44 20.18 -20.17 -1.92
C LYS A 44 20.46 -18.97 -2.85
N THR A 45 21.63 -19.04 -3.47
CA THR A 45 22.15 -17.91 -4.24
C THR A 45 21.32 -17.68 -5.50
N PHE A 46 21.20 -16.41 -5.90
CA PHE A 46 20.51 -16.07 -7.13
C PHE A 46 21.21 -16.68 -8.35
N LEU A 47 22.54 -16.85 -8.28
CA LEU A 47 23.27 -17.36 -9.42
C LEU A 47 23.01 -18.85 -9.62
N ASP A 48 23.07 -19.63 -8.54
CA ASP A 48 22.78 -21.06 -8.67
C ASP A 48 21.30 -21.28 -8.98
N HIS A 49 20.44 -20.38 -8.51
CA HIS A 49 19.03 -20.47 -8.86
C HIS A 49 18.83 -20.20 -10.35
N LEU A 50 19.63 -19.27 -10.87
CA LEU A 50 19.63 -18.98 -12.29
C LEU A 50 20.30 -20.14 -13.04
N LYS A 51 20.96 -21.03 -12.31
CA LYS A 51 21.61 -22.19 -12.89
C LYS A 51 20.63 -23.32 -13.10
N VAL A 52 19.61 -23.36 -12.23
CA VAL A 52 18.56 -24.36 -12.33
C VAL A 52 17.52 -23.89 -13.34
N CYS A 53 17.47 -22.59 -13.57
CA CYS A 53 16.54 -22.00 -14.54
C CYS A 53 16.78 -22.58 -15.92
N CYS A 54 18.04 -22.68 -16.31
CA CYS A 54 18.41 -23.24 -17.61
C CYS A 54 18.78 -24.71 -17.43
N SER A 55 17.79 -25.51 -17.04
CA SER A 55 17.98 -26.94 -16.79
C SER A 55 18.29 -27.79 -18.03
N CYS A 56 17.63 -27.48 -19.15
CA CYS A 56 17.82 -28.20 -20.41
C CYS A 56 17.74 -29.72 -20.24
N SER A 57 17.10 -30.18 -19.17
CA SER A 57 17.01 -31.60 -18.93
C SER A 57 15.93 -32.19 -19.82
N PRO A 58 16.01 -33.49 -20.09
CA PRO A 58 14.95 -34.09 -20.92
C PRO A 58 13.58 -34.06 -20.27
N GLN A 59 13.46 -34.60 -19.06
CA GLN A 59 12.17 -34.60 -18.40
C GLN A 59 11.72 -33.20 -18.01
N LYS A 60 12.67 -32.29 -17.78
CA LYS A 60 12.31 -30.90 -17.51
C LYS A 60 11.65 -30.26 -18.73
N ALA A 61 12.24 -30.44 -19.92
CA ALA A 61 11.61 -29.91 -21.12
C ALA A 61 10.28 -30.59 -21.39
N LYS A 62 10.19 -31.90 -21.12
CA LYS A 62 8.93 -32.59 -21.29
C LYS A 62 7.84 -32.00 -20.40
N ARG A 63 8.14 -31.76 -19.13
CA ARG A 63 7.14 -31.20 -18.24
C ARG A 63 6.82 -29.75 -18.60
N ILE A 64 7.79 -29.01 -19.12
CA ILE A 64 7.51 -27.63 -19.57
C ILE A 64 6.52 -27.65 -20.72
N VAL A 65 6.74 -28.53 -21.70
CA VAL A 65 5.84 -28.60 -22.86
C VAL A 65 4.48 -29.13 -22.44
N LEU A 66 4.45 -30.05 -21.48
CA LEU A 66 3.16 -30.56 -21.01
C LEU A 66 2.42 -29.52 -20.17
N SER A 67 3.16 -28.57 -19.59
CA SER A 67 2.51 -27.52 -18.82
C SER A 67 2.02 -26.39 -19.71
N LEU A 68 2.65 -26.22 -20.88
CA LEU A 68 2.18 -25.20 -21.82
C LEU A 68 1.07 -25.69 -22.73
N PHE A 69 0.79 -27.00 -22.74
CA PHE A 69 -0.21 -27.59 -23.62
C PHE A 69 -1.03 -28.60 -22.82
N PRO A 70 -1.89 -28.12 -21.92
CA PRO A 70 -2.57 -29.04 -21.00
C PRO A 70 -3.43 -30.09 -21.68
N ILE A 71 -3.90 -29.85 -22.91
CA ILE A 71 -4.77 -30.83 -23.56
C ILE A 71 -4.02 -32.13 -23.81
N ALA A 72 -2.70 -32.07 -23.96
CA ALA A 72 -1.91 -33.27 -24.15
C ALA A 72 -1.87 -34.16 -22.92
N SER A 73 -2.35 -33.67 -21.79
CA SER A 73 -2.33 -34.42 -20.54
C SER A 73 -3.70 -34.84 -20.04
N TRP A 74 -4.75 -34.09 -20.35
CA TRP A 74 -6.09 -34.46 -19.89
C TRP A 74 -6.95 -35.12 -20.95
N LEU A 75 -6.58 -35.03 -22.22
CA LEU A 75 -7.36 -35.67 -23.26
C LEU A 75 -7.12 -37.17 -23.33
N PRO A 76 -5.87 -37.65 -23.31
CA PRO A 76 -5.67 -39.12 -23.28
C PRO A 76 -6.23 -39.77 -22.03
N ALA A 77 -6.32 -39.04 -20.91
CA ALA A 77 -6.86 -39.55 -19.67
C ALA A 77 -8.37 -39.37 -19.58
N TYR A 78 -9.05 -39.27 -20.72
CA TYR A 78 -10.47 -39.02 -20.75
C TYR A 78 -11.24 -40.29 -20.39
N ARG A 79 -12.29 -40.12 -19.59
CA ARG A 79 -13.15 -41.21 -19.19
C ARG A 79 -14.39 -41.08 -20.07
N LEU A 80 -14.48 -41.91 -21.10
CA LEU A 80 -15.60 -41.80 -22.04
C LEU A 80 -16.92 -42.17 -21.38
N LYS A 81 -17.04 -43.39 -20.86
CA LYS A 81 -18.33 -43.87 -20.39
C LYS A 81 -18.82 -43.10 -19.17
N GLU A 82 -17.94 -42.35 -18.53
CA GLU A 82 -18.31 -41.61 -17.33
C GLU A 82 -18.48 -40.11 -17.56
N TRP A 83 -17.97 -39.58 -18.68
CA TRP A 83 -17.93 -38.14 -18.90
C TRP A 83 -18.55 -37.68 -20.21
N LEU A 84 -18.64 -38.55 -21.22
CA LEU A 84 -18.93 -38.07 -22.57
C LEU A 84 -20.32 -37.48 -22.69
N LEU A 85 -21.34 -38.22 -22.23
CA LEU A 85 -22.71 -37.74 -22.40
C LEU A 85 -22.99 -36.53 -21.53
N SER A 86 -22.42 -36.50 -20.32
CA SER A 86 -22.57 -35.32 -19.47
C SER A 86 -21.93 -34.10 -20.10
N ASP A 87 -20.74 -34.28 -20.69
CA ASP A 87 -20.09 -33.15 -21.37
C ASP A 87 -20.87 -32.71 -22.60
N ILE A 88 -21.48 -33.65 -23.32
CA ILE A 88 -22.29 -33.30 -24.49
C ILE A 88 -23.48 -32.45 -24.07
N VAL A 89 -24.22 -32.90 -23.05
CA VAL A 89 -25.40 -32.16 -22.59
C VAL A 89 -24.99 -30.80 -22.04
N SER A 90 -23.96 -30.76 -21.20
CA SER A 90 -23.49 -29.50 -20.65
C SER A 90 -23.05 -28.55 -21.74
N GLY A 91 -22.39 -29.05 -22.77
CA GLY A 91 -21.94 -28.19 -23.86
C GLY A 91 -23.09 -27.65 -24.68
N ILE A 92 -24.08 -28.49 -24.98
CA ILE A 92 -25.28 -28.02 -25.66
C ILE A 92 -25.90 -26.85 -24.89
N SER A 93 -26.10 -27.04 -23.58
CA SER A 93 -26.76 -26.02 -22.78
C SER A 93 -25.94 -24.73 -22.71
N THR A 94 -24.64 -24.85 -22.41
CA THR A 94 -23.85 -23.63 -22.26
C THR A 94 -23.62 -22.95 -23.60
N GLY A 95 -23.69 -23.68 -24.72
CA GLY A 95 -23.58 -23.02 -26.00
C GLY A 95 -24.84 -22.28 -26.37
N ILE A 96 -26.00 -22.86 -26.06
CA ILE A 96 -27.26 -22.15 -26.27
C ILE A 96 -27.30 -20.90 -25.42
N VAL A 97 -26.72 -20.94 -24.22
CA VAL A 97 -26.67 -19.75 -23.39
C VAL A 97 -25.63 -18.76 -23.94
N ALA A 98 -24.51 -19.26 -24.47
CA ALA A 98 -23.43 -18.41 -24.93
C ALA A 98 -23.79 -17.63 -26.18
N VAL A 99 -24.64 -18.21 -27.05
CA VAL A 99 -25.09 -17.46 -28.23
C VAL A 99 -25.80 -16.17 -27.79
N LEU A 100 -26.79 -16.30 -26.90
CA LEU A 100 -27.58 -15.14 -26.48
C LEU A 100 -26.74 -14.18 -25.65
N GLN A 101 -25.87 -14.72 -24.79
CA GLN A 101 -24.99 -13.83 -24.03
C GLN A 101 -24.04 -13.06 -24.94
N GLY A 102 -23.55 -13.69 -26.00
CA GLY A 102 -22.69 -12.99 -26.93
C GLY A 102 -23.42 -11.89 -27.68
N LEU A 103 -24.66 -12.18 -28.11
CA LEU A 103 -25.45 -11.12 -28.75
C LEU A 103 -25.67 -9.94 -27.82
N ALA A 104 -26.10 -10.20 -26.58
CA ALA A 104 -26.33 -9.14 -25.62
C ALA A 104 -25.06 -8.34 -25.32
N PHE A 105 -23.93 -9.02 -25.24
CA PHE A 105 -22.70 -8.31 -24.89
C PHE A 105 -22.14 -7.55 -26.09
N ALA A 106 -22.45 -7.99 -27.30
CA ALA A 106 -22.13 -7.18 -28.47
C ALA A 106 -23.02 -5.93 -28.51
N LEU A 107 -24.23 -6.03 -27.97
CA LEU A 107 -24.99 -4.81 -27.71
C LEU A 107 -24.27 -3.90 -26.73
N LEU A 108 -23.78 -4.46 -25.62
CA LEU A 108 -23.06 -3.68 -24.63
C LEU A 108 -21.82 -2.99 -25.22
N VAL A 109 -21.16 -3.64 -26.17
CA VAL A 109 -19.98 -3.05 -26.81
C VAL A 109 -20.34 -2.03 -27.89
N ASP A 110 -21.61 -1.97 -28.30
CA ASP A 110 -22.08 -1.08 -29.35
C ASP A 110 -21.46 -1.44 -30.70
N ILE A 111 -21.49 -2.72 -31.03
CA ILE A 111 -21.13 -3.21 -32.36
C ILE A 111 -22.23 -4.15 -32.81
N PRO A 112 -22.28 -4.51 -34.09
CA PRO A 112 -23.26 -5.50 -34.55
C PRO A 112 -23.18 -6.78 -33.74
N PRO A 113 -24.28 -7.51 -33.62
CA PRO A 113 -24.32 -8.61 -32.65
C PRO A 113 -23.63 -9.89 -33.09
N VAL A 114 -23.17 -9.99 -34.34
CA VAL A 114 -22.45 -11.20 -34.77
C VAL A 114 -21.04 -11.23 -34.21
N TYR A 115 -20.48 -10.08 -33.86
CA TYR A 115 -19.17 -10.05 -33.23
C TYR A 115 -19.20 -10.61 -31.82
N GLY A 116 -20.36 -10.57 -31.16
CA GLY A 116 -20.51 -11.32 -29.93
C GLY A 116 -20.44 -12.82 -30.15
N LEU A 117 -20.94 -13.29 -31.29
CA LEU A 117 -20.81 -14.70 -31.63
C LEU A 117 -19.35 -15.07 -31.89
N TYR A 118 -18.61 -14.17 -32.55
CA TYR A 118 -17.17 -14.42 -32.74
C TYR A 118 -16.45 -14.47 -31.40
N ALA A 119 -16.84 -13.58 -30.47
CA ALA A 119 -16.23 -13.56 -29.15
C ALA A 119 -16.60 -14.78 -28.32
N SER A 120 -17.76 -15.37 -28.59
CA SER A 120 -18.14 -16.61 -27.92
C SER A 120 -17.52 -17.84 -28.58
N PHE A 121 -17.03 -17.70 -29.81
CA PHE A 121 -16.44 -18.84 -30.49
C PHE A 121 -14.93 -18.96 -30.26
N PHE A 122 -14.16 -17.91 -30.59
CA PHE A 122 -12.71 -18.10 -30.70
C PHE A 122 -12.03 -18.37 -29.36
N PRO A 123 -12.25 -17.58 -28.30
CA PRO A 123 -11.54 -17.86 -27.04
C PRO A 123 -11.83 -19.23 -26.46
N ALA A 124 -13.05 -19.75 -26.64
CA ALA A 124 -13.35 -21.09 -26.16
C ALA A 124 -12.53 -22.14 -26.87
N ILE A 125 -12.37 -22.01 -28.18
CA ILE A 125 -11.61 -22.98 -28.94
C ILE A 125 -10.12 -22.91 -28.59
N ILE A 126 -9.62 -21.73 -28.26
CA ILE A 126 -8.21 -21.65 -27.87
C ILE A 126 -8.01 -22.19 -26.46
N TYR A 127 -8.93 -21.86 -25.54
CA TYR A 127 -8.81 -22.34 -24.17
C TYR A 127 -9.00 -23.85 -24.08
N LEU A 128 -9.69 -24.45 -25.04
CA LEU A 128 -9.75 -25.91 -25.10
C LEU A 128 -8.36 -26.51 -25.16
N PHE A 129 -7.43 -25.84 -25.84
CA PHE A 129 -6.08 -26.35 -26.03
C PHE A 129 -5.12 -25.86 -24.95
N PHE A 130 -5.22 -24.61 -24.53
CA PHE A 130 -4.23 -24.03 -23.64
C PHE A 130 -4.71 -23.77 -22.22
N GLY A 131 -5.91 -24.19 -21.86
CA GLY A 131 -6.48 -23.87 -20.57
C GLY A 131 -6.30 -24.99 -19.55
N THR A 132 -6.23 -24.63 -18.30
CA THR A 132 -6.02 -25.59 -17.24
C THR A 132 -7.27 -25.86 -16.48
N SER A 133 -8.26 -24.97 -16.60
CA SER A 133 -9.53 -25.23 -15.95
C SER A 133 -10.33 -26.26 -16.73
N ARG A 134 -11.37 -26.78 -16.09
CA ARG A 134 -12.23 -27.80 -16.68
C ARG A 134 -13.70 -27.46 -16.57
N HIS A 135 -14.06 -26.33 -15.97
CA HIS A 135 -15.45 -26.06 -15.65
C HIS A 135 -15.91 -24.66 -16.03
N ILE A 136 -15.03 -23.76 -16.41
CA ILE A 136 -15.42 -22.40 -16.75
C ILE A 136 -15.81 -22.33 -18.22
N SER A 137 -16.77 -21.47 -18.53
CA SER A 137 -17.18 -21.21 -19.90
C SER A 137 -16.47 -19.94 -20.37
N VAL A 138 -15.66 -20.08 -21.41
CA VAL A 138 -14.81 -18.99 -21.87
C VAL A 138 -15.57 -18.16 -22.89
N GLY A 139 -15.56 -16.84 -22.70
CA GLY A 139 -16.32 -15.93 -23.52
C GLY A 139 -16.49 -14.61 -22.81
N PRO A 140 -17.32 -13.73 -23.36
CA PRO A 140 -17.49 -12.40 -22.78
C PRO A 140 -18.45 -12.40 -21.60
N PHE A 141 -18.26 -11.41 -20.74
CA PHE A 141 -19.15 -11.17 -19.62
C PHE A 141 -19.47 -9.68 -19.58
N PRO A 142 -20.56 -9.28 -18.90
CA PRO A 142 -21.04 -7.90 -19.06
C PRO A 142 -20.04 -6.83 -18.66
N ILE A 143 -19.28 -7.05 -17.59
CA ILE A 143 -18.34 -6.04 -17.12
C ILE A 143 -17.25 -5.81 -18.15
N LEU A 144 -16.74 -6.88 -18.75
CA LEU A 144 -15.67 -6.71 -19.73
C LEU A 144 -16.19 -6.13 -21.04
N SER A 145 -17.42 -6.47 -21.43
CA SER A 145 -18.00 -5.85 -22.61
C SER A 145 -18.19 -4.35 -22.39
N MET A 146 -18.59 -3.96 -21.18
CA MET A 146 -18.70 -2.53 -20.87
C MET A 146 -17.35 -1.85 -20.91
N MET A 147 -16.32 -2.48 -20.34
CA MET A 147 -14.98 -1.90 -20.36
C MET A 147 -14.45 -1.79 -21.78
N VAL A 148 -14.69 -2.81 -22.60
CA VAL A 148 -14.22 -2.77 -23.98
C VAL A 148 -14.97 -1.70 -24.77
N GLY A 149 -16.26 -1.54 -24.51
CA GLY A 149 -17.01 -0.50 -25.20
C GLY A 149 -16.56 0.90 -24.83
N LEU A 150 -16.24 1.10 -23.54
CA LEU A 150 -15.71 2.39 -23.13
C LEU A 150 -14.33 2.65 -23.74
N ALA A 151 -13.48 1.63 -23.79
CA ALA A 151 -12.18 1.79 -24.43
C ALA A 151 -12.32 2.09 -25.92
N VAL A 152 -13.29 1.45 -26.59
CA VAL A 152 -13.54 1.74 -27.99
C VAL A 152 -14.05 3.16 -28.20
N SER A 153 -14.96 3.63 -27.35
CA SER A 153 -15.43 5.00 -27.49
C SER A 153 -14.30 6.00 -27.29
N GLY A 154 -13.42 5.75 -26.30
CA GLY A 154 -12.25 6.58 -26.12
C GLY A 154 -11.31 6.56 -27.30
N ALA A 155 -11.13 5.39 -27.92
CA ALA A 155 -10.23 5.28 -29.06
C ALA A 155 -10.79 6.01 -30.27
N VAL A 156 -12.08 5.85 -30.55
CA VAL A 156 -12.69 6.56 -31.67
C VAL A 156 -12.73 8.06 -31.40
N SER A 157 -12.81 8.45 -30.14
CA SER A 157 -12.70 9.87 -29.80
C SER A 157 -11.31 10.41 -30.12
N LYS A 158 -10.28 9.75 -29.60
CA LYS A 158 -8.91 10.24 -29.77
C LYS A 158 -8.31 9.97 -31.13
N ALA A 159 -9.06 9.35 -32.06
CA ALA A 159 -8.50 9.02 -33.36
C ALA A 159 -8.34 10.27 -34.21
N VAL A 160 -7.15 10.44 -34.78
CA VAL A 160 -6.83 11.59 -35.63
C VAL A 160 -7.69 11.49 -36.90
N PRO A 161 -8.24 12.61 -37.38
CA PRO A 161 -9.06 12.58 -38.60
C PRO A 161 -8.24 12.27 -39.85
N LEU A 179 -23.90 5.57 -41.62
CA LEU A 179 -23.76 5.14 -40.23
C LEU A 179 -22.92 3.88 -40.11
N LEU A 180 -22.86 3.11 -41.20
CA LEU A 180 -22.12 1.85 -41.17
C LEU A 180 -20.63 2.09 -40.99
N ASP A 181 -20.13 3.25 -41.41
CA ASP A 181 -18.72 3.56 -41.23
C ASP A 181 -18.39 3.74 -39.75
N ASP A 182 -19.31 4.33 -39.00
CA ASP A 182 -19.09 4.48 -37.55
C ASP A 182 -18.99 3.12 -36.88
N GLU A 183 -19.87 2.19 -37.23
CA GLU A 183 -19.83 0.87 -36.62
C GLU A 183 -18.63 0.06 -37.11
N ARG A 184 -18.17 0.31 -38.33
CA ARG A 184 -16.95 -0.33 -38.79
C ARG A 184 -15.74 0.16 -38.02
N VAL A 185 -15.67 1.46 -37.77
CA VAL A 185 -14.61 2.01 -36.93
C VAL A 185 -14.67 1.43 -35.53
N ARG A 186 -15.87 1.30 -34.97
CA ARG A 186 -16.01 0.72 -33.64
C ARG A 186 -15.57 -0.73 -33.61
N VAL A 187 -15.90 -1.50 -34.66
CA VAL A 187 -15.48 -2.89 -34.73
C VAL A 187 -13.97 -2.99 -34.78
N ALA A 188 -13.33 -2.16 -35.60
CA ALA A 188 -11.87 -2.19 -35.69
C ALA A 188 -11.23 -1.82 -34.35
N ALA A 189 -11.77 -0.81 -33.68
CA ALA A 189 -11.21 -0.40 -32.39
C ALA A 189 -11.42 -1.49 -31.34
N ALA A 190 -12.54 -2.20 -31.39
CA ALA A 190 -12.77 -3.29 -30.45
C ALA A 190 -11.80 -4.43 -30.70
N ALA A 191 -11.60 -4.80 -31.96
CA ALA A 191 -10.65 -5.86 -32.28
C ALA A 191 -9.25 -5.49 -31.81
N SER A 192 -8.84 -4.22 -32.00
CA SER A 192 -7.50 -3.82 -31.60
C SER A 192 -7.35 -3.78 -30.08
N VAL A 193 -8.35 -3.26 -29.37
CA VAL A 193 -8.32 -3.27 -27.91
C VAL A 193 -8.23 -4.70 -27.39
N THR A 194 -8.93 -5.62 -28.05
CA THR A 194 -8.89 -7.01 -27.64
C THR A 194 -7.52 -7.63 -27.87
N VAL A 195 -6.91 -7.35 -29.03
CA VAL A 195 -5.59 -7.90 -29.30
C VAL A 195 -4.57 -7.36 -28.31
N LEU A 196 -4.68 -6.09 -27.93
CA LEU A 196 -3.71 -5.55 -26.97
C LEU A 196 -3.94 -6.11 -25.57
N SER A 197 -5.21 -6.30 -25.18
CA SER A 197 -5.50 -6.93 -23.91
C SER A 197 -4.93 -8.36 -23.86
N GLY A 198 -5.10 -9.10 -24.95
CA GLY A 198 -4.55 -10.44 -24.99
C GLY A 198 -3.04 -10.47 -24.99
N ILE A 199 -2.41 -9.50 -25.65
CA ILE A 199 -0.96 -9.40 -25.63
C ILE A 199 -0.47 -9.14 -24.21
N ILE A 200 -1.14 -8.25 -23.48
CA ILE A 200 -0.74 -7.96 -22.10
C ILE A 200 -0.93 -9.17 -21.21
N GLN A 201 -2.03 -9.90 -21.39
CA GLN A 201 -2.24 -11.12 -20.58
C GLN A 201 -1.20 -12.18 -20.90
N LEU A 202 -0.91 -12.40 -22.17
CA LEU A 202 0.08 -13.41 -22.54
C LEU A 202 1.46 -13.03 -22.05
N ALA A 203 1.79 -11.74 -22.07
CA ALA A 203 3.08 -11.30 -21.54
C ALA A 203 3.15 -11.50 -20.03
N PHE A 204 2.06 -11.21 -19.32
CA PHE A 204 2.04 -11.42 -17.87
C PHE A 204 2.11 -12.90 -17.52
N GLY A 205 1.61 -13.77 -18.40
CA GLY A 205 1.72 -15.20 -18.16
C GLY A 205 3.06 -15.78 -18.52
N ILE A 206 3.76 -15.17 -19.48
CA ILE A 206 5.09 -15.63 -19.86
C ILE A 206 6.10 -15.28 -18.77
N LEU A 207 6.00 -14.07 -18.22
CA LEU A 207 6.88 -13.65 -17.13
C LEU A 207 6.53 -14.29 -15.80
N ARG A 208 5.49 -15.14 -15.76
CA ARG A 208 5.10 -15.88 -14.56
C ARG A 208 4.68 -14.93 -13.44
N ILE A 209 3.78 -14.01 -13.75
CA ILE A 209 3.26 -13.07 -12.76
C ILE A 209 1.80 -13.37 -12.47
N GLY A 210 1.42 -14.65 -12.57
CA GLY A 210 0.04 -15.03 -12.36
C GLY A 210 -0.44 -14.93 -10.93
N PHE A 211 0.35 -14.29 -10.07
CA PHE A 211 -0.01 -14.11 -8.67
C PHE A 211 -0.51 -12.70 -8.37
N VAL A 212 -0.72 -11.88 -9.40
CA VAL A 212 -1.22 -10.53 -9.17
C VAL A 212 -2.66 -10.52 -8.67
N VAL A 213 -3.38 -11.62 -8.82
CA VAL A 213 -4.75 -11.70 -8.34
C VAL A 213 -4.83 -11.54 -6.83
N ILE A 214 -3.71 -11.69 -6.13
CA ILE A 214 -3.71 -11.52 -4.69
C ILE A 214 -3.76 -10.05 -4.30
N TYR A 215 -3.58 -9.14 -5.25
CA TYR A 215 -3.62 -7.72 -4.95
C TYR A 215 -5.03 -7.16 -4.96
N LEU A 216 -6.04 -8.02 -5.10
CA LEU A 216 -7.44 -7.63 -5.05
C LEU A 216 -8.11 -8.44 -3.95
N SER A 217 -8.52 -7.76 -2.88
CA SER A 217 -9.12 -8.45 -1.76
C SER A 217 -10.55 -8.87 -2.09
N GLU A 218 -11.20 -9.51 -1.12
CA GLU A 218 -12.59 -9.89 -1.31
C GLU A 218 -13.50 -8.68 -1.31
N SER A 219 -13.22 -7.68 -0.48
CA SER A 219 -14.10 -6.53 -0.36
C SER A 219 -13.88 -5.54 -1.50
N LEU A 220 -12.63 -5.40 -1.96
CA LEU A 220 -12.40 -4.65 -3.19
C LEU A 220 -13.17 -5.25 -4.35
N ILE A 221 -13.08 -6.57 -4.52
CA ILE A 221 -13.78 -7.23 -5.62
C ILE A 221 -15.29 -7.13 -5.44
N SER A 222 -15.77 -7.22 -4.20
CA SER A 222 -17.20 -7.13 -3.95
C SER A 222 -17.73 -5.75 -4.32
N GLY A 223 -17.08 -4.69 -3.84
CA GLY A 223 -17.53 -3.36 -4.16
C GLY A 223 -17.40 -3.04 -5.64
N PHE A 224 -16.31 -3.50 -6.26
CA PHE A 224 -16.13 -3.27 -7.70
C PHE A 224 -17.22 -3.96 -8.50
N THR A 225 -17.52 -5.22 -8.18
CA THR A 225 -18.53 -5.94 -8.95
C THR A 225 -19.93 -5.42 -8.67
N THR A 226 -20.21 -4.90 -7.47
CA THR A 226 -21.51 -4.29 -7.23
C THR A 226 -21.67 -2.99 -8.02
N ALA A 227 -20.65 -2.13 -7.99
CA ALA A 227 -20.69 -0.91 -8.78
C ALA A 227 -20.77 -1.23 -10.27
N ALA A 228 -20.09 -2.29 -10.71
CA ALA A 228 -20.12 -2.66 -12.11
C ALA A 228 -21.46 -3.26 -12.51
N ALA A 229 -22.12 -3.96 -11.60
CA ALA A 229 -23.48 -4.42 -11.85
C ALA A 229 -24.43 -3.24 -12.00
N VAL A 230 -24.22 -2.20 -11.20
CA VAL A 230 -25.00 -0.97 -11.38
C VAL A 230 -24.72 -0.35 -12.74
N HIS A 231 -23.45 -0.34 -13.14
CA HIS A 231 -23.08 0.15 -14.47
C HIS A 231 -23.79 -0.61 -15.57
N VAL A 232 -23.82 -1.95 -15.46
CA VAL A 232 -24.44 -2.77 -16.49
C VAL A 232 -25.95 -2.61 -16.48
N LEU A 233 -26.53 -2.40 -15.30
CA LEU A 233 -27.96 -2.08 -15.23
C LEU A 233 -28.27 -0.80 -15.97
N VAL A 234 -27.51 0.26 -15.70
CA VAL A 234 -27.77 1.54 -16.35
C VAL A 234 -27.51 1.46 -17.84
N SER A 235 -26.56 0.62 -18.26
CA SER A 235 -26.23 0.52 -19.69
C SER A 235 -27.27 -0.24 -20.49
N GLN A 236 -28.10 -1.04 -19.85
CA GLN A 236 -29.16 -1.75 -20.55
C GLN A 236 -30.43 -0.94 -20.67
N LEU A 237 -30.46 0.30 -20.17
CA LEU A 237 -31.69 1.08 -20.17
C LEU A 237 -32.02 1.63 -21.55
N LYS A 238 -30.99 1.89 -22.37
CA LYS A 238 -31.24 2.36 -23.73
C LYS A 238 -31.83 1.27 -24.62
N PHE A 239 -31.88 0.03 -24.15
CA PHE A 239 -32.49 -1.07 -24.90
C PHE A 239 -33.85 -1.48 -24.35
N ILE A 240 -34.06 -1.37 -23.04
CA ILE A 240 -35.38 -1.58 -22.47
C ILE A 240 -36.36 -0.53 -23.00
N PHE A 241 -35.97 0.74 -22.95
CA PHE A 241 -36.80 1.83 -23.42
C PHE A 241 -36.63 2.14 -24.90
N GLN A 242 -35.56 1.66 -25.53
CA GLN A 242 -35.23 1.93 -26.92
C GLN A 242 -34.97 3.41 -27.17
N LEU A 243 -33.96 3.97 -26.51
CA LEU A 243 -33.59 5.36 -26.69
C LEU A 243 -32.21 5.48 -27.31
N THR A 244 -31.95 6.63 -27.93
CA THR A 244 -30.66 6.93 -28.52
C THR A 244 -29.81 7.67 -27.49
N VAL A 245 -28.81 6.99 -26.96
CA VAL A 245 -27.91 7.55 -25.95
C VAL A 245 -26.53 7.67 -26.57
N PRO A 246 -25.86 8.81 -26.45
CA PRO A 246 -24.51 8.95 -27.01
C PRO A 246 -23.53 8.01 -26.33
N SER A 247 -22.33 7.94 -26.90
CA SER A 247 -21.30 7.07 -26.35
C SER A 247 -20.46 7.82 -25.35
N HIS A 248 -21.00 7.99 -24.16
CA HIS A 248 -20.35 8.71 -23.11
C HIS A 248 -19.10 8.02 -22.64
N THR A 249 -18.16 8.80 -22.15
CA THR A 249 -16.91 8.27 -21.66
C THR A 249 -16.76 8.69 -20.21
N ASP A 250 -15.84 8.05 -19.51
CA ASP A 250 -15.61 8.39 -18.13
C ASP A 250 -14.76 9.66 -18.00
N PRO A 251 -14.89 10.39 -16.88
CA PRO A 251 -15.57 10.05 -15.63
C PRO A 251 -17.05 10.26 -15.69
N VAL A 252 -17.75 9.73 -14.71
CA VAL A 252 -19.20 9.87 -14.53
C VAL A 252 -20.06 9.51 -15.72
N SER A 253 -19.67 8.53 -16.50
CA SER A 253 -20.44 8.13 -17.64
C SER A 253 -21.78 7.51 -17.26
N ILE A 254 -21.86 6.89 -16.09
CA ILE A 254 -23.13 6.35 -15.65
C ILE A 254 -24.17 7.45 -15.45
N PHE A 255 -23.74 8.61 -14.98
CA PHE A 255 -24.65 9.73 -14.80
C PHE A 255 -24.93 10.40 -16.14
N LYS A 256 -23.91 10.58 -16.96
CA LYS A 256 -24.13 11.14 -18.28
C LYS A 256 -25.14 10.28 -18.99
N VAL A 257 -25.05 8.98 -18.76
CA VAL A 257 -25.95 8.03 -19.40
C VAL A 257 -27.33 8.09 -18.75
N LEU A 258 -27.39 8.13 -17.42
CA LEU A 258 -28.70 8.25 -16.79
C LEU A 258 -29.46 9.47 -17.28
N TYR A 259 -28.78 10.60 -17.41
CA TYR A 259 -29.42 11.80 -17.89
C TYR A 259 -29.93 11.64 -19.32
N SER A 260 -29.09 11.11 -20.20
CA SER A 260 -29.49 10.93 -21.58
C SER A 260 -30.74 10.09 -21.68
N VAL A 261 -30.84 9.05 -20.85
CA VAL A 261 -32.00 8.17 -20.89
C VAL A 261 -33.25 8.87 -20.39
N PHE A 262 -33.19 9.46 -19.21
CA PHE A 262 -34.38 10.06 -18.61
C PHE A 262 -34.72 11.45 -19.18
N SER A 263 -33.77 12.08 -19.85
CA SER A 263 -34.06 13.34 -20.51
C SER A 263 -35.05 13.08 -21.64
N GLN A 264 -35.04 11.87 -22.18
CA GLN A 264 -35.97 11.52 -23.24
C GLN A 264 -36.89 10.37 -22.87
N ILE A 265 -37.25 10.24 -21.58
CA ILE A 265 -38.08 9.14 -21.14
C ILE A 265 -39.49 9.22 -21.71
N GLU A 266 -39.79 10.28 -22.46
CA GLU A 266 -41.09 10.40 -23.12
C GLU A 266 -41.15 9.64 -24.44
N LYS A 267 -40.01 9.44 -25.11
CA LYS A 267 -39.96 8.71 -26.36
C LYS A 267 -39.82 7.21 -26.15
N THR A 268 -40.04 6.73 -24.93
CA THR A 268 -39.86 5.31 -24.60
C THR A 268 -40.82 4.44 -25.38
N ASN A 269 -40.30 3.41 -26.04
CA ASN A 269 -41.14 2.43 -26.71
C ASN A 269 -41.83 1.58 -25.65
N ILE A 270 -43.16 1.43 -25.77
CA ILE A 270 -43.89 0.69 -24.75
C ILE A 270 -43.82 -0.81 -25.02
N ALA A 271 -43.77 -1.22 -26.29
CA ALA A 271 -43.64 -2.64 -26.59
C ALA A 271 -42.32 -3.19 -26.11
N ASP A 272 -41.23 -2.45 -26.32
CA ASP A 272 -39.93 -2.87 -25.83
C ASP A 272 -39.93 -3.02 -24.32
N LEU A 273 -40.46 -2.02 -23.61
CA LEU A 273 -40.44 -2.05 -22.16
C LEU A 273 -41.29 -3.21 -21.64
N VAL A 274 -42.47 -3.41 -22.23
CA VAL A 274 -43.34 -4.49 -21.77
C VAL A 274 -42.69 -5.86 -22.01
N THR A 275 -42.10 -6.05 -23.19
CA THR A 275 -41.47 -7.33 -23.49
C THR A 275 -40.27 -7.58 -22.58
N ALA A 276 -39.48 -6.55 -22.34
CA ALA A 276 -38.33 -6.69 -21.45
C ALA A 276 -38.77 -7.00 -20.03
N LEU A 277 -39.86 -6.38 -19.58
CA LEU A 277 -40.36 -6.62 -18.23
C LEU A 277 -40.88 -8.02 -18.03
N ILE A 278 -41.69 -8.49 -18.96
CA ILE A 278 -42.26 -9.82 -18.84
C ILE A 278 -41.16 -10.86 -18.81
N VAL A 279 -40.18 -10.72 -19.69
CA VAL A 279 -39.09 -11.67 -19.74
C VAL A 279 -38.32 -11.69 -18.43
N LEU A 280 -38.01 -10.51 -17.91
CA LEU A 280 -37.26 -10.43 -16.67
C LEU A 280 -38.02 -11.12 -15.56
N LEU A 281 -39.32 -10.87 -15.47
CA LEU A 281 -40.14 -11.50 -14.45
C LEU A 281 -40.09 -13.02 -14.55
N VAL A 282 -40.34 -13.56 -15.73
CA VAL A 282 -40.34 -15.00 -15.92
C VAL A 282 -39.00 -15.64 -15.61
N VAL A 283 -37.92 -15.09 -16.16
CA VAL A 283 -36.61 -15.68 -15.95
C VAL A 283 -36.25 -15.66 -14.48
N SER A 284 -36.58 -14.56 -13.80
CA SER A 284 -36.27 -14.44 -12.39
C SER A 284 -36.96 -15.53 -11.60
N ILE A 285 -38.25 -15.71 -11.84
CA ILE A 285 -38.99 -16.74 -11.15
C ILE A 285 -38.41 -18.12 -11.39
N VAL A 286 -38.17 -18.46 -12.65
CA VAL A 286 -37.66 -19.79 -12.98
C VAL A 286 -36.26 -20.02 -12.46
N LYS A 287 -35.42 -19.00 -12.49
CA LYS A 287 -34.09 -19.13 -11.93
C LYS A 287 -34.20 -19.47 -10.47
N GLU A 288 -35.16 -18.85 -9.79
CA GLU A 288 -35.39 -19.20 -8.40
C GLU A 288 -35.88 -20.62 -8.32
N ILE A 289 -36.95 -20.91 -9.05
CA ILE A 289 -37.44 -22.27 -9.10
C ILE A 289 -36.26 -23.19 -9.33
N ASN A 290 -35.33 -22.76 -10.19
CA ASN A 290 -34.22 -23.65 -10.50
C ASN A 290 -33.37 -23.91 -9.28
N GLN A 291 -32.99 -22.85 -8.57
CA GLN A 291 -32.06 -23.05 -7.45
C GLN A 291 -32.79 -23.56 -6.21
N ARG A 292 -34.09 -23.29 -6.10
CA ARG A 292 -34.85 -23.83 -4.98
C ARG A 292 -35.06 -25.33 -5.09
N PHE A 293 -35.30 -25.82 -6.31
CA PHE A 293 -35.69 -27.22 -6.55
C PHE A 293 -34.61 -27.94 -7.35
N LYS A 294 -33.34 -27.75 -6.99
CA LYS A 294 -32.25 -28.36 -7.73
C LYS A 294 -32.34 -29.89 -7.78
N ASP A 295 -32.87 -30.50 -6.72
CA ASP A 295 -32.87 -31.95 -6.63
C ASP A 295 -33.91 -32.56 -7.56
N LYS A 296 -35.15 -32.05 -7.54
CA LYS A 296 -36.21 -32.64 -8.33
C LYS A 296 -35.96 -32.49 -9.82
N LEU A 297 -35.21 -31.47 -10.22
CA LEU A 297 -34.94 -31.29 -11.65
C LEU A 297 -33.70 -32.06 -12.05
N PRO A 298 -33.79 -32.96 -13.03
CA PRO A 298 -32.57 -33.64 -13.50
C PRO A 298 -31.61 -32.67 -14.17
N VAL A 299 -32.14 -31.68 -14.90
CA VAL A 299 -31.35 -30.64 -15.53
C VAL A 299 -32.04 -29.31 -15.23
N PRO A 300 -31.31 -28.22 -15.03
CA PRO A 300 -31.99 -26.93 -14.84
C PRO A 300 -32.82 -26.55 -16.06
N ILE A 301 -33.97 -25.93 -15.82
CA ILE A 301 -34.88 -25.51 -16.87
C ILE A 301 -34.20 -24.44 -17.70
N PRO A 302 -33.99 -24.66 -19.01
CA PRO A 302 -33.41 -23.59 -19.83
C PRO A 302 -34.43 -22.49 -20.08
N ILE A 303 -34.29 -21.38 -19.37
CA ILE A 303 -35.32 -20.35 -19.42
C ILE A 303 -34.91 -19.22 -20.36
N GLU A 304 -33.62 -18.92 -20.47
CA GLU A 304 -33.19 -17.93 -21.45
C GLU A 304 -33.49 -18.41 -22.86
N PHE A 305 -33.24 -19.69 -23.13
CA PHE A 305 -33.55 -20.25 -24.44
C PHE A 305 -35.04 -20.23 -24.73
N ILE A 306 -35.86 -20.72 -23.79
CA ILE A 306 -37.30 -20.76 -24.01
C ILE A 306 -37.87 -19.37 -24.19
N MET A 307 -37.43 -18.42 -23.35
CA MET A 307 -37.90 -17.05 -23.47
C MET A 307 -37.48 -16.43 -24.79
N THR A 308 -36.27 -16.75 -25.26
CA THR A 308 -35.83 -16.24 -26.55
C THR A 308 -36.63 -16.79 -27.71
N VAL A 309 -36.91 -18.10 -27.70
CA VAL A 309 -37.72 -18.68 -28.76
C VAL A 309 -39.12 -18.08 -28.77
N ILE A 310 -39.72 -17.94 -27.58
CA ILE A 310 -41.08 -17.39 -27.53
C ILE A 310 -41.09 -15.93 -27.97
N ALA A 311 -40.10 -15.16 -27.54
CA ALA A 311 -40.01 -13.76 -27.94
C ALA A 311 -39.86 -13.62 -29.45
N ALA A 312 -38.93 -14.38 -30.04
CA ALA A 312 -38.74 -14.31 -31.48
C ALA A 312 -39.97 -14.78 -32.23
N GLY A 313 -40.68 -15.78 -31.69
CA GLY A 313 -41.87 -16.27 -32.37
C GLY A 313 -42.99 -15.26 -32.37
N VAL A 314 -43.26 -14.65 -31.22
CA VAL A 314 -44.31 -13.63 -31.16
C VAL A 314 -43.89 -12.32 -31.80
N SER A 315 -42.59 -12.11 -32.02
CA SER A 315 -42.13 -10.94 -32.75
C SER A 315 -42.16 -11.13 -34.25
N TYR A 316 -41.99 -12.36 -34.73
CA TYR A 316 -42.05 -12.64 -36.16
C TYR A 316 -43.47 -12.86 -36.63
N GLY A 317 -44.27 -13.59 -35.85
CA GLY A 317 -45.65 -13.82 -36.21
C GLY A 317 -46.50 -12.58 -36.21
N CYS A 318 -46.37 -11.76 -35.17
CA CYS A 318 -47.20 -10.56 -35.07
C CYS A 318 -46.50 -9.35 -35.66
N ASP A 319 -45.37 -9.56 -36.32
CA ASP A 319 -44.65 -8.47 -36.96
C ASP A 319 -44.50 -7.28 -36.03
N PHE A 320 -43.93 -7.51 -34.86
CA PHE A 320 -43.76 -6.45 -33.88
C PHE A 320 -42.87 -5.34 -34.43
N LYS A 321 -42.00 -5.68 -35.35
CA LYS A 321 -41.08 -4.69 -35.90
C LYS A 321 -41.82 -3.57 -36.61
N ASN A 322 -42.88 -3.91 -37.31
CA ASN A 322 -43.63 -2.92 -38.05
C ASN A 322 -44.81 -2.44 -37.22
N ARG A 323 -45.44 -3.35 -36.51
CA ARG A 323 -46.60 -3.00 -35.70
C ARG A 323 -46.25 -2.08 -34.53
N PHE A 324 -45.15 -2.35 -33.85
CA PHE A 324 -44.80 -1.56 -32.68
C PHE A 324 -43.47 -0.85 -32.81
N LYS A 325 -42.89 -0.86 -34.01
CA LYS A 325 -41.64 -0.16 -34.26
C LYS A 325 -40.58 -0.54 -33.24
N VAL A 326 -40.35 -1.83 -33.06
CA VAL A 326 -39.39 -2.29 -32.07
C VAL A 326 -38.04 -2.56 -32.75
N ALA A 327 -36.98 -2.46 -31.95
CA ALA A 327 -35.63 -2.69 -32.44
C ALA A 327 -35.31 -4.18 -32.32
N VAL A 328 -34.90 -4.79 -33.42
CA VAL A 328 -34.63 -6.22 -33.48
C VAL A 328 -33.16 -6.45 -33.74
N VAL A 329 -32.73 -7.70 -33.59
CA VAL A 329 -31.32 -8.04 -33.80
C VAL A 329 -30.93 -7.83 -35.25
N GLY A 330 -31.85 -8.09 -36.17
CA GLY A 330 -31.60 -7.82 -37.57
C GLY A 330 -30.95 -8.97 -38.29
N ASP A 331 -30.58 -8.70 -39.54
CA ASP A 331 -29.96 -9.71 -40.37
C ASP A 331 -28.45 -9.71 -40.13
N MET A 332 -27.90 -10.88 -39.84
CA MET A 332 -26.48 -11.04 -39.57
C MET A 332 -25.79 -11.66 -40.77
N ASN A 333 -24.55 -11.24 -41.00
CA ASN A 333 -23.75 -11.76 -42.11
C ASN A 333 -23.38 -13.23 -41.84
N PRO A 334 -23.86 -14.17 -42.64
CA PRO A 334 -23.57 -15.57 -42.37
C PRO A 334 -22.11 -15.92 -42.68
N GLY A 335 -21.35 -16.16 -41.62
CA GLY A 335 -19.96 -16.53 -41.75
C GLY A 335 -19.06 -15.62 -40.93
N PHE A 336 -17.77 -15.95 -40.98
CA PHE A 336 -16.76 -15.23 -40.23
C PHE A 336 -16.16 -14.11 -41.08
N GLN A 337 -15.44 -13.25 -40.42
CA GLN A 337 -14.77 -12.18 -41.13
C GLN A 337 -13.30 -12.54 -41.37
N PRO A 338 -12.71 -12.01 -42.43
CA PRO A 338 -11.27 -12.21 -42.65
C PRO A 338 -10.46 -11.64 -41.52
N PRO A 339 -9.22 -12.09 -41.33
CA PRO A 339 -8.39 -11.55 -40.27
C PRO A 339 -8.11 -10.07 -40.47
N ILE A 340 -7.97 -9.36 -39.36
CA ILE A 340 -7.75 -7.92 -39.36
C ILE A 340 -6.36 -7.64 -38.79
N THR A 341 -5.80 -6.49 -39.15
CA THR A 341 -4.52 -6.08 -38.60
C THR A 341 -4.73 -5.04 -37.52
N PRO A 342 -4.17 -5.23 -36.33
CA PRO A 342 -4.42 -4.28 -35.24
C PRO A 342 -3.86 -2.91 -35.55
N ASP A 343 -4.69 -1.88 -35.34
CA ASP A 343 -4.26 -0.51 -35.51
C ASP A 343 -3.33 -0.14 -34.36
N VAL A 344 -2.13 0.29 -34.72
CA VAL A 344 -1.18 0.70 -33.70
C VAL A 344 -1.66 2.02 -33.14
N GLU A 345 -2.44 2.76 -33.92
CA GLU A 345 -3.00 4.00 -33.41
C GLU A 345 -3.98 3.69 -32.29
N THR A 346 -4.84 2.71 -32.51
CA THR A 346 -5.76 2.30 -31.47
C THR A 346 -4.98 1.77 -30.28
N PHE A 347 -3.92 1.03 -30.56
CA PHE A 347 -3.07 0.52 -29.48
C PHE A 347 -2.54 1.67 -28.66
N GLN A 348 -2.03 2.70 -29.32
CA GLN A 348 -1.48 3.86 -28.62
C GLN A 348 -2.53 4.58 -27.81
N ASN A 349 -3.75 4.66 -28.33
CA ASN A 349 -4.80 5.40 -27.63
C ASN A 349 -5.54 4.60 -26.57
N THR A 350 -5.26 3.30 -26.47
CA THR A 350 -6.01 2.46 -25.52
C THR A 350 -5.15 1.61 -24.61
N VAL A 351 -3.87 1.97 -24.45
CA VAL A 351 -2.97 1.17 -23.63
C VAL A 351 -3.49 0.97 -22.22
N GLY A 352 -3.85 2.06 -21.55
CA GLY A 352 -4.36 1.97 -20.20
C GLY A 352 -5.63 1.17 -20.12
N ASP A 353 -6.54 1.38 -21.07
CA ASP A 353 -7.77 0.63 -21.11
C ASP A 353 -7.50 -0.85 -21.32
N CYS A 354 -6.56 -1.18 -22.19
CA CYS A 354 -6.26 -2.58 -22.48
C CYS A 354 -5.65 -3.27 -21.27
N PHE A 355 -4.83 -2.56 -20.51
CA PHE A 355 -4.27 -3.12 -19.30
C PHE A 355 -5.38 -3.44 -18.31
N GLY A 356 -6.33 -2.53 -18.17
CA GLY A 356 -7.45 -2.76 -17.27
C GLY A 356 -8.32 -3.90 -17.73
N ILE A 357 -8.59 -3.97 -19.02
CA ILE A 357 -9.39 -5.06 -19.56
C ILE A 357 -8.69 -6.37 -19.28
N ALA A 358 -7.37 -6.38 -19.40
CA ALA A 358 -6.60 -7.58 -19.10
C ALA A 358 -6.58 -7.97 -17.60
N MET A 359 -6.46 -6.99 -16.68
CA MET A 359 -6.44 -7.32 -15.25
C MET A 359 -7.80 -7.78 -14.77
N VAL A 360 -8.88 -7.09 -15.19
CA VAL A 360 -10.21 -7.50 -14.75
C VAL A 360 -10.57 -8.87 -15.33
N ALA A 361 -10.22 -9.11 -16.59
CA ALA A 361 -10.49 -10.40 -17.21
C ALA A 361 -9.80 -11.53 -16.46
N PHE A 362 -8.51 -11.37 -16.17
CA PHE A 362 -7.80 -12.41 -15.44
C PHE A 362 -8.37 -12.60 -14.05
N ALA A 363 -8.69 -11.51 -13.35
CA ALA A 363 -9.19 -11.63 -11.99
C ALA A 363 -10.51 -12.40 -11.95
N VAL A 364 -11.44 -12.07 -12.86
CA VAL A 364 -12.73 -12.74 -12.88
C VAL A 364 -12.56 -14.22 -13.25
N ALA A 365 -11.82 -14.49 -14.32
CA ALA A 365 -11.64 -15.88 -14.74
C ALA A 365 -10.97 -16.70 -13.66
N PHE A 366 -9.98 -16.12 -12.97
CA PHE A 366 -9.30 -16.88 -11.94
C PHE A 366 -10.18 -17.10 -10.72
N SER A 367 -11.03 -16.13 -10.36
CA SER A 367 -11.96 -16.36 -9.25
C SER A 367 -12.91 -17.52 -9.57
N VAL A 368 -13.52 -17.51 -10.75
CA VAL A 368 -14.46 -18.57 -11.09
C VAL A 368 -13.75 -19.91 -11.17
N ALA A 369 -12.64 -19.93 -11.89
CA ALA A 369 -11.87 -21.12 -12.08
C ALA A 369 -11.47 -21.72 -10.76
N SER A 370 -11.23 -20.86 -9.78
CA SER A 370 -10.79 -21.28 -8.45
C SER A 370 -11.91 -21.82 -7.59
N VAL A 371 -13.14 -21.53 -7.95
CA VAL A 371 -14.28 -22.00 -7.20
C VAL A 371 -14.56 -23.44 -7.57
N TYR A 372 -14.16 -23.83 -8.78
CA TYR A 372 -14.40 -25.18 -9.28
C TYR A 372 -13.19 -26.08 -9.15
N SER A 373 -12.01 -25.49 -9.01
CA SER A 373 -10.78 -26.27 -8.81
C SER A 373 -10.92 -26.83 -7.43
N LEU A 374 -11.28 -25.95 -6.52
CA LEU A 374 -11.50 -26.28 -5.15
C LEU A 374 -12.68 -27.21 -5.04
N LYS A 375 -13.78 -26.90 -5.71
CA LYS A 375 -14.94 -27.79 -5.59
C LYS A 375 -14.64 -29.19 -6.09
N TYR A 376 -13.81 -29.31 -7.13
CA TYR A 376 -13.54 -30.61 -7.75
C TYR A 376 -12.11 -31.08 -7.59
N ASP A 377 -11.27 -30.33 -6.86
CA ASP A 377 -9.96 -30.80 -6.40
C ASP A 377 -9.05 -31.16 -7.58
N TYR A 378 -8.67 -30.14 -8.35
CA TYR A 378 -7.64 -30.28 -9.35
C TYR A 378 -6.82 -29.00 -9.40
N PRO A 379 -5.54 -29.08 -9.73
CA PRO A 379 -4.68 -27.90 -9.68
C PRO A 379 -4.93 -26.94 -10.82
N LEU A 380 -4.87 -25.65 -10.50
CA LEU A 380 -5.16 -24.57 -11.44
C LEU A 380 -3.94 -23.67 -11.54
N ASP A 381 -3.26 -23.73 -12.68
CA ASP A 381 -2.09 -22.90 -12.94
C ASP A 381 -2.53 -21.50 -13.32
N GLY A 382 -2.07 -20.49 -12.58
CA GLY A 382 -2.47 -19.12 -12.88
C GLY A 382 -1.75 -18.56 -14.09
N ASN A 383 -0.49 -18.96 -14.28
CA ASN A 383 0.25 -18.47 -15.43
C ASN A 383 -0.24 -19.11 -16.71
N GLN A 384 -0.67 -20.37 -16.65
CA GLN A 384 -1.30 -20.97 -17.83
C GLN A 384 -2.68 -20.38 -18.07
N GLU A 385 -3.37 -19.96 -17.02
CA GLU A 385 -4.60 -19.21 -17.20
C GLU A 385 -4.33 -17.93 -17.99
N LEU A 386 -3.33 -17.16 -17.58
CA LEU A 386 -2.99 -15.94 -18.30
C LEU A 386 -2.59 -16.23 -19.74
N ILE A 387 -1.79 -17.28 -19.96
CA ILE A 387 -1.36 -17.61 -21.31
C ILE A 387 -2.54 -17.98 -22.19
N ALA A 388 -3.41 -18.86 -21.70
CA ALA A 388 -4.56 -19.29 -22.50
C ALA A 388 -5.51 -18.14 -22.78
N LEU A 389 -5.78 -17.30 -21.78
CA LEU A 389 -6.69 -16.17 -21.99
C LEU A 389 -6.09 -15.15 -22.94
N GLY A 390 -4.78 -14.92 -22.86
CA GLY A 390 -4.14 -13.99 -23.77
C GLY A 390 -4.15 -14.49 -25.20
N LEU A 391 -3.84 -15.77 -25.40
CA LEU A 391 -3.89 -16.33 -26.75
C LEU A 391 -5.31 -16.28 -27.30
N GLY A 392 -6.30 -16.61 -26.48
CA GLY A 392 -7.68 -16.55 -26.94
C GLY A 392 -8.11 -15.15 -27.32
N ASN A 393 -7.71 -14.15 -26.52
CA ASN A 393 -8.07 -12.78 -26.83
C ASN A 393 -7.35 -12.29 -28.08
N ILE A 394 -6.10 -12.69 -28.26
CA ILE A 394 -5.37 -12.30 -29.48
C ILE A 394 -6.07 -12.86 -30.71
N VAL A 395 -6.38 -14.16 -30.71
CA VAL A 395 -7.03 -14.74 -31.87
C VAL A 395 -8.42 -14.15 -32.09
N CYS A 396 -9.19 -13.95 -31.02
CA CYS A 396 -10.50 -13.35 -31.14
C CYS A 396 -10.43 -11.95 -31.75
N GLY A 397 -9.54 -11.11 -31.23
CA GLY A 397 -9.41 -9.77 -31.78
C GLY A 397 -8.91 -9.74 -33.20
N VAL A 398 -8.04 -10.68 -33.56
CA VAL A 398 -7.61 -10.76 -34.96
C VAL A 398 -8.77 -11.11 -35.86
N PHE A 399 -9.67 -11.99 -35.40
CA PHE A 399 -10.82 -12.37 -36.20
C PHE A 399 -12.08 -11.59 -35.85
N ARG A 400 -11.92 -10.31 -35.45
CA ARG A 400 -13.03 -9.38 -35.23
C ARG A 400 -13.95 -9.85 -34.10
N GLY A 401 -13.35 -10.05 -32.93
CA GLY A 401 -14.14 -10.29 -31.73
C GLY A 401 -13.78 -9.28 -30.66
N PHE A 402 -14.39 -9.38 -29.48
CA PHE A 402 -14.01 -8.52 -28.38
C PHE A 402 -13.65 -9.36 -27.16
N ALA A 403 -12.93 -8.74 -26.24
CA ALA A 403 -12.30 -9.47 -25.14
C ALA A 403 -13.34 -10.12 -24.24
N GLY A 404 -12.98 -11.31 -23.75
CA GLY A 404 -13.79 -11.99 -22.76
C GLY A 404 -13.00 -13.11 -22.12
N SER A 405 -13.18 -13.29 -20.82
CA SER A 405 -12.48 -14.35 -20.10
C SER A 405 -13.39 -15.44 -19.55
N THR A 406 -14.43 -15.09 -18.79
CA THR A 406 -15.46 -16.04 -18.41
C THR A 406 -16.54 -15.30 -17.64
N ALA A 407 -17.78 -15.73 -17.83
CA ALA A 407 -18.92 -15.21 -17.09
C ALA A 407 -19.28 -16.22 -16.01
N LEU A 408 -19.45 -15.74 -14.77
CA LEU A 408 -19.82 -16.65 -13.69
C LEU A 408 -21.17 -17.30 -13.94
N SER A 409 -22.07 -16.64 -14.65
CA SER A 409 -23.38 -17.21 -14.94
C SER A 409 -23.34 -18.31 -15.99
N ARG A 410 -22.54 -18.13 -17.02
CA ARG A 410 -22.39 -19.20 -18.02
C ARG A 410 -21.48 -20.32 -17.49
N SER A 411 -20.49 -20.08 -16.76
CA SER A 411 -19.70 -21.15 -16.21
C SER A 411 -20.59 -21.96 -15.28
N ALA A 412 -21.55 -21.25 -14.60
CA ALA A 412 -22.47 -21.99 -13.74
C ALA A 412 -23.37 -22.95 -14.52
N VAL A 413 -23.90 -22.51 -15.64
CA VAL A 413 -24.75 -23.37 -16.47
C VAL A 413 -24.02 -24.62 -16.95
N GLN A 414 -22.82 -24.45 -17.47
CA GLN A 414 -22.04 -25.58 -17.94
C GLN A 414 -21.80 -26.60 -16.84
N GLU A 415 -21.43 -26.12 -15.65
CA GLU A 415 -21.13 -27.01 -14.54
C GLU A 415 -22.38 -27.66 -13.97
N SER A 416 -23.45 -26.91 -13.84
CA SER A 416 -24.71 -27.43 -13.31
C SER A 416 -25.38 -28.41 -14.25
N THR A 417 -25.00 -28.38 -15.53
CA THR A 417 -25.62 -29.26 -16.51
C THR A 417 -24.77 -30.51 -16.71
N GLY A 418 -23.72 -30.68 -15.91
CA GLY A 418 -22.93 -31.88 -16.01
C GLY A 418 -21.56 -31.77 -16.64
N GLY A 419 -21.04 -30.55 -16.71
CA GLY A 419 -19.72 -30.36 -17.28
C GLY A 419 -18.63 -31.06 -16.51
N LYS A 420 -17.87 -31.91 -17.19
CA LYS A 420 -16.75 -32.60 -16.57
C LYS A 420 -15.40 -32.13 -17.07
N THR A 421 -15.28 -31.85 -18.36
CA THR A 421 -14.03 -31.34 -18.94
C THR A 421 -14.33 -30.13 -19.81
N GLN A 422 -13.33 -29.68 -20.57
CA GLN A 422 -13.57 -28.60 -21.50
C GLN A 422 -14.02 -29.10 -22.87
N ILE A 423 -14.48 -30.34 -22.97
CA ILE A 423 -15.18 -30.79 -24.16
C ILE A 423 -16.56 -30.16 -24.21
N ALA A 424 -17.11 -29.79 -23.05
CA ALA A 424 -18.34 -29.02 -23.02
C ALA A 424 -18.13 -27.63 -23.63
N GLY A 425 -16.96 -27.03 -23.39
CA GLY A 425 -16.65 -25.77 -24.06
C GLY A 425 -16.49 -25.93 -25.56
N LEU A 426 -15.89 -27.04 -25.99
CA LEU A 426 -15.78 -27.32 -27.41
C LEU A 426 -17.15 -27.47 -28.05
N ILE A 427 -18.08 -28.13 -27.35
CA ILE A 427 -19.41 -28.33 -27.93
C ILE A 427 -20.22 -27.04 -27.91
N GLY A 428 -20.04 -26.20 -26.89
CA GLY A 428 -20.65 -24.89 -26.92
C GLY A 428 -20.14 -24.04 -28.06
N ALA A 429 -18.84 -24.10 -28.32
CA ALA A 429 -18.28 -23.38 -29.46
C ALA A 429 -18.77 -23.95 -30.79
N ILE A 430 -19.00 -25.26 -30.85
CA ILE A 430 -19.58 -25.84 -32.06
C ILE A 430 -21.00 -25.33 -32.27
N ILE A 431 -21.80 -25.16 -31.29
CA ILE A 431 -23.15 -24.63 -31.46
C ILE A 431 -23.09 -23.15 -31.85
N VAL A 432 -22.14 -22.40 -31.23
CA VAL A 432 -21.98 -21.00 -31.68
C VAL A 432 -21.58 -20.96 -33.16
N LEU A 433 -20.74 -21.89 -33.58
CA LEU A 433 -20.37 -21.99 -34.99
C LEU A 433 -21.58 -22.30 -35.86
N ILE A 434 -22.41 -23.24 -35.42
CA ILE A 434 -23.63 -23.58 -36.16
C ILE A 434 -24.52 -22.35 -36.31
N VAL A 435 -24.66 -21.58 -35.23
CA VAL A 435 -25.48 -20.37 -35.28
C VAL A 435 -24.88 -19.36 -36.26
N VAL A 436 -23.56 -19.18 -36.22
CA VAL A 436 -22.91 -18.23 -37.11
C VAL A 436 -23.12 -18.61 -38.57
N LEU A 437 -22.87 -19.88 -38.91
CA LEU A 437 -22.83 -20.28 -40.30
C LEU A 437 -24.20 -20.66 -40.87
N ALA A 438 -25.07 -21.27 -40.07
CA ALA A 438 -26.27 -21.89 -40.61
C ALA A 438 -27.57 -21.26 -40.17
N ILE A 439 -27.80 -21.12 -38.86
CA ILE A 439 -29.12 -20.75 -38.37
C ILE A 439 -29.09 -19.41 -37.64
N GLY A 440 -28.23 -18.50 -38.10
CA GLY A 440 -28.28 -17.14 -37.57
C GLY A 440 -29.50 -16.35 -37.97
N PHE A 441 -30.06 -16.63 -39.15
CA PHE A 441 -31.23 -15.91 -39.63
C PHE A 441 -32.44 -16.11 -38.72
N LEU A 442 -32.45 -17.13 -37.88
CA LEU A 442 -33.55 -17.29 -36.94
C LEU A 442 -33.54 -16.20 -35.88
N LEU A 443 -32.37 -15.68 -35.53
CA LEU A 443 -32.26 -14.64 -34.51
C LEU A 443 -32.49 -13.25 -35.07
N ALA A 444 -33.12 -13.15 -36.25
CA ALA A 444 -33.34 -11.87 -36.90
C ALA A 444 -34.50 -11.09 -36.27
N PRO A 445 -35.66 -11.68 -36.01
CA PRO A 445 -36.76 -10.93 -35.42
C PRO A 445 -36.69 -10.76 -33.91
N LEU A 446 -35.59 -11.16 -33.28
CA LEU A 446 -35.46 -11.06 -31.83
C LEU A 446 -35.16 -9.63 -31.41
N GLN A 447 -35.95 -9.11 -30.48
CA GLN A 447 -35.75 -7.75 -30.00
C GLN A 447 -34.51 -7.66 -29.12
N LYS A 448 -33.94 -6.46 -29.06
CA LYS A 448 -32.80 -6.20 -28.20
C LYS A 448 -33.21 -5.98 -26.75
N SER A 449 -34.49 -5.65 -26.51
CA SER A 449 -34.97 -5.52 -25.15
C SER A 449 -34.96 -6.86 -24.43
N VAL A 450 -35.20 -7.95 -25.16
CA VAL A 450 -35.13 -9.28 -24.56
C VAL A 450 -33.70 -9.61 -24.13
N LEU A 451 -32.73 -9.25 -24.95
CA LEU A 451 -31.33 -9.47 -24.59
C LEU A 451 -30.95 -8.63 -23.36
N ALA A 452 -31.38 -7.38 -23.33
CA ALA A 452 -31.14 -6.55 -22.16
C ALA A 452 -31.78 -7.15 -20.91
N ALA A 453 -32.99 -7.69 -21.05
CA ALA A 453 -33.68 -8.29 -19.91
C ALA A 453 -32.95 -9.52 -19.40
N LEU A 454 -32.42 -10.33 -20.32
CA LEU A 454 -31.60 -11.46 -19.89
C LEU A 454 -30.37 -11.00 -19.12
N ALA A 455 -29.71 -9.94 -19.62
CA ALA A 455 -28.55 -9.42 -18.91
C ALA A 455 -28.90 -8.96 -17.50
N LEU A 456 -30.05 -8.31 -17.34
CA LEU A 456 -30.45 -7.84 -16.00
C LEU A 456 -30.79 -9.01 -15.08
N GLY A 457 -31.49 -10.01 -15.62
CA GLY A 457 -31.74 -11.21 -14.84
C GLY A 457 -30.48 -11.86 -14.32
N ASN A 458 -29.42 -11.83 -15.12
CA ASN A 458 -28.13 -12.30 -14.63
C ASN A 458 -27.46 -11.33 -13.68
N LEU A 459 -27.79 -10.03 -13.78
CA LEU A 459 -27.20 -9.01 -12.93
C LEU A 459 -27.67 -9.07 -11.49
N LYS A 460 -28.79 -9.54 -11.14
CA LYS A 460 -29.31 -9.52 -9.77
C LYS A 460 -28.39 -10.16 -8.76
N GLY A 461 -27.65 -11.21 -9.24
CA GLY A 461 -26.74 -11.84 -8.31
C GLY A 461 -25.64 -10.94 -7.78
N MET A 462 -25.04 -10.15 -8.67
CA MET A 462 -24.05 -9.17 -8.22
C MET A 462 -24.71 -7.99 -7.54
N LEU A 463 -25.94 -7.66 -7.93
CA LEU A 463 -26.63 -6.55 -7.25
C LEU A 463 -26.94 -6.89 -5.81
N MET A 464 -27.14 -8.17 -5.50
CA MET A 464 -27.46 -8.56 -4.13
C MET A 464 -26.29 -8.45 -3.17
N GLN A 465 -25.12 -7.96 -3.60
CA GLN A 465 -23.96 -7.83 -2.74
C GLN A 465 -23.96 -6.56 -1.90
N PHE A 466 -25.03 -5.76 -1.96
CA PHE A 466 -25.09 -4.56 -1.13
C PHE A 466 -25.22 -4.89 0.35
N ALA A 467 -25.60 -6.12 0.68
CA ALA A 467 -25.71 -6.54 2.07
C ALA A 467 -24.36 -6.67 2.76
N GLU A 468 -23.27 -6.66 1.99
CA GLU A 468 -21.94 -6.80 2.60
C GLU A 468 -21.51 -5.53 3.32
N ILE A 469 -22.18 -4.41 3.06
CA ILE A 469 -21.81 -3.16 3.74
C ILE A 469 -21.97 -3.31 5.25
N GLY A 470 -23.17 -3.65 5.70
CA GLY A 470 -23.42 -3.75 7.13
C GLY A 470 -22.62 -4.83 7.79
N ARG A 471 -22.41 -5.94 7.10
CA ARG A 471 -21.63 -7.02 7.65
C ARG A 471 -20.19 -6.58 7.94
N LEU A 472 -19.56 -5.92 6.98
CA LEU A 472 -18.19 -5.47 7.15
C LEU A 472 -18.09 -4.38 8.20
N TRP A 473 -19.14 -3.57 8.31
CA TRP A 473 -19.15 -2.53 9.31
C TRP A 473 -19.00 -3.12 10.70
N ARG A 474 -19.66 -4.24 10.94
CA ARG A 474 -19.56 -4.90 12.23
C ARG A 474 -18.26 -5.67 12.44
N LYS A 475 -17.69 -6.22 11.38
CA LYS A 475 -16.50 -7.06 11.53
C LYS A 475 -15.15 -6.33 11.39
N ASP A 476 -14.99 -5.56 10.32
CA ASP A 476 -13.73 -4.86 10.08
C ASP A 476 -14.03 -3.60 9.32
N LYS A 477 -13.87 -2.46 9.97
CA LYS A 477 -14.21 -1.20 9.32
C LYS A 477 -13.20 -0.81 8.25
N TYR A 478 -12.03 -1.42 8.24
CA TYR A 478 -11.10 -1.14 7.15
C TYR A 478 -11.56 -1.82 5.87
N ASP A 479 -12.10 -3.03 5.98
CA ASP A 479 -12.64 -3.70 4.80
C ASP A 479 -13.97 -3.10 4.38
N CYS A 480 -14.76 -2.60 5.33
CA CYS A 480 -15.93 -1.80 4.97
C CYS A 480 -15.53 -0.54 4.22
N LEU A 481 -14.44 0.08 4.63
CA LEU A 481 -13.92 1.24 3.92
C LEU A 481 -13.47 0.87 2.51
N ILE A 482 -12.80 -0.27 2.38
CA ILE A 482 -12.40 -0.75 1.05
C ILE A 482 -13.62 -0.96 0.17
N TRP A 483 -14.67 -1.59 0.71
CA TRP A 483 -15.90 -1.81 -0.05
C TRP A 483 -16.49 -0.49 -0.51
N ILE A 484 -16.74 0.43 0.42
CA ILE A 484 -17.43 1.68 0.08
C ILE A 484 -16.59 2.52 -0.87
N MET A 485 -15.29 2.59 -0.66
CA MET A 485 -14.45 3.41 -1.52
C MET A 485 -14.28 2.80 -2.89
N THR A 486 -14.24 1.47 -3.00
CA THR A 486 -14.21 0.83 -4.30
C THR A 486 -15.51 1.09 -5.06
N PHE A 487 -16.64 1.00 -4.36
CA PHE A 487 -17.92 1.31 -4.99
C PHE A 487 -17.94 2.74 -5.51
N ILE A 488 -17.52 3.69 -4.68
CA ILE A 488 -17.59 5.10 -5.07
C ILE A 488 -16.59 5.40 -6.19
N PHE A 489 -15.39 4.84 -6.13
CA PHE A 489 -14.41 5.06 -7.20
C PHE A 489 -14.90 4.49 -8.52
N THR A 490 -15.55 3.33 -8.47
CA THR A 490 -16.05 2.71 -9.69
C THR A 490 -17.28 3.40 -10.25
N ILE A 491 -18.13 3.97 -9.39
CA ILE A 491 -19.30 4.66 -9.88
C ILE A 491 -18.93 6.05 -10.39
N VAL A 492 -18.14 6.79 -9.63
CA VAL A 492 -17.77 8.15 -10.00
C VAL A 492 -16.78 8.11 -11.14
N LEU A 493 -15.59 7.56 -10.91
CA LEU A 493 -14.62 7.38 -11.97
C LEU A 493 -15.07 6.23 -12.85
N GLY A 494 -14.20 5.79 -13.75
CA GLY A 494 -14.56 4.73 -14.67
C GLY A 494 -14.61 3.37 -14.00
N LEU A 495 -14.70 2.35 -14.85
CA LEU A 495 -14.48 0.97 -14.41
C LEU A 495 -13.00 0.61 -14.43
N GLY A 496 -12.19 1.30 -15.23
CA GLY A 496 -10.77 1.05 -15.29
C GLY A 496 -9.98 1.96 -14.39
N LEU A 497 -10.36 3.23 -14.33
CA LEU A 497 -9.70 4.13 -13.41
C LEU A 497 -10.22 3.86 -12.03
N GLY A 498 -11.47 3.44 -11.93
CA GLY A 498 -12.04 3.13 -10.64
C GLY A 498 -11.29 2.00 -9.98
N LEU A 499 -11.01 0.94 -10.73
CA LEU A 499 -10.30 -0.20 -10.17
C LEU A 499 -8.88 0.16 -9.75
N ALA A 500 -8.19 0.94 -10.55
CA ALA A 500 -6.84 1.36 -10.22
C ALA A 500 -6.85 2.19 -8.96
N ALA A 501 -7.79 3.13 -8.88
CA ALA A 501 -7.91 3.95 -7.68
C ALA A 501 -8.27 3.09 -6.49
N SER A 502 -9.13 2.09 -6.71
CA SER A 502 -9.56 1.22 -5.63
C SER A 502 -8.43 0.34 -5.09
N VAL A 503 -7.56 -0.14 -5.97
CA VAL A 503 -6.44 -0.96 -5.53
C VAL A 503 -5.46 -0.13 -4.71
N ALA A 504 -5.23 1.11 -5.13
CA ALA A 504 -4.33 1.98 -4.39
C ALA A 504 -4.84 2.29 -2.99
N PHE A 505 -6.12 2.64 -2.85
CA PHE A 505 -6.71 2.88 -1.54
C PHE A 505 -6.69 1.62 -0.67
N GLN A 506 -6.82 0.45 -1.28
CA GLN A 506 -6.76 -0.79 -0.50
C GLN A 506 -5.36 -1.05 0.02
N LEU A 507 -4.34 -0.67 -0.76
CA LEU A 507 -2.97 -0.72 -0.24
C LEU A 507 -2.76 0.31 0.85
N LEU A 508 -3.45 1.45 0.77
CA LEU A 508 -3.32 2.47 1.81
C LEU A 508 -3.97 2.05 3.13
N THR A 509 -5.05 1.26 3.06
CA THR A 509 -5.66 0.80 4.31
C THR A 509 -4.74 -0.12 5.09
N ILE A 510 -3.84 -0.84 4.40
CA ILE A 510 -2.87 -1.68 5.10
C ILE A 510 -1.97 -0.82 5.97
N VAL A 511 -1.69 0.41 5.52
CA VAL A 511 -0.96 1.36 6.33
C VAL A 511 -1.84 1.91 7.44
N PHE A 512 -3.11 2.18 7.12
CA PHE A 512 -4.05 2.64 8.14
C PHE A 512 -4.11 1.70 9.33
N ARG A 513 -4.05 0.39 9.09
CA ARG A 513 -4.10 -0.57 10.19
C ARG A 513 -2.88 -0.45 11.10
N THR A 514 -1.69 -0.37 10.45
CA THR A 514 -0.42 -0.35 11.19
C THR A 514 0.11 1.04 11.40
N GLN A 515 -0.77 2.01 11.53
CA GLN A 515 -0.38 3.41 11.58
C GLN A 515 -0.20 3.90 13.01
N PHE A 516 -1.18 3.63 13.88
CA PHE A 516 -1.17 4.02 15.28
C PHE A 516 -1.37 2.76 16.11
N PRO A 517 -0.33 1.96 16.30
CA PRO A 517 -0.50 0.69 17.02
C PRO A 517 -0.84 0.92 18.48
N LYS A 518 -1.54 0.05 19.09
CA LYS A 518 -1.85 0.19 20.49
C LYS A 518 -0.68 -0.32 21.30
N CYS A 519 0.39 0.38 21.30
CA CYS A 519 1.58 0.12 22.09
C CYS A 519 1.25 0.17 23.58
N SER A 520 1.77 -0.79 24.33
CA SER A 520 1.37 -0.94 25.72
C SER A 520 2.56 -1.29 26.59
N THR A 521 2.38 -1.11 27.89
CA THR A 521 3.36 -1.49 28.90
C THR A 521 2.89 -2.78 29.57
N LEU A 522 3.82 -3.71 29.76
CA LEU A 522 3.50 -5.01 30.30
C LEU A 522 3.92 -5.11 31.75
N ALA A 523 3.38 -6.10 32.44
CA ALA A 523 3.76 -6.31 33.81
C ALA A 523 3.68 -7.80 34.03
N ASN A 524 4.35 -8.30 35.06
CA ASN A 524 4.26 -9.70 35.37
C ASN A 524 2.93 -9.97 36.04
N ILE A 525 2.37 -11.16 35.82
CA ILE A 525 1.13 -11.54 36.49
C ILE A 525 1.14 -12.99 36.96
N GLY A 526 1.31 -13.21 38.26
CA GLY A 526 1.35 -14.56 38.81
C GLY A 526 2.73 -15.01 39.23
N ARG A 527 3.62 -14.08 39.52
CA ARG A 527 5.02 -14.36 39.88
C ARG A 527 5.57 -15.52 39.08
N THR A 528 5.30 -15.51 37.78
CA THR A 528 5.75 -16.53 36.85
C THR A 528 6.18 -15.82 35.57
N ASN A 529 6.27 -16.56 34.46
CA ASN A 529 6.77 -16.01 33.22
C ASN A 529 5.67 -15.47 32.31
N ILE A 530 4.57 -15.01 32.87
CA ILE A 530 3.46 -14.45 32.09
C ILE A 530 3.47 -12.93 32.26
N TYR A 531 3.57 -12.21 31.15
CA TYR A 531 3.61 -10.76 31.14
C TYR A 531 2.49 -10.26 30.23
N LYS A 532 1.57 -9.50 30.80
CA LYS A 532 0.41 -9.00 30.07
C LYS A 532 0.25 -7.50 30.32
N ASN A 533 -0.71 -6.90 29.62
CA ASN A 533 -0.91 -5.46 29.66
C ASN A 533 -1.04 -4.95 31.09
N LYS A 534 -0.26 -3.93 31.41
CA LYS A 534 -0.21 -3.39 32.77
C LYS A 534 -1.56 -2.84 33.22
N LYS A 535 -2.44 -2.52 32.28
CA LYS A 535 -3.73 -1.91 32.59
C LYS A 535 -4.88 -2.88 32.55
N ASP A 536 -4.62 -4.18 32.44
CA ASP A 536 -5.66 -5.15 32.16
C ASP A 536 -6.07 -6.00 33.36
N TYR A 537 -5.17 -6.30 34.27
CA TYR A 537 -5.47 -7.20 35.37
C TYR A 537 -5.16 -6.55 36.70
N TYR A 538 -5.63 -7.17 37.77
CA TYR A 538 -5.31 -6.74 39.12
C TYR A 538 -4.11 -7.53 39.65
N ASP A 539 -3.46 -6.96 40.67
CA ASP A 539 -2.39 -7.64 41.40
C ASP A 539 -1.19 -7.94 40.50
N MET A 540 -0.94 -7.09 39.52
CA MET A 540 0.25 -7.23 38.68
C MET A 540 1.47 -6.66 39.39
N TYR A 541 2.64 -6.85 38.78
CA TYR A 541 3.90 -6.53 39.45
C TYR A 541 4.90 -6.00 38.42
N GLU A 542 5.41 -4.79 38.67
CA GLU A 542 6.46 -4.21 37.86
C GLU A 542 7.77 -4.30 38.64
N PRO A 543 8.77 -5.05 38.15
CA PRO A 543 10.07 -5.04 38.83
C PRO A 543 10.64 -3.64 38.90
N GLU A 544 11.26 -3.32 40.03
CA GLU A 544 11.66 -1.94 40.31
C GLU A 544 12.74 -1.49 39.35
N GLY A 545 12.39 -0.52 38.49
CA GLY A 545 13.32 0.01 37.52
C GLY A 545 13.20 -0.55 36.12
N VAL A 546 12.36 -1.55 35.91
CA VAL A 546 12.23 -2.21 34.62
C VAL A 546 10.92 -1.79 33.97
N LYS A 547 11.01 -1.38 32.71
CA LYS A 547 9.85 -1.13 31.87
C LYS A 547 9.84 -2.15 30.74
N ILE A 548 8.67 -2.71 30.45
CA ILE A 548 8.50 -3.65 29.35
C ILE A 548 7.51 -3.02 28.39
N PHE A 549 7.95 -2.73 27.17
CA PHE A 549 7.16 -2.03 26.18
C PHE A 549 6.89 -2.96 25.00
N ARG A 550 5.66 -2.94 24.51
CA ARG A 550 5.24 -3.81 23.41
C ARG A 550 4.57 -2.98 22.33
N CYS A 551 5.08 -3.09 21.10
CA CYS A 551 4.42 -2.59 19.91
C CYS A 551 3.91 -3.78 19.12
N PRO A 552 2.60 -3.93 18.94
CA PRO A 552 2.03 -5.13 18.32
C PRO A 552 1.89 -5.05 16.81
N SER A 553 2.91 -4.52 16.16
CA SER A 553 2.90 -4.37 14.70
C SER A 553 4.29 -4.22 14.12
N PRO A 554 4.43 -4.46 12.81
CA PRO A 554 5.73 -4.22 12.19
C PRO A 554 6.06 -2.74 12.24
N ILE A 555 7.32 -2.39 12.44
CA ILE A 555 7.70 -1.00 12.54
C ILE A 555 8.42 -0.56 11.29
N TYR A 556 7.88 0.46 10.63
CA TYR A 556 8.47 0.94 9.39
C TYR A 556 8.35 2.47 9.28
N PHE A 557 8.50 3.00 8.07
CA PHE A 557 8.48 4.46 7.87
C PHE A 557 7.22 5.19 8.37
N ALA A 558 6.06 4.56 8.27
CA ALA A 558 4.83 5.24 8.67
C ALA A 558 4.54 5.26 10.18
N ASN A 559 5.28 4.49 10.97
CA ASN A 559 4.97 4.42 12.41
C ASN A 559 6.18 4.52 13.35
N ILE A 560 7.38 4.75 12.84
CA ILE A 560 8.56 4.86 13.68
C ILE A 560 8.47 6.08 14.61
N GLY A 561 7.83 7.15 14.14
CA GLY A 561 7.60 8.34 14.96
C GLY A 561 6.60 8.10 16.06
N PHE A 562 5.49 7.44 15.73
CA PHE A 562 4.50 7.06 16.72
C PHE A 562 5.08 6.12 17.76
N PHE A 563 5.95 5.21 17.32
CA PHE A 563 6.63 4.31 18.24
C PHE A 563 7.53 5.06 19.20
N ARG A 564 8.34 5.96 18.67
CA ARG A 564 9.26 6.73 19.51
C ARG A 564 8.50 7.58 20.51
N ARG A 565 7.38 8.15 20.09
CA ARG A 565 6.56 8.97 20.99
C ARG A 565 5.84 8.15 22.07
N LYS A 566 5.36 6.95 21.74
CA LYS A 566 4.71 6.10 22.73
C LYS A 566 5.72 5.51 23.70
N LEU A 567 6.93 5.18 23.22
CA LEU A 567 7.96 4.71 24.12
C LEU A 567 8.38 5.79 25.11
N ILE A 568 8.47 7.03 24.64
CA ILE A 568 8.82 8.15 25.51
C ILE A 568 7.71 8.40 26.53
N ASP A 569 6.45 8.24 26.11
CA ASP A 569 5.34 8.36 27.05
C ASP A 569 5.36 7.23 28.07
N ALA A 570 5.78 6.04 27.67
CA ALA A 570 5.78 4.89 28.57
C ALA A 570 6.87 5.00 29.61
N VAL A 571 8.10 5.33 29.20
CA VAL A 571 9.19 5.38 30.17
C VAL A 571 9.06 6.59 31.09
N GLY A 572 8.35 7.63 30.65
CA GLY A 572 8.09 8.80 31.47
C GLY A 572 9.01 9.98 31.22
N PHE A 573 9.95 9.86 30.29
CA PHE A 573 10.90 10.93 30.03
C PHE A 573 11.45 10.75 28.61
N SER A 574 12.23 11.75 28.19
CA SER A 574 12.94 11.69 26.92
C SER A 574 14.39 11.40 27.19
N PRO A 575 14.95 10.27 26.72
CA PRO A 575 16.37 9.99 26.96
C PRO A 575 17.30 11.08 26.46
N LEU A 576 17.02 11.69 25.31
CA LEU A 576 17.86 12.75 24.78
C LEU A 576 17.82 14.00 25.65
N ARG A 577 16.65 14.42 26.09
CA ARG A 577 16.60 15.59 26.92
C ARG A 577 17.50 15.38 28.14
N ILE A 578 17.51 14.17 28.68
CA ILE A 578 18.31 13.87 29.85
C ILE A 578 19.81 13.99 29.56
N LEU A 579 20.26 13.43 28.44
CA LEU A 579 21.67 13.50 28.07
C LEU A 579 22.15 14.93 27.93
N ARG A 580 21.32 15.77 27.31
CA ARG A 580 21.70 17.16 27.11
C ARG A 580 21.80 17.90 28.43
N LYS A 581 20.87 17.65 29.33
CA LYS A 581 20.90 18.28 30.64
C LYS A 581 22.07 17.80 31.48
N ARG A 582 22.42 16.53 31.37
CA ARG A 582 23.57 16.00 32.09
C ARG A 582 24.86 16.54 31.49
N ASN A 583 24.89 16.67 30.18
CA ASN A 583 26.07 17.22 29.52
C ASN A 583 26.21 18.68 29.90
N LYS A 584 25.09 19.38 30.08
CA LYS A 584 25.14 20.76 30.50
C LYS A 584 25.63 20.83 31.94
N ALA A 585 25.10 19.99 32.80
CA ALA A 585 25.53 19.94 34.17
C ALA A 585 27.01 19.63 34.24
N LEU A 586 27.41 18.57 33.57
CA LEU A 586 28.82 18.19 33.58
C LEU A 586 29.70 19.32 33.09
N ARG A 587 29.23 20.09 32.11
CA ARG A 587 29.95 21.28 31.68
C ARG A 587 30.09 22.28 32.81
N LYS A 588 29.00 22.52 33.54
CA LYS A 588 29.07 23.44 34.67
C LYS A 588 29.98 22.91 35.76
N ILE A 589 29.97 21.59 36.00
CA ILE A 589 30.85 20.99 37.00
C ILE A 589 32.31 21.20 36.62
N ARG A 590 32.65 20.90 35.36
CA ARG A 590 34.03 21.09 34.91
C ARG A 590 34.44 22.56 34.98
N LYS A 591 33.54 23.47 34.61
CA LYS A 591 33.85 24.89 34.71
C LYS A 591 34.13 25.30 36.14
N LEU A 592 33.29 24.87 37.09
CA LEU A 592 33.49 25.24 38.49
C LEU A 592 34.67 24.52 39.12
N GLN A 593 35.11 23.39 38.55
CA GLN A 593 36.20 22.66 39.19
C GLN A 593 37.55 23.08 38.65
N LYS A 594 37.64 23.45 37.37
CA LYS A 594 38.93 23.93 36.87
C LYS A 594 39.18 25.37 37.27
N GLN A 595 38.14 26.08 37.73
CA GLN A 595 38.32 27.40 38.30
C GLN A 595 38.82 27.34 39.73
N GLY A 596 38.88 26.15 40.32
CA GLY A 596 39.27 26.00 41.70
C GLY A 596 38.16 26.19 42.71
N LEU A 597 36.92 26.47 42.25
CA LEU A 597 35.83 26.75 43.17
C LEU A 597 35.40 25.50 43.92
N LEU A 598 35.55 24.34 43.31
CA LEU A 598 35.28 23.06 43.96
C LEU A 598 36.44 22.10 43.69
N GLN A 599 36.58 21.09 44.53
CA GLN A 599 37.68 20.14 44.46
C GLN A 599 37.17 18.74 44.16
N VAL A 600 37.98 17.95 43.48
CA VAL A 600 37.67 16.56 43.16
C VAL A 600 38.40 15.67 44.16
N THR A 601 37.71 14.65 44.67
CA THR A 601 38.25 13.73 45.66
C THR A 601 37.64 12.37 45.34
N PRO A 602 38.34 11.27 45.66
CA PRO A 602 37.67 9.96 45.63
C PRO A 602 36.39 9.92 46.45
N LYS A 603 36.23 10.83 47.41
CA LYS A 603 34.96 10.94 48.12
C LYS A 603 33.88 11.55 47.23
N GLY A 604 34.24 12.57 46.46
CA GLY A 604 33.29 13.20 45.57
C GLY A 604 33.69 14.65 45.29
N PHE A 605 32.67 15.49 45.13
CA PHE A 605 32.91 16.92 44.96
C PHE A 605 32.92 17.60 46.32
N ILE A 606 33.98 18.37 46.59
CA ILE A 606 34.10 19.12 47.82
C ILE A 606 33.92 20.60 47.49
N CYS A 607 32.97 21.22 48.17
CA CYS A 607 32.60 22.60 47.88
C CYS A 607 33.03 23.49 49.04
N THR A 608 34.22 24.10 48.91
CA THR A 608 34.62 25.11 49.86
C THR A 608 33.76 26.37 49.72
N VAL A 609 33.30 26.65 48.50
CA VAL A 609 32.41 27.77 48.23
C VAL A 609 31.05 27.20 47.82
N ASP A 610 30.00 27.68 48.49
CA ASP A 610 28.65 27.27 48.20
C ASP A 610 27.87 28.45 47.63
N THR A 611 26.63 28.20 47.20
CA THR A 611 25.76 29.21 46.61
C THR A 611 26.49 29.92 45.45
N ILE A 612 26.77 29.14 44.41
CA ILE A 612 27.50 29.65 43.27
C ILE A 612 26.58 30.54 42.44
N LYS A 613 27.18 31.48 41.70
CA LYS A 613 26.41 32.35 40.83
C LYS A 613 25.88 31.55 39.64
N ASP A 614 24.58 31.64 39.40
CA ASP A 614 23.98 30.90 38.30
C ASP A 614 24.27 31.62 36.98
N SER A 615 24.91 30.91 36.05
CA SER A 615 25.28 31.49 34.76
C SER A 615 25.17 30.38 33.71
N ASP A 616 24.05 30.38 33.00
CA ASP A 616 23.89 29.44 31.88
C ASP A 616 24.90 29.77 30.79
N GLU A 617 25.49 28.72 30.20
CA GLU A 617 26.51 28.94 29.18
C GLU A 617 25.92 29.51 27.90
N GLU A 618 24.66 29.18 27.60
CA GLU A 618 23.96 29.67 26.41
C GLU A 618 24.79 29.36 25.16
N LEU A 619 24.89 28.06 24.89
CA LEU A 619 25.62 27.58 23.73
C LEU A 619 24.95 28.06 22.45
N ASP A 620 25.79 28.48 21.50
CA ASP A 620 25.28 28.99 20.24
C ASP A 620 24.99 27.87 19.28
N ASN A 621 24.46 28.20 18.12
CA ASN A 621 24.00 27.22 17.17
C ASN A 621 25.06 26.26 16.70
N ASN A 622 26.28 26.72 16.53
CA ASN A 622 27.34 25.86 16.07
C ASN A 622 28.08 25.13 17.20
N GLN A 623 27.76 25.46 18.45
CA GLN A 623 28.35 24.79 19.60
C GLN A 623 27.39 23.88 20.34
N ILE A 624 26.10 24.02 20.10
CA ILE A 624 25.08 23.26 20.85
C ILE A 624 25.03 21.74 20.71
N GLU A 625 25.59 21.20 19.63
CA GLU A 625 25.63 19.76 19.32
C GLU A 625 26.43 18.88 20.29
N VAL A 626 27.32 19.50 21.05
CA VAL A 626 28.18 18.89 22.05
C VAL A 626 27.39 18.20 23.19
N LEU A 627 26.20 18.69 23.50
CA LEU A 627 25.35 18.08 24.51
C LEU A 627 24.77 16.69 24.16
N ASP A 628 24.74 16.24 22.90
CA ASP A 628 24.24 14.92 22.57
C ASP A 628 25.34 13.85 22.57
N GLN A 629 26.53 14.19 23.01
CA GLN A 629 27.66 13.28 23.02
C GLN A 629 27.64 12.40 24.27
N PRO A 630 28.19 11.20 24.18
CA PRO A 630 28.25 10.33 25.36
C PRO A 630 29.02 10.99 26.50
N ILE A 631 28.58 10.83 27.72
CA ILE A 631 29.25 11.49 28.81
C ILE A 631 30.50 10.71 29.16
N ASN A 632 31.66 11.30 28.91
CA ASN A 632 32.92 10.65 29.26
C ASN A 632 33.50 11.35 30.47
N THR A 633 33.25 10.79 31.65
CA THR A 633 33.74 11.40 32.88
C THR A 633 34.87 10.57 33.45
N THR A 634 35.48 9.73 32.61
CA THR A 634 36.55 8.87 33.08
C THR A 634 37.71 9.66 33.62
N ASP A 635 37.87 10.89 33.13
CA ASP A 635 38.93 11.74 33.66
C ASP A 635 38.75 11.95 35.15
N LEU A 636 37.50 12.08 35.59
CA LEU A 636 37.22 12.30 36.99
C LEU A 636 37.56 11.05 37.80
N PRO A 637 38.04 11.24 39.03
CA PRO A 637 38.46 10.10 39.84
C PRO A 637 37.29 9.24 40.28
N PHE A 638 36.18 9.88 40.63
CA PHE A 638 35.02 9.16 41.12
C PHE A 638 33.88 9.13 40.11
N HIS A 639 33.00 8.15 40.23
CA HIS A 639 31.84 8.09 39.34
C HIS A 639 30.79 9.07 39.82
N ILE A 640 30.00 9.59 38.89
CA ILE A 640 28.94 10.51 39.25
C ILE A 640 27.59 9.82 39.30
N ASP A 641 26.93 9.84 40.45
CA ASP A 641 25.58 9.27 40.51
C ASP A 641 24.59 10.33 40.07
N TRP A 642 24.20 10.28 38.79
CA TRP A 642 23.33 11.31 38.22
C TRP A 642 21.95 11.32 38.85
N ASN A 643 21.56 10.27 39.58
CA ASN A 643 20.29 10.22 40.27
C ASN A 643 20.39 10.69 41.71
N ASP A 644 21.59 11.05 42.18
CA ASP A 644 21.80 11.59 43.51
C ASP A 644 21.72 13.12 43.45
N ASP A 645 22.12 13.79 44.51
CA ASP A 645 22.11 15.24 44.57
C ASP A 645 23.44 15.78 44.04
N LEU A 646 23.37 16.67 43.06
CA LEU A 646 24.58 17.33 42.58
C LEU A 646 24.83 18.60 43.38
N PRO A 647 26.09 18.93 43.62
CA PRO A 647 26.40 20.07 44.48
C PRO A 647 26.27 21.40 43.76
N LEU A 648 26.23 22.47 44.56
CA LEU A 648 26.28 23.85 44.06
C LEU A 648 25.08 24.16 43.17
N ASN A 649 23.89 23.82 43.63
CA ASN A 649 22.61 24.19 43.01
C ASN A 649 22.43 23.60 41.61
N ILE A 650 23.23 22.61 41.23
CA ILE A 650 23.06 21.98 39.94
C ILE A 650 21.91 20.99 40.01
N GLU A 651 21.01 21.10 39.04
CA GLU A 651 19.84 20.24 39.02
C GLU A 651 19.62 19.50 37.72
N VAL A 652 19.51 18.19 37.79
CA VAL A 652 19.26 17.33 36.64
C VAL A 652 18.04 16.49 36.95
N PRO A 653 17.18 16.19 35.97
CA PRO A 653 16.07 15.27 36.23
C PRO A 653 16.58 13.88 36.60
N LYS A 654 15.97 13.31 37.63
CA LYS A 654 16.31 11.97 38.06
C LYS A 654 15.35 10.97 37.45
N ILE A 655 15.84 9.77 37.17
CA ILE A 655 15.05 8.72 36.57
C ILE A 655 15.21 7.45 37.40
N SER A 656 14.12 6.69 37.52
CA SER A 656 14.17 5.39 38.19
C SER A 656 14.51 4.27 37.23
N LEU A 657 14.31 4.47 35.93
CA LEU A 657 14.53 3.43 34.95
C LEU A 657 16.01 3.10 34.83
N HIS A 658 16.34 1.83 34.96
CA HIS A 658 17.68 1.34 34.68
C HIS A 658 17.70 0.18 33.70
N SER A 659 16.54 -0.26 33.21
CA SER A 659 16.45 -1.39 32.31
C SER A 659 15.18 -1.27 31.49
N LEU A 660 15.31 -1.40 30.18
CA LEU A 660 14.19 -1.25 29.27
C LEU A 660 14.10 -2.47 28.38
N ILE A 661 12.99 -3.19 28.45
CA ILE A 661 12.75 -4.37 27.64
C ILE A 661 11.78 -3.99 26.54
N LEU A 662 12.08 -4.38 25.31
CA LEU A 662 11.23 -4.12 24.16
C LEU A 662 10.73 -5.46 23.64
N ASP A 663 9.43 -5.70 23.79
CA ASP A 663 8.81 -6.95 23.34
C ASP A 663 8.57 -6.87 21.84
N PHE A 664 9.58 -7.30 21.07
CA PHE A 664 9.53 -7.24 19.61
C PHE A 664 8.97 -8.52 19.00
N SER A 665 8.10 -9.22 19.73
CA SER A 665 7.61 -10.51 19.28
C SER A 665 6.68 -10.38 18.09
N ALA A 666 5.73 -9.44 18.15
CA ALA A 666 4.78 -9.24 17.07
C ALA A 666 5.26 -8.24 16.04
N VAL A 667 6.50 -7.74 16.17
CA VAL A 667 7.09 -6.84 15.18
C VAL A 667 7.60 -7.72 14.05
N SER A 668 6.91 -7.69 12.91
CA SER A 668 7.21 -8.59 11.81
C SER A 668 8.49 -8.18 11.08
N PHE A 669 8.52 -6.98 10.52
CA PHE A 669 9.67 -6.52 9.77
C PHE A 669 10.10 -5.14 10.23
N LEU A 670 11.25 -4.71 9.73
CA LEU A 670 11.82 -3.41 10.03
C LEU A 670 12.44 -2.91 8.74
N ASP A 671 12.06 -1.75 8.28
CA ASP A 671 12.65 -1.18 7.07
C ASP A 671 13.82 -0.27 7.44
N VAL A 672 14.42 0.40 6.46
CA VAL A 672 15.60 1.23 6.74
C VAL A 672 15.26 2.46 7.59
N SER A 673 14.10 3.05 7.36
CA SER A 673 13.69 4.19 8.17
C SER A 673 13.53 3.78 9.61
N SER A 674 12.93 2.62 9.84
CA SER A 674 12.69 2.16 11.20
C SER A 674 13.98 1.77 11.93
N VAL A 675 14.92 1.14 11.21
CA VAL A 675 16.18 0.76 11.85
C VAL A 675 16.96 2.01 12.22
N ARG A 676 16.90 3.04 11.40
CA ARG A 676 17.58 4.28 11.71
C ARG A 676 16.98 4.90 12.96
N GLY A 677 15.66 5.02 13.00
CA GLY A 677 14.99 5.55 14.17
C GLY A 677 15.25 4.73 15.40
N LEU A 678 15.16 3.41 15.28
CA LEU A 678 15.42 2.52 16.40
C LEU A 678 16.84 2.63 16.92
N LYS A 679 17.81 2.62 16.02
CA LYS A 679 19.20 2.77 16.40
C LYS A 679 19.39 4.06 17.17
N SER A 680 18.73 5.12 16.73
CA SER A 680 18.82 6.40 17.41
C SER A 680 18.24 6.33 18.82
N ILE A 681 17.01 5.83 18.95
CA ILE A 681 16.40 5.68 20.27
C ILE A 681 17.27 4.88 21.22
N LEU A 682 17.76 3.74 20.77
CA LEU A 682 18.57 2.87 21.62
C LEU A 682 19.89 3.52 22.05
N GLN A 683 20.56 4.19 21.13
CA GLN A 683 21.80 4.89 21.47
C GLN A 683 21.56 5.91 22.58
N GLU A 684 20.43 6.60 22.53
CA GLU A 684 20.14 7.60 23.53
C GLU A 684 19.89 7.00 24.91
N PHE A 685 19.19 5.89 24.97
CA PHE A 685 18.96 5.23 26.24
C PHE A 685 20.26 4.71 26.80
N ILE A 686 21.10 4.16 25.93
CA ILE A 686 22.37 3.61 26.38
C ILE A 686 23.31 4.70 26.88
N ARG A 687 23.30 5.87 26.26
CA ARG A 687 24.14 6.97 26.70
C ARG A 687 23.70 7.58 28.02
N ILE A 688 22.48 7.26 28.46
CA ILE A 688 22.02 7.73 29.76
C ILE A 688 22.05 6.57 30.74
N LYS A 689 22.90 5.54 30.32
CA LYS A 689 23.10 4.36 31.17
C LYS A 689 21.83 3.60 31.48
N VAL A 690 20.96 3.42 30.56
CA VAL A 690 19.80 2.57 30.69
C VAL A 690 20.04 1.38 29.78
N ASP A 691 19.98 0.18 30.34
CA ASP A 691 20.15 -1.03 29.54
C ASP A 691 18.94 -1.29 28.67
N VAL A 692 19.19 -1.72 27.45
CA VAL A 692 18.10 -1.96 26.53
C VAL A 692 18.08 -3.41 26.06
N TYR A 693 16.90 -3.99 25.95
CA TYR A 693 16.78 -5.38 25.58
C TYR A 693 15.69 -5.59 24.55
N ILE A 694 15.99 -6.35 23.51
CA ILE A 694 14.98 -6.68 22.52
C ILE A 694 14.73 -8.15 22.66
N VAL A 695 13.47 -8.53 22.85
CA VAL A 695 13.17 -9.93 23.08
C VAL A 695 12.05 -10.43 22.22
N GLY A 696 11.82 -11.72 22.24
CA GLY A 696 10.71 -12.30 21.50
C GLY A 696 10.92 -12.42 20.01
N THR A 697 12.07 -12.07 19.48
CA THR A 697 12.27 -12.07 18.03
C THR A 697 12.78 -13.40 17.49
N ASP A 698 12.56 -13.67 16.20
CA ASP A 698 13.10 -14.90 15.61
C ASP A 698 14.47 -14.70 14.99
N ASP A 699 15.13 -15.77 14.60
CA ASP A 699 16.49 -15.69 14.06
C ASP A 699 16.61 -14.92 12.76
N ASP A 700 15.64 -15.07 11.88
CA ASP A 700 15.65 -14.36 10.62
C ASP A 700 15.64 -12.86 10.87
N PHE A 701 14.87 -12.43 11.86
CA PHE A 701 14.80 -11.01 12.18
C PHE A 701 16.18 -10.48 12.55
N ILE A 702 16.90 -11.21 13.39
CA ILE A 702 18.21 -10.76 13.82
C ILE A 702 19.20 -10.82 12.67
N GLU A 703 19.10 -11.82 11.80
CA GLU A 703 19.97 -11.88 10.64
C GLU A 703 19.83 -10.63 9.76
N LYS A 704 18.61 -10.23 9.47
CA LYS A 704 18.36 -9.06 8.65
C LYS A 704 18.93 -7.78 9.27
N LEU A 705 18.84 -7.67 10.59
CA LEU A 705 19.34 -6.48 11.27
C LEU A 705 20.85 -6.35 11.12
N ASN A 706 21.55 -7.48 11.01
CA ASN A 706 22.97 -7.44 10.78
C ASN A 706 23.30 -6.84 9.42
N ARG A 707 22.44 -7.09 8.43
CA ARG A 707 22.64 -6.51 7.11
C ARG A 707 22.39 -5.01 7.09
N TYR A 708 21.62 -4.50 8.04
CA TYR A 708 21.36 -3.06 8.13
C TYR A 708 22.49 -2.31 8.81
N GLU A 709 23.52 -3.03 9.23
CA GLU A 709 24.64 -2.40 9.95
C GLU A 709 24.15 -1.78 11.24
N PHE A 710 23.20 -2.44 11.90
CA PHE A 710 22.63 -1.93 13.15
C PHE A 710 23.58 -2.05 14.33
N PHE A 711 24.33 -3.13 14.39
CA PHE A 711 25.18 -3.36 15.57
C PHE A 711 26.54 -2.71 15.45
N ASP A 712 27.06 -2.25 16.57
CA ASP A 712 28.35 -1.58 16.58
C ASP A 712 28.84 -1.57 18.01
N GLY A 713 29.79 -0.71 18.31
CA GLY A 713 30.43 -0.71 19.62
C GLY A 713 29.49 -0.41 20.77
N GLU A 714 28.56 0.52 20.55
CA GLU A 714 27.63 0.89 21.61
C GLU A 714 26.40 0.00 21.60
N VAL A 715 25.87 -0.29 20.43
CA VAL A 715 24.72 -1.16 20.31
C VAL A 715 25.20 -2.55 19.95
N LYS A 716 25.04 -3.49 20.85
CA LYS A 716 25.57 -4.83 20.62
C LYS A 716 24.50 -5.89 20.46
N SER A 717 24.88 -7.06 19.98
CA SER A 717 23.94 -8.16 19.81
C SER A 717 23.58 -8.83 21.14
N SER A 718 24.19 -8.39 22.24
CA SER A 718 23.89 -8.94 23.56
C SER A 718 22.55 -8.45 24.09
N ILE A 719 22.01 -7.37 23.56
CA ILE A 719 20.72 -6.79 23.92
C ILE A 719 19.56 -7.69 23.50
N PHE A 720 19.85 -8.76 22.78
CA PHE A 720 18.81 -9.66 22.32
C PHE A 720 18.67 -10.86 23.24
N PHE A 721 17.46 -11.06 23.73
CA PHE A 721 17.21 -12.18 24.64
C PHE A 721 16.04 -12.97 24.09
N LEU A 722 15.96 -14.25 24.45
CA LEU A 722 14.91 -15.09 23.91
C LEU A 722 13.52 -14.62 24.27
N THR A 723 13.28 -14.32 25.54
CA THR A 723 11.96 -13.94 25.99
C THR A 723 12.04 -12.81 26.99
N ILE A 724 10.89 -12.29 27.40
CA ILE A 724 10.85 -11.21 28.40
C ILE A 724 11.39 -11.70 29.74
N HIS A 725 10.97 -12.88 30.17
CA HIS A 725 11.40 -13.40 31.45
C HIS A 725 12.90 -13.59 31.47
N ASP A 726 13.47 -14.03 30.36
CA ASP A 726 14.92 -14.17 30.26
C ASP A 726 15.61 -12.85 30.53
N ALA A 727 15.14 -11.79 29.88
CA ALA A 727 15.72 -10.46 30.08
C ALA A 727 15.51 -9.97 31.50
N VAL A 728 14.32 -10.15 32.03
CA VAL A 728 14.02 -9.74 33.40
C VAL A 728 14.91 -10.44 34.41
N LEU A 729 15.08 -11.75 34.27
CA LEU A 729 15.91 -12.52 35.18
C LEU A 729 17.35 -12.08 35.05
N HIS A 730 17.77 -11.81 33.83
CA HIS A 730 19.12 -11.34 33.60
C HIS A 730 19.34 -10.02 34.29
N ILE A 731 18.32 -9.16 34.27
CA ILE A 731 18.41 -7.88 34.97
C ILE A 731 18.40 -8.04 36.48
N LEU A 732 17.49 -8.86 37.04
CA LEU A 732 17.48 -9.06 38.48
C LEU A 732 18.82 -9.55 38.99
N MET A 733 19.47 -10.47 38.26
CA MET A 733 20.77 -10.96 38.69
C MET A 733 21.84 -9.88 38.58
N LYS A 734 21.81 -9.10 37.49
CA LYS A 734 22.73 -7.97 37.37
C LYS A 734 22.58 -7.02 38.55
N LYS A 735 21.35 -6.64 38.87
CA LYS A 735 21.12 -5.62 39.89
C LYS A 735 21.43 -6.15 41.29
N ASP A 736 21.11 -7.41 41.53
CA ASP A 736 21.35 -7.99 42.85
C ASP A 736 22.76 -8.52 42.96
N ASN B 18 22.69 -18.43 36.84
CA ASN B 18 21.41 -18.04 36.25
C ASN B 18 20.51 -19.26 36.10
N GLN B 19 19.22 -19.08 36.37
CA GLN B 19 18.32 -20.20 36.16
C GLN B 19 16.90 -19.71 35.94
N TYR B 20 16.33 -20.09 34.81
CA TYR B 20 14.98 -19.73 34.49
C TYR B 20 14.14 -20.84 35.07
N ILE B 21 13.59 -20.63 36.25
CA ILE B 21 12.80 -21.65 36.91
C ILE B 21 11.34 -21.23 37.01
N VAL B 22 10.45 -21.99 36.40
CA VAL B 22 9.04 -21.67 36.44
C VAL B 22 8.17 -22.86 36.77
N ALA B 23 7.21 -22.68 37.66
CA ALA B 23 6.28 -23.74 37.98
C ALA B 23 4.90 -23.12 38.03
N ARG B 24 4.12 -23.29 36.98
CA ARG B 24 2.79 -22.73 36.93
C ARG B 24 1.87 -23.72 36.26
N PRO B 25 0.57 -23.60 36.46
CA PRO B 25 -0.34 -24.47 35.71
C PRO B 25 -0.33 -24.18 34.23
N VAL B 26 -0.74 -25.17 33.45
CA VAL B 26 -0.92 -25.00 32.02
C VAL B 26 -2.15 -24.14 31.79
N TYR B 27 -2.00 -23.07 31.04
CA TYR B 27 -3.02 -22.03 30.93
C TYR B 27 -3.51 -21.92 29.50
N SER B 28 -4.81 -21.94 29.29
CA SER B 28 -5.36 -21.64 27.99
C SER B 28 -5.74 -20.18 28.19
N THR B 29 -5.92 -19.42 27.12
CA THR B 29 -6.23 -18.02 27.28
C THR B 29 -7.52 -17.85 28.12
N ASN B 30 -8.50 -18.70 27.90
CA ASN B 30 -9.74 -18.64 28.67
C ASN B 30 -9.50 -18.92 30.15
N ALA B 31 -8.70 -19.92 30.45
CA ALA B 31 -8.40 -20.27 31.84
C ALA B 31 -7.62 -19.18 32.55
N PHE B 32 -6.67 -18.56 31.86
CA PHE B 32 -5.89 -17.51 32.48
C PHE B 32 -6.81 -16.36 32.87
N GLU B 33 -7.75 -16.03 31.98
CA GLU B 33 -8.67 -14.94 32.25
C GLU B 33 -9.67 -15.25 33.36
N GLU B 34 -9.97 -16.53 33.55
CA GLU B 34 -10.91 -16.93 34.59
C GLU B 34 -10.23 -17.04 35.94
N ASN B 35 -8.90 -17.01 35.96
CA ASN B 35 -8.16 -17.10 37.22
C ASN B 35 -7.52 -15.77 37.56
N HIS B 36 -7.64 -14.79 36.68
CA HIS B 36 -7.06 -13.50 36.92
C HIS B 36 -8.09 -12.43 36.65
N LYS B 37 -8.41 -11.65 37.68
CA LYS B 37 -9.41 -10.60 37.55
C LYS B 37 -8.95 -9.56 36.54
N LYS B 38 -9.69 -9.45 35.45
CA LYS B 38 -9.33 -8.50 34.43
C LYS B 38 -9.99 -7.16 34.69
N THR B 39 -9.19 -6.15 34.92
CA THR B 39 -9.72 -4.82 35.13
C THR B 39 -10.71 -4.52 34.04
N GLY B 40 -11.92 -4.14 34.43
CA GLY B 40 -12.94 -3.83 33.45
C GLY B 40 -12.69 -2.43 32.94
N ARG B 41 -12.37 -2.32 31.66
CA ARG B 41 -12.02 -1.00 31.15
C ARG B 41 -13.01 -0.61 30.07
N HIS B 42 -13.63 0.55 30.23
CA HIS B 42 -14.59 1.03 29.23
C HIS B 42 -13.85 1.67 28.08
N HIS B 43 -14.03 1.15 26.88
CA HIS B 43 -13.40 1.75 25.71
C HIS B 43 -14.04 3.09 25.39
N LYS B 44 -13.24 4.02 24.89
CA LYS B 44 -13.77 5.33 24.53
C LYS B 44 -14.42 5.29 23.17
N THR B 45 -15.74 5.25 23.14
CA THR B 45 -16.47 5.21 21.89
C THR B 45 -16.37 6.52 21.13
N PHE B 46 -16.49 6.47 19.81
CA PHE B 46 -16.46 7.68 19.01
C PHE B 46 -17.44 8.71 19.57
N LEU B 47 -18.59 8.24 20.02
CA LEU B 47 -19.62 9.15 20.52
C LEU B 47 -19.08 10.05 21.62
N ASP B 48 -18.41 9.46 22.59
CA ASP B 48 -17.85 10.23 23.70
C ASP B 48 -16.79 11.17 23.18
N HIS B 49 -15.90 10.66 22.35
CA HIS B 49 -14.84 11.48 21.79
C HIS B 49 -15.45 12.74 21.21
N LEU B 50 -16.64 12.61 20.64
CA LEU B 50 -17.30 13.75 20.03
C LEU B 50 -17.64 14.77 21.09
N LYS B 51 -18.12 14.30 22.25
CA LYS B 51 -18.51 15.21 23.32
C LYS B 51 -17.33 16.02 23.87
N VAL B 52 -16.28 15.33 24.28
CA VAL B 52 -15.12 16.03 24.82
C VAL B 52 -14.60 16.99 23.77
N CYS B 53 -14.79 16.64 22.51
CA CYS B 53 -14.38 17.52 21.43
C CYS B 53 -15.10 18.86 21.52
N CYS B 54 -16.39 18.84 21.82
CA CYS B 54 -17.17 20.07 21.90
C CYS B 54 -17.33 20.55 23.33
N SER B 55 -16.29 20.39 24.14
CA SER B 55 -16.36 20.79 25.54
C SER B 55 -16.62 22.28 25.71
N CYS B 56 -15.91 23.10 24.95
CA CYS B 56 -16.06 24.56 25.06
C CYS B 56 -15.63 25.08 26.42
N SER B 57 -14.74 24.35 27.09
CA SER B 57 -14.20 24.83 28.35
C SER B 57 -13.48 26.16 28.15
N PRO B 58 -13.54 27.05 29.14
CA PRO B 58 -12.90 28.36 29.01
C PRO B 58 -11.41 28.21 28.77
N GLN B 59 -10.76 27.36 29.55
CA GLN B 59 -9.34 27.10 29.43
C GLN B 59 -9.02 26.42 28.09
N LYS B 60 -9.95 25.62 27.59
CA LYS B 60 -9.77 24.97 26.30
C LYS B 60 -9.65 26.00 25.18
N ALA B 61 -10.55 26.97 25.16
CA ALA B 61 -10.53 27.99 24.11
C ALA B 61 -9.22 28.77 24.09
N LYS B 62 -8.72 29.09 25.31
CA LYS B 62 -7.47 29.82 25.40
C LYS B 62 -6.36 29.04 24.72
N ARG B 63 -6.33 27.75 24.91
CA ARG B 63 -5.32 26.91 24.30
C ARG B 63 -5.44 26.96 22.79
N ILE B 64 -6.66 26.82 22.28
CA ILE B 64 -6.86 26.80 20.85
C ILE B 64 -6.41 28.08 20.19
N VAL B 65 -6.81 29.23 20.73
CA VAL B 65 -6.46 30.49 20.10
C VAL B 65 -4.96 30.70 20.13
N LEU B 66 -4.33 30.39 21.25
CA LEU B 66 -2.89 30.52 21.35
C LEU B 66 -2.21 29.60 20.36
N SER B 67 -2.78 28.42 20.15
CA SER B 67 -2.20 27.47 19.23
C SER B 67 -2.25 27.98 17.79
N LEU B 68 -3.27 28.75 17.47
CA LEU B 68 -3.45 29.25 16.11
C LEU B 68 -2.72 30.54 15.87
N PHE B 69 -2.32 31.22 16.95
CA PHE B 69 -1.56 32.44 16.83
C PHE B 69 -0.36 32.28 17.72
N PRO B 70 0.59 31.44 17.29
CA PRO B 70 1.75 31.14 18.14
C PRO B 70 2.57 32.35 18.57
N ILE B 71 2.50 33.45 17.83
CA ILE B 71 3.29 34.63 18.17
C ILE B 71 2.90 35.18 19.54
N ALA B 72 1.66 34.96 19.94
CA ALA B 72 1.20 35.43 21.24
C ALA B 72 1.85 34.70 22.40
N SER B 73 2.52 33.59 22.10
CA SER B 73 3.22 32.85 23.14
C SER B 73 4.72 33.12 23.16
N TRP B 74 5.38 33.05 22.02
CA TRP B 74 6.84 33.21 21.99
C TRP B 74 7.36 34.65 22.01
N LEU B 75 6.59 35.57 21.44
CA LEU B 75 7.03 36.96 21.41
C LEU B 75 7.11 37.57 22.82
N PRO B 76 6.08 37.34 23.65
CA PRO B 76 6.11 37.87 25.02
C PRO B 76 7.24 37.28 25.84
N ALA B 77 7.83 36.18 25.39
CA ALA B 77 8.92 35.54 26.12
C ALA B 77 10.27 35.73 25.45
N TYR B 78 10.42 36.78 24.65
CA TYR B 78 11.65 36.99 23.91
C TYR B 78 12.81 37.46 24.77
N ARG B 79 13.90 36.70 24.80
CA ARG B 79 15.09 37.09 25.53
C ARG B 79 15.88 38.11 24.72
N LEU B 80 15.61 39.39 24.93
CA LEU B 80 16.28 40.44 24.14
C LEU B 80 17.80 40.42 24.20
N LYS B 81 18.36 40.38 25.39
CA LYS B 81 19.80 40.42 25.55
C LYS B 81 20.51 39.25 24.89
N GLU B 82 19.83 38.12 24.77
CA GLU B 82 20.49 36.95 24.22
C GLU B 82 20.12 36.61 22.79
N TRP B 83 19.08 37.24 22.26
CA TRP B 83 18.62 36.87 20.92
C TRP B 83 18.53 37.99 19.90
N LEU B 84 18.40 39.24 20.33
CA LEU B 84 18.19 40.31 19.36
C LEU B 84 19.31 40.47 18.34
N LEU B 85 20.54 40.58 18.79
CA LEU B 85 21.65 40.77 17.88
C LEU B 85 21.81 39.56 16.98
N SER B 86 21.67 38.36 17.56
CA SER B 86 21.78 37.14 16.77
C SER B 86 20.71 37.17 15.71
N ASP B 87 19.47 37.29 16.14
CA ASP B 87 18.35 37.37 15.20
C ASP B 87 18.59 38.42 14.13
N ILE B 88 19.13 39.58 14.50
CA ILE B 88 19.40 40.62 13.52
C ILE B 88 20.41 40.14 12.49
N VAL B 89 21.51 39.52 12.95
CA VAL B 89 22.56 39.09 12.04
C VAL B 89 22.05 37.99 11.12
N SER B 90 21.39 36.98 11.69
CA SER B 90 20.85 35.89 10.90
C SER B 90 19.80 36.39 9.92
N GLY B 91 19.09 37.45 10.30
CA GLY B 91 18.06 38.01 9.43
C GLY B 91 18.61 38.75 8.23
N ILE B 92 19.61 39.60 8.46
CA ILE B 92 20.21 40.33 7.36
C ILE B 92 20.91 39.39 6.40
N SER B 93 21.62 38.41 6.94
CA SER B 93 22.29 37.42 6.12
C SER B 93 21.30 36.61 5.28
N THR B 94 20.26 36.12 5.92
CA THR B 94 19.29 35.26 5.23
C THR B 94 18.49 36.05 4.20
N GLY B 95 18.09 37.26 4.57
CA GLY B 95 17.37 38.11 3.64
C GLY B 95 18.18 38.41 2.40
N ILE B 96 19.48 38.62 2.57
CA ILE B 96 20.35 38.80 1.41
C ILE B 96 20.35 37.54 0.55
N VAL B 97 20.35 36.37 1.18
CA VAL B 97 20.26 35.14 0.40
C VAL B 97 18.89 34.97 -0.24
N ALA B 98 17.83 35.42 0.45
CA ALA B 98 16.47 35.19 -0.02
C ALA B 98 16.15 36.06 -1.23
N VAL B 99 16.71 37.27 -1.29
CA VAL B 99 16.50 38.10 -2.48
C VAL B 99 16.98 37.38 -3.73
N LEU B 100 18.22 36.89 -3.71
CA LEU B 100 18.80 36.23 -4.86
C LEU B 100 18.09 34.92 -5.17
N GLN B 101 17.78 34.14 -4.13
CA GLN B 101 17.03 32.91 -4.34
C GLN B 101 15.66 33.19 -4.95
N GLY B 102 15.00 34.27 -4.53
CA GLY B 102 13.73 34.61 -5.12
C GLY B 102 13.84 34.97 -6.58
N LEU B 103 14.84 35.78 -6.94
CA LEU B 103 15.05 36.09 -8.36
C LEU B 103 15.27 34.82 -9.17
N ALA B 104 16.14 33.92 -8.69
CA ALA B 104 16.44 32.70 -9.42
C ALA B 104 15.20 31.82 -9.56
N PHE B 105 14.43 31.66 -8.48
CA PHE B 105 13.29 30.77 -8.54
C PHE B 105 12.14 31.39 -9.32
N ALA B 106 12.11 32.71 -9.45
CA ALA B 106 11.17 33.33 -10.38
C ALA B 106 11.60 33.10 -11.81
N LEU B 107 12.91 32.98 -12.06
CA LEU B 107 13.35 32.49 -13.35
C LEU B 107 12.87 31.07 -13.60
N LEU B 108 12.88 30.23 -12.57
CA LEU B 108 12.42 28.84 -12.74
C LEU B 108 10.93 28.76 -13.07
N VAL B 109 10.14 29.76 -12.66
CA VAL B 109 8.71 29.76 -12.94
C VAL B 109 8.40 30.39 -14.29
N ASP B 110 9.36 31.07 -14.91
CA ASP B 110 9.19 31.76 -16.20
C ASP B 110 8.24 32.95 -16.04
N ILE B 111 8.47 33.73 -15.00
CA ILE B 111 7.79 35.01 -14.80
C ILE B 111 8.84 36.07 -14.52
N PRO B 112 8.48 37.34 -14.61
CA PRO B 112 9.41 38.41 -14.22
C PRO B 112 9.96 38.18 -12.83
N PRO B 113 11.19 38.63 -12.55
CA PRO B 113 11.87 38.20 -11.33
C PRO B 113 11.46 38.94 -10.05
N VAL B 114 10.79 40.08 -10.18
CA VAL B 114 10.36 40.87 -9.03
C VAL B 114 9.26 40.11 -8.31
N TYR B 115 8.64 39.18 -9.00
CA TYR B 115 7.60 38.37 -8.39
C TYR B 115 8.26 37.39 -7.46
N GLY B 116 9.53 37.07 -7.70
CA GLY B 116 10.26 36.21 -6.80
C GLY B 116 10.47 36.96 -5.51
N LEU B 117 10.67 38.27 -5.61
CA LEU B 117 10.82 39.09 -4.42
C LEU B 117 9.52 39.11 -3.63
N TYR B 118 8.39 39.15 -4.33
CA TYR B 118 7.09 39.10 -3.66
C TYR B 118 6.93 37.76 -2.97
N ALA B 119 7.37 36.70 -3.63
CA ALA B 119 7.28 35.36 -3.07
C ALA B 119 8.16 35.20 -1.85
N SER B 120 9.21 36.00 -1.74
CA SER B 120 10.11 35.94 -0.59
C SER B 120 9.71 36.89 0.52
N PHE B 121 8.63 37.63 0.33
CA PHE B 121 8.22 38.60 1.34
C PHE B 121 6.94 38.23 2.08
N PHE B 122 5.95 37.68 1.40
CA PHE B 122 4.65 37.41 2.04
C PHE B 122 4.53 36.14 2.92
N PRO B 123 5.05 34.96 2.46
CA PRO B 123 4.93 33.81 3.37
C PRO B 123 5.74 33.93 4.65
N ALA B 124 6.90 34.59 4.59
CA ALA B 124 7.69 34.80 5.81
C ALA B 124 6.93 35.66 6.80
N ILE B 125 6.24 36.69 6.32
CA ILE B 125 5.51 37.59 7.20
C ILE B 125 4.30 36.89 7.81
N ILE B 126 3.64 36.03 7.04
CA ILE B 126 2.49 35.32 7.62
C ILE B 126 2.96 34.25 8.60
N TYR B 127 4.05 33.55 8.26
CA TYR B 127 4.57 32.50 9.12
C TYR B 127 5.15 33.05 10.41
N LEU B 128 5.62 34.31 10.41
CA LEU B 128 6.04 34.95 11.64
C LEU B 128 4.92 34.93 12.68
N PHE B 129 3.67 35.04 12.24
CA PHE B 129 2.53 35.06 13.14
C PHE B 129 1.95 33.68 13.39
N PHE B 130 1.78 32.89 12.34
CA PHE B 130 1.10 31.61 12.50
C PHE B 130 2.03 30.41 12.52
N GLY B 131 3.32 30.64 12.33
CA GLY B 131 4.26 29.54 12.28
C GLY B 131 4.76 29.04 13.61
N THR B 132 5.13 27.77 13.66
CA THR B 132 5.63 27.18 14.90
C THR B 132 7.14 26.93 14.86
N SER B 133 7.75 26.99 13.68
CA SER B 133 9.20 26.83 13.60
C SER B 133 9.87 28.12 14.00
N ARG B 134 11.09 28.02 14.49
CA ARG B 134 11.81 29.21 14.91
C ARG B 134 13.07 29.38 14.08
N HIS B 135 13.28 28.51 13.13
CA HIS B 135 14.53 28.56 12.39
C HIS B 135 14.39 28.47 10.88
N ILE B 136 13.27 27.95 10.40
CA ILE B 136 13.14 27.75 8.96
C ILE B 136 12.90 29.05 8.24
N SER B 137 13.58 29.22 7.13
CA SER B 137 13.30 30.40 6.33
C SER B 137 12.17 30.06 5.36
N VAL B 138 11.17 30.93 5.29
CA VAL B 138 9.96 30.64 4.52
C VAL B 138 10.03 31.40 3.21
N GLY B 139 9.80 30.68 2.10
CA GLY B 139 9.92 31.25 0.78
C GLY B 139 10.02 30.14 -0.25
N PRO B 140 10.36 30.49 -1.48
CA PRO B 140 10.42 29.50 -2.55
C PRO B 140 11.70 28.66 -2.48
N PHE B 141 11.59 27.44 -3.01
CA PHE B 141 12.73 26.57 -3.18
C PHE B 141 12.65 25.95 -4.58
N PRO B 142 13.77 25.46 -5.11
CA PRO B 142 13.80 25.11 -6.55
C PRO B 142 12.77 24.09 -6.98
N ILE B 143 12.58 23.02 -6.21
CA ILE B 143 11.65 21.97 -6.61
C ILE B 143 10.24 22.52 -6.71
N LEU B 144 9.81 23.33 -5.74
CA LEU B 144 8.46 23.85 -5.79
C LEU B 144 8.31 24.91 -6.87
N SER B 145 9.34 25.70 -7.13
CA SER B 145 9.25 26.67 -8.23
C SER B 145 9.12 25.94 -9.56
N MET B 146 9.81 24.81 -9.72
CA MET B 146 9.66 24.02 -10.93
C MET B 146 8.26 23.42 -11.04
N MET B 147 7.74 22.89 -9.95
CA MET B 147 6.39 22.35 -9.95
C MET B 147 5.36 23.44 -10.29
N VAL B 148 5.53 24.64 -9.75
CA VAL B 148 4.61 25.74 -10.04
C VAL B 148 4.73 26.16 -11.50
N GLY B 149 5.96 26.22 -12.02
CA GLY B 149 6.12 26.57 -13.43
C GLY B 149 5.46 25.56 -14.35
N LEU B 150 5.64 24.28 -14.10
CA LEU B 150 5.03 23.30 -14.94
C LEU B 150 3.52 23.45 -14.93
N ALA B 151 2.95 23.75 -13.77
CA ALA B 151 1.52 23.92 -13.66
C ALA B 151 1.00 25.07 -14.51
N VAL B 152 1.69 26.20 -14.49
CA VAL B 152 1.25 27.35 -15.25
C VAL B 152 1.35 27.14 -16.75
N SER B 153 2.39 26.44 -17.20
CA SER B 153 2.53 26.15 -18.62
C SER B 153 1.38 25.29 -19.07
N GLY B 154 0.97 24.33 -18.23
CA GLY B 154 -0.17 23.50 -18.55
C GLY B 154 -1.46 24.29 -18.55
N ALA B 155 -1.62 25.18 -17.59
CA ALA B 155 -2.82 25.99 -17.51
C ALA B 155 -2.98 26.91 -18.72
N VAL B 156 -1.89 27.52 -19.16
CA VAL B 156 -1.97 28.43 -20.31
C VAL B 156 -2.34 27.63 -21.55
N SER B 157 -1.84 26.40 -21.65
CA SER B 157 -2.20 25.55 -22.77
C SER B 157 -3.66 25.15 -22.74
N LYS B 158 -4.20 24.92 -21.54
CA LYS B 158 -5.58 24.46 -21.42
C LYS B 158 -6.59 25.57 -21.19
N ALA B 159 -6.45 26.70 -21.88
CA ALA B 159 -7.35 27.83 -21.63
C ALA B 159 -8.23 28.20 -22.84
N VAL B 160 -9.55 28.08 -22.70
CA VAL B 160 -10.47 28.45 -23.78
C VAL B 160 -10.40 29.96 -23.99
N PRO B 161 -9.99 30.42 -25.17
CA PRO B 161 -9.81 31.85 -25.46
C PRO B 161 -11.13 32.59 -25.60
N LEU B 180 4.43 40.83 -23.49
CA LEU B 180 4.09 41.22 -22.14
C LEU B 180 2.82 40.49 -21.79
N ASP B 181 2.01 40.21 -22.81
CA ASP B 181 0.78 39.47 -22.59
C ASP B 181 1.11 38.09 -22.08
N ASP B 182 2.13 37.47 -22.66
CA ASP B 182 2.55 36.15 -22.20
C ASP B 182 3.02 36.24 -20.77
N GLU B 183 3.80 37.26 -20.45
CA GLU B 183 4.25 37.44 -19.08
C GLU B 183 3.06 37.65 -18.17
N ARG B 184 2.12 38.47 -18.59
CA ARG B 184 0.94 38.75 -17.78
C ARG B 184 0.12 37.49 -17.55
N VAL B 185 -0.06 36.69 -18.58
CA VAL B 185 -0.82 35.46 -18.45
C VAL B 185 -0.13 34.47 -17.52
N ARG B 186 1.18 34.35 -17.65
CA ARG B 186 1.92 33.45 -16.78
C ARG B 186 1.87 33.92 -15.33
N VAL B 187 2.01 35.22 -15.12
CA VAL B 187 1.98 35.76 -13.76
C VAL B 187 0.63 35.51 -13.13
N ALA B 188 -0.44 35.69 -13.90
CA ALA B 188 -1.78 35.46 -13.38
C ALA B 188 -1.99 34.00 -13.00
N ALA B 189 -1.46 33.09 -13.81
CA ALA B 189 -1.59 31.66 -13.51
C ALA B 189 -0.78 31.25 -12.29
N ALA B 190 0.42 31.80 -12.13
CA ALA B 190 1.26 31.49 -10.98
C ALA B 190 0.60 31.87 -9.67
N ALA B 191 -0.17 32.94 -9.66
CA ALA B 191 -0.90 33.40 -8.48
C ALA B 191 -2.07 32.48 -8.16
N SER B 192 -2.81 32.04 -9.18
CA SER B 192 -3.98 31.20 -8.91
C SER B 192 -3.57 29.81 -8.44
N VAL B 193 -2.53 29.24 -9.03
CA VAL B 193 -2.01 27.96 -8.55
C VAL B 193 -1.56 28.07 -7.10
N THR B 194 -0.92 29.18 -6.76
CA THR B 194 -0.47 29.40 -5.39
C THR B 194 -1.64 29.48 -4.42
N VAL B 195 -2.68 30.23 -4.79
CA VAL B 195 -3.84 30.37 -3.90
C VAL B 195 -4.51 29.01 -3.71
N LEU B 196 -4.61 28.22 -4.77
CA LEU B 196 -5.25 26.92 -4.63
C LEU B 196 -4.44 25.97 -3.76
N SER B 197 -3.12 25.93 -3.94
CA SER B 197 -2.31 25.05 -3.11
C SER B 197 -2.30 25.51 -1.65
N GLY B 198 -2.32 26.83 -1.42
CA GLY B 198 -2.45 27.32 -0.07
C GLY B 198 -3.79 26.97 0.56
N ILE B 199 -4.85 27.07 -0.23
CA ILE B 199 -6.17 26.68 0.25
C ILE B 199 -6.15 25.21 0.61
N ILE B 200 -5.55 24.40 -0.24
CA ILE B 200 -5.45 22.99 0.05
C ILE B 200 -4.66 22.79 1.33
N GLN B 201 -3.57 23.52 1.48
CA GLN B 201 -2.79 23.44 2.70
C GLN B 201 -3.59 23.90 3.92
N LEU B 202 -4.35 24.97 3.77
CA LEU B 202 -5.16 25.47 4.88
C LEU B 202 -6.23 24.45 5.23
N ALA B 203 -6.80 23.80 4.24
CA ALA B 203 -7.82 22.79 4.48
C ALA B 203 -7.27 21.61 5.25
N PHE B 204 -6.11 21.11 4.85
CA PHE B 204 -5.50 19.97 5.52
C PHE B 204 -5.15 20.26 6.97
N GLY B 205 -4.77 21.49 7.27
CA GLY B 205 -4.45 21.87 8.64
C GLY B 205 -5.67 22.05 9.51
N ILE B 206 -6.79 22.47 8.92
CA ILE B 206 -8.02 22.62 9.69
C ILE B 206 -8.62 21.27 10.03
N LEU B 207 -8.58 20.33 9.09
CA LEU B 207 -9.08 18.98 9.31
C LEU B 207 -8.13 18.11 10.13
N ARG B 208 -7.01 18.66 10.60
CA ARG B 208 -6.08 17.97 11.48
C ARG B 208 -5.50 16.71 10.83
N ILE B 209 -5.08 16.84 9.57
CA ILE B 209 -4.51 15.71 8.83
C ILE B 209 -3.01 15.93 8.71
N GLY B 210 -2.43 16.61 9.67
CA GLY B 210 -1.02 16.96 9.61
C GLY B 210 -0.05 15.80 9.72
N PHE B 211 -0.56 14.57 9.71
CA PHE B 211 0.26 13.37 9.79
C PHE B 211 0.45 12.71 8.44
N VAL B 212 0.12 13.38 7.35
CA VAL B 212 0.30 12.79 6.02
C VAL B 212 1.77 12.63 5.69
N VAL B 213 2.65 13.41 6.36
CA VAL B 213 4.07 13.32 6.09
C VAL B 213 4.64 11.95 6.40
N ILE B 214 3.91 11.13 7.15
CA ILE B 214 4.38 9.77 7.45
C ILE B 214 4.23 8.84 6.25
N TYR B 215 3.45 9.23 5.24
CA TYR B 215 3.25 8.39 4.07
C TYR B 215 4.36 8.53 3.04
N LEU B 216 5.45 9.22 3.39
CA LEU B 216 6.61 9.36 2.51
C LEU B 216 7.82 8.87 3.29
N SER B 217 8.44 7.80 2.83
CA SER B 217 9.57 7.23 3.52
C SER B 217 10.83 8.04 3.23
N GLU B 218 11.92 7.67 3.92
CA GLU B 218 13.19 8.34 3.69
C GLU B 218 13.71 8.08 2.29
N SER B 219 13.53 6.86 1.78
CA SER B 219 14.06 6.52 0.46
C SER B 219 13.20 7.10 -0.65
N LEU B 220 11.88 7.17 -0.45
CA LEU B 220 11.02 7.86 -1.40
C LEU B 220 11.41 9.33 -1.51
N ILE B 221 11.59 9.99 -0.37
CA ILE B 221 12.01 11.39 -0.39
C ILE B 221 13.38 11.53 -1.01
N SER B 222 14.28 10.60 -0.73
CA SER B 222 15.63 10.67 -1.27
C SER B 222 15.61 10.58 -2.80
N GLY B 223 14.94 9.56 -3.34
CA GLY B 223 14.89 9.42 -4.78
C GLY B 223 14.16 10.55 -5.45
N PHE B 224 13.06 11.01 -4.84
CA PHE B 224 12.31 12.13 -5.40
C PHE B 224 13.15 13.40 -5.42
N THR B 225 13.92 13.65 -4.36
CA THR B 225 14.66 14.90 -4.30
C THR B 225 15.91 14.88 -5.19
N THR B 226 16.55 13.72 -5.36
CA THR B 226 17.68 13.71 -6.30
C THR B 226 17.19 13.74 -7.75
N ALA B 227 16.05 13.10 -8.03
CA ALA B 227 15.44 13.24 -9.36
C ALA B 227 15.04 14.68 -9.62
N ALA B 228 14.53 15.37 -8.60
CA ALA B 228 14.17 16.78 -8.77
C ALA B 228 15.39 17.65 -8.89
N ALA B 229 16.51 17.28 -8.25
CA ALA B 229 17.75 18.02 -8.45
C ALA B 229 18.25 17.86 -9.86
N VAL B 230 18.07 16.68 -10.45
CA VAL B 230 18.41 16.50 -11.87
C VAL B 230 17.49 17.33 -12.75
N HIS B 231 16.20 17.38 -12.40
CA HIS B 231 15.25 18.25 -13.09
C HIS B 231 15.71 19.70 -13.07
N VAL B 232 16.13 20.19 -11.91
CA VAL B 232 16.53 21.58 -11.77
C VAL B 232 17.84 21.84 -12.50
N LEU B 233 18.77 20.89 -12.43
CA LEU B 233 20.01 20.99 -13.21
C LEU B 233 19.69 21.16 -14.69
N VAL B 234 18.74 20.36 -15.20
CA VAL B 234 18.36 20.48 -16.61
C VAL B 234 17.67 21.81 -16.87
N SER B 235 16.88 22.31 -15.91
CA SER B 235 16.15 23.55 -16.10
C SER B 235 17.04 24.78 -16.13
N GLN B 236 18.21 24.72 -15.50
CA GLN B 236 19.11 25.87 -15.50
C GLN B 236 19.96 25.96 -16.75
N LEU B 237 19.81 25.02 -17.69
CA LEU B 237 20.69 25.00 -18.85
C LEU B 237 20.34 26.11 -19.83
N LYS B 238 19.06 26.46 -19.96
CA LYS B 238 18.68 27.55 -20.84
C LYS B 238 19.17 28.90 -20.36
N PHE B 239 19.60 29.01 -19.11
CA PHE B 239 20.12 30.27 -18.56
C PHE B 239 21.64 30.32 -18.55
N ILE B 240 22.31 29.18 -18.35
CA ILE B 240 23.76 29.14 -18.48
C ILE B 240 24.17 29.45 -19.91
N PHE B 241 23.52 28.80 -20.88
CA PHE B 241 23.82 29.00 -22.29
C PHE B 241 23.10 30.18 -22.92
N GLN B 242 22.02 30.66 -22.29
CA GLN B 242 21.15 31.69 -22.85
C GLN B 242 20.47 31.24 -24.13
N LEU B 243 19.76 30.11 -24.07
CA LEU B 243 18.98 29.62 -25.19
C LEU B 243 17.49 29.83 -24.92
N THR B 244 16.70 29.69 -25.98
CA THR B 244 15.25 29.86 -25.92
C THR B 244 14.60 28.48 -26.02
N VAL B 245 14.06 28.01 -24.92
CA VAL B 245 13.48 26.67 -24.82
C VAL B 245 11.98 26.82 -24.60
N PRO B 246 11.14 26.07 -25.30
CA PRO B 246 9.68 26.16 -25.08
C PRO B 246 9.26 25.76 -23.68
N SER B 247 7.99 26.00 -23.35
CA SER B 247 7.44 25.61 -22.06
C SER B 247 6.91 24.20 -22.18
N HIS B 248 7.83 23.27 -22.06
CA HIS B 248 7.57 21.86 -22.16
C HIS B 248 6.81 21.41 -20.95
N THR B 249 6.01 20.39 -21.13
CA THR B 249 5.22 19.86 -20.05
C THR B 249 5.51 18.38 -19.93
N ASP B 250 5.13 17.80 -18.81
CA ASP B 250 5.35 16.38 -18.61
C ASP B 250 4.31 15.57 -19.37
N PRO B 251 4.64 14.33 -19.74
CA PRO B 251 5.78 13.51 -19.30
C PRO B 251 7.05 13.81 -20.05
N VAL B 252 8.17 13.42 -19.48
CA VAL B 252 9.49 13.55 -20.08
C VAL B 252 9.90 14.97 -20.46
N SER B 253 9.45 15.96 -19.72
CA SER B 253 9.81 17.32 -20.02
C SER B 253 11.28 17.54 -19.84
N ILE B 254 11.93 16.78 -18.96
CA ILE B 254 13.36 16.99 -18.79
C ILE B 254 14.13 16.66 -20.05
N PHE B 255 13.71 15.63 -20.77
CA PHE B 255 14.38 15.24 -22.01
C PHE B 255 14.06 16.21 -23.14
N LYS B 256 12.83 16.72 -23.18
CA LYS B 256 12.46 17.71 -24.18
C LYS B 256 13.34 18.94 -24.00
N VAL B 257 13.53 19.35 -22.75
CA VAL B 257 14.37 20.50 -22.46
C VAL B 257 15.82 20.25 -22.86
N LEU B 258 16.32 19.06 -22.57
CA LEU B 258 17.70 18.74 -22.91
C LEU B 258 17.90 18.77 -24.41
N TYR B 259 16.93 18.27 -25.17
CA TYR B 259 17.03 18.30 -26.62
C TYR B 259 17.02 19.72 -27.13
N SER B 260 16.11 20.53 -26.63
CA SER B 260 16.03 21.91 -27.07
C SER B 260 17.35 22.60 -26.81
N VAL B 261 17.96 22.32 -25.68
CA VAL B 261 19.21 22.98 -25.33
C VAL B 261 20.39 22.54 -26.20
N PHE B 262 20.61 21.24 -26.30
CA PHE B 262 21.79 20.77 -27.03
C PHE B 262 21.60 20.82 -28.53
N SER B 263 20.36 20.91 -28.99
CA SER B 263 20.10 21.08 -30.40
C SER B 263 20.57 22.47 -30.80
N GLN B 264 20.40 23.44 -29.92
CA GLN B 264 20.82 24.81 -30.21
C GLN B 264 22.09 25.14 -29.49
N ILE B 265 22.87 24.12 -29.15
CA ILE B 265 24.06 24.36 -28.33
C ILE B 265 25.08 25.29 -28.97
N GLU B 266 25.05 25.40 -30.29
CA GLU B 266 26.03 26.23 -30.99
C GLU B 266 25.76 27.73 -30.83
N LYS B 267 24.56 28.08 -30.35
CA LYS B 267 24.22 29.49 -30.15
C LYS B 267 24.60 29.95 -28.75
N THR B 268 25.27 29.10 -27.97
CA THR B 268 25.62 29.44 -26.60
C THR B 268 26.39 30.74 -26.48
N ASN B 269 26.01 31.60 -25.54
CA ASN B 269 26.74 32.83 -25.30
C ASN B 269 27.90 32.50 -24.40
N ILE B 270 29.12 32.63 -24.90
CA ILE B 270 30.29 32.25 -24.12
C ILE B 270 30.45 33.07 -22.84
N ALA B 271 30.21 34.37 -22.91
CA ALA B 271 30.37 35.22 -21.74
C ALA B 271 29.50 34.73 -20.60
N ASP B 272 28.24 34.42 -20.90
CA ASP B 272 27.35 33.89 -19.88
C ASP B 272 27.90 32.60 -19.30
N LEU B 273 28.32 31.69 -20.16
CA LEU B 273 28.83 30.40 -19.71
C LEU B 273 30.07 30.54 -18.85
N VAL B 274 31.03 31.33 -19.30
CA VAL B 274 32.24 31.54 -18.52
C VAL B 274 31.84 32.13 -17.19
N THR B 275 31.01 33.17 -17.22
CA THR B 275 30.51 33.73 -15.99
C THR B 275 29.84 32.63 -15.15
N ALA B 276 28.83 31.96 -15.71
CA ALA B 276 28.15 30.97 -14.89
C ALA B 276 29.14 29.95 -14.33
N LEU B 277 30.11 29.53 -15.14
CA LEU B 277 31.09 28.57 -14.66
C LEU B 277 31.98 29.16 -13.59
N ILE B 278 32.38 30.43 -13.75
CA ILE B 278 33.22 31.07 -12.74
C ILE B 278 32.46 31.23 -11.44
N VAL B 279 31.21 31.69 -11.52
CA VAL B 279 30.41 31.87 -10.31
C VAL B 279 30.17 30.53 -9.62
N LEU B 280 29.84 29.50 -10.39
CA LEU B 280 29.60 28.17 -9.83
C LEU B 280 30.85 27.62 -9.15
N LEU B 281 32.01 27.76 -9.80
CA LEU B 281 33.25 27.26 -9.23
C LEU B 281 33.58 27.96 -7.92
N VAL B 282 33.63 29.29 -7.91
CA VAL B 282 34.05 30.01 -6.70
C VAL B 282 33.17 29.73 -5.49
N VAL B 283 31.86 29.81 -5.67
CA VAL B 283 30.95 29.60 -4.55
C VAL B 283 31.15 28.23 -3.95
N SER B 284 31.36 27.22 -4.79
CA SER B 284 31.54 25.86 -4.31
C SER B 284 32.71 25.76 -3.33
N ILE B 285 33.85 26.31 -3.72
CA ILE B 285 35.02 26.26 -2.84
C ILE B 285 34.76 26.98 -1.52
N VAL B 286 34.17 28.17 -1.60
CA VAL B 286 33.96 28.95 -0.38
C VAL B 286 32.97 28.24 0.55
N LYS B 287 31.97 27.59 -0.02
CA LYS B 287 30.98 26.89 0.79
C LYS B 287 31.61 25.74 1.56
N GLU B 288 32.54 25.02 0.94
CA GLU B 288 33.21 23.93 1.61
C GLU B 288 34.09 24.49 2.72
N ILE B 289 34.72 25.63 2.48
CA ILE B 289 35.52 26.25 3.52
C ILE B 289 34.62 26.60 4.69
N ASN B 290 33.43 27.09 4.40
CA ASN B 290 32.47 27.44 5.45
C ASN B 290 32.04 26.21 6.23
N GLN B 291 32.02 25.07 5.57
CA GLN B 291 31.60 23.83 6.24
C GLN B 291 32.77 23.16 6.96
N ARG B 292 33.99 23.51 6.58
CA ARG B 292 35.17 22.92 7.22
C ARG B 292 35.67 23.78 8.36
N PHE B 293 36.02 25.02 8.07
CA PHE B 293 36.52 25.91 9.10
C PHE B 293 35.36 26.58 9.79
N LYS B 294 34.26 25.83 9.83
CA LYS B 294 32.99 26.25 10.42
C LYS B 294 33.12 26.86 11.81
N ASP B 295 33.54 26.05 12.77
CA ASP B 295 33.68 26.51 14.13
C ASP B 295 34.73 27.61 14.26
N LYS B 296 35.82 27.50 13.49
CA LYS B 296 36.84 28.52 13.51
C LYS B 296 36.28 29.85 13.01
N LEU B 297 35.46 29.79 11.97
CA LEU B 297 34.83 30.99 11.38
C LEU B 297 33.82 31.61 12.32
N PRO B 298 33.84 32.94 12.44
CA PRO B 298 32.90 33.60 13.33
C PRO B 298 31.54 33.62 12.67
N VAL B 299 31.51 33.94 11.38
CA VAL B 299 30.27 33.95 10.63
C VAL B 299 30.56 33.29 9.31
N PRO B 300 29.61 32.51 8.79
CA PRO B 300 29.85 31.96 7.46
C PRO B 300 30.20 33.04 6.46
N ILE B 301 31.14 32.79 5.56
CA ILE B 301 31.47 33.76 4.53
C ILE B 301 30.34 33.84 3.51
N PRO B 302 29.79 35.05 3.31
CA PRO B 302 28.68 35.22 2.36
C PRO B 302 29.15 35.25 0.92
N ILE B 303 29.34 34.10 0.29
CA ILE B 303 29.89 34.10 -1.05
C ILE B 303 28.85 34.57 -2.07
N GLU B 304 27.58 34.26 -1.83
CA GLU B 304 26.53 34.63 -2.77
C GLU B 304 26.43 36.14 -2.93
N PHE B 305 26.38 36.85 -1.81
CA PHE B 305 26.32 38.30 -1.87
C PHE B 305 27.55 38.88 -2.53
N ILE B 306 28.73 38.43 -2.13
CA ILE B 306 29.97 38.97 -2.68
C ILE B 306 30.05 38.74 -4.18
N MET B 307 29.76 37.53 -4.62
CA MET B 307 29.84 37.22 -6.03
C MET B 307 28.85 38.02 -6.85
N THR B 308 27.61 38.12 -6.37
CA THR B 308 26.59 38.87 -7.09
C THR B 308 26.96 40.34 -7.19
N VAL B 309 27.55 40.88 -6.13
CA VAL B 309 27.97 42.28 -6.15
C VAL B 309 29.10 42.49 -7.17
N ILE B 310 30.09 41.62 -7.16
CA ILE B 310 31.18 41.73 -8.12
C ILE B 310 30.65 41.50 -9.52
N ALA B 311 29.80 40.50 -9.68
CA ALA B 311 29.22 40.22 -10.98
C ALA B 311 28.42 41.40 -11.48
N ALA B 312 27.62 41.99 -10.61
CA ALA B 312 26.80 43.13 -10.99
C ALA B 312 27.70 44.29 -11.34
N GLY B 313 28.76 44.48 -10.57
CA GLY B 313 29.69 45.57 -10.83
C GLY B 313 30.42 45.46 -12.15
N VAL B 314 31.07 44.33 -12.40
CA VAL B 314 31.81 44.14 -13.64
C VAL B 314 30.90 44.16 -14.86
N SER B 315 29.70 43.64 -14.73
CA SER B 315 28.74 43.69 -15.84
C SER B 315 28.36 45.13 -16.13
N TYR B 316 28.17 45.94 -15.10
CA TYR B 316 27.80 47.34 -15.29
C TYR B 316 28.95 48.17 -15.82
N GLY B 317 30.12 48.02 -15.24
CA GLY B 317 31.27 48.77 -15.68
C GLY B 317 31.70 48.45 -17.08
N CYS B 318 31.64 47.18 -17.46
CA CYS B 318 32.07 46.76 -18.78
C CYS B 318 30.91 46.63 -19.75
N ASP B 319 29.71 46.95 -19.29
CA ASP B 319 28.53 46.87 -20.14
C ASP B 319 28.47 45.56 -20.90
N PHE B 320 28.35 44.46 -20.16
CA PHE B 320 28.30 43.15 -20.79
C PHE B 320 27.06 43.01 -21.64
N LYS B 321 25.98 43.67 -21.24
CA LYS B 321 24.72 43.56 -21.97
C LYS B 321 24.90 43.92 -23.43
N ASN B 322 25.75 44.91 -23.67
CA ASN B 322 26.01 45.40 -25.00
C ASN B 322 27.30 44.83 -25.56
N ARG B 323 28.34 44.82 -24.75
CA ARG B 323 29.61 44.29 -25.19
C ARG B 323 29.55 42.80 -25.52
N PHE B 324 28.82 42.03 -24.72
CA PHE B 324 28.71 40.60 -24.96
C PHE B 324 27.29 40.15 -25.16
N LYS B 325 26.35 41.09 -25.07
CA LYS B 325 24.91 40.83 -25.21
C LYS B 325 24.40 39.78 -24.23
N VAL B 326 24.89 39.81 -22.99
CA VAL B 326 24.50 38.86 -21.96
C VAL B 326 23.10 39.18 -21.49
N ALA B 327 22.41 38.17 -20.99
CA ALA B 327 21.03 38.35 -20.54
C ALA B 327 20.99 38.84 -19.11
N VAL B 328 20.38 39.99 -18.89
CA VAL B 328 20.36 40.55 -17.55
C VAL B 328 18.98 40.56 -16.93
N VAL B 329 18.97 40.78 -15.61
CA VAL B 329 17.79 40.86 -14.77
C VAL B 329 16.91 42.02 -15.18
N GLY B 330 17.51 43.16 -15.46
CA GLY B 330 16.79 44.33 -15.93
C GLY B 330 16.07 45.14 -14.90
N ASP B 331 15.35 46.15 -15.37
CA ASP B 331 14.58 47.02 -14.50
C ASP B 331 13.34 46.33 -13.94
N MET B 332 13.07 46.58 -12.66
CA MET B 332 11.91 46.02 -11.98
C MET B 332 11.10 47.19 -11.47
N ASN B 333 9.78 47.14 -11.61
CA ASN B 333 8.95 48.22 -11.10
C ASN B 333 9.21 48.27 -9.61
N PRO B 334 9.59 49.45 -9.10
CA PRO B 334 9.94 49.62 -7.69
C PRO B 334 8.78 49.69 -6.72
N GLY B 335 8.06 48.59 -6.54
CA GLY B 335 6.97 48.60 -5.61
C GLY B 335 6.24 47.29 -5.66
N PHE B 336 5.13 47.21 -4.96
CA PHE B 336 4.29 46.02 -4.96
C PHE B 336 3.16 46.13 -5.97
N GLN B 337 2.59 45.00 -6.35
CA GLN B 337 1.48 45.00 -7.29
C GLN B 337 0.16 45.02 -6.56
N PRO B 338 -0.88 45.56 -7.20
CA PRO B 338 -2.21 45.53 -6.60
C PRO B 338 -2.74 44.11 -6.45
N PRO B 339 -3.61 43.87 -5.48
CA PRO B 339 -4.19 42.54 -5.26
C PRO B 339 -4.87 41.97 -6.50
N ILE B 340 -4.97 40.66 -6.59
CA ILE B 340 -5.57 40.02 -7.76
C ILE B 340 -6.60 38.97 -7.36
N THR B 341 -7.61 38.74 -8.17
CA THR B 341 -8.59 37.72 -7.87
C THR B 341 -8.08 36.50 -8.59
N PRO B 342 -8.10 35.34 -7.93
CA PRO B 342 -7.64 34.13 -8.59
C PRO B 342 -8.57 33.73 -9.72
N ASP B 343 -8.02 33.08 -10.74
CA ASP B 343 -8.79 32.66 -11.89
C ASP B 343 -9.29 31.24 -11.65
N VAL B 344 -10.61 31.05 -11.70
CA VAL B 344 -11.23 29.74 -11.48
C VAL B 344 -10.94 28.79 -12.64
N GLU B 345 -10.86 29.31 -13.86
CA GLU B 345 -10.44 28.47 -14.97
C GLU B 345 -9.08 27.87 -14.68
N THR B 346 -8.14 28.68 -14.18
CA THR B 346 -6.84 28.16 -13.81
C THR B 346 -7.00 27.14 -12.69
N PHE B 347 -7.85 27.44 -11.71
CA PHE B 347 -8.12 26.49 -10.62
C PHE B 347 -8.54 25.13 -11.15
N GLN B 348 -9.53 25.11 -12.04
CA GLN B 348 -10.03 23.86 -12.59
C GLN B 348 -9.00 23.11 -13.38
N ASN B 349 -8.21 23.84 -14.14
CA ASN B 349 -7.19 23.25 -14.97
C ASN B 349 -5.95 22.81 -14.27
N THR B 350 -5.77 23.21 -13.00
CA THR B 350 -4.53 22.90 -12.29
C THR B 350 -4.73 22.26 -10.92
N VAL B 351 -5.93 21.77 -10.65
CA VAL B 351 -6.21 21.26 -9.31
C VAL B 351 -5.24 20.15 -8.86
N GLY B 352 -4.97 19.18 -9.74
CA GLY B 352 -4.04 18.12 -9.40
C GLY B 352 -2.64 18.61 -9.16
N ASP B 353 -2.16 19.53 -9.99
CA ASP B 353 -0.84 20.10 -9.80
C ASP B 353 -0.75 20.82 -8.45
N CYS B 354 -1.80 21.56 -8.11
CA CYS B 354 -1.82 22.28 -6.84
C CYS B 354 -1.79 21.33 -5.64
N PHE B 355 -2.39 20.15 -5.78
CA PHE B 355 -2.38 19.15 -4.72
C PHE B 355 -0.98 18.63 -4.50
N GLY B 356 -0.27 18.41 -5.59
CA GLY B 356 1.10 17.97 -5.56
C GLY B 356 2.05 19.00 -5.00
N ILE B 357 1.82 20.25 -5.36
CA ILE B 357 2.62 21.36 -4.86
C ILE B 357 2.44 21.53 -3.37
N ALA B 358 1.21 21.39 -2.89
CA ALA B 358 0.90 21.49 -1.48
C ALA B 358 1.57 20.40 -0.65
N MET B 359 1.55 19.16 -1.12
CA MET B 359 2.20 18.08 -0.39
C MET B 359 3.70 18.26 -0.30
N VAL B 360 4.33 18.63 -1.40
CA VAL B 360 5.76 18.84 -1.48
C VAL B 360 6.26 19.99 -0.62
N ALA B 361 5.52 21.08 -0.63
CA ALA B 361 5.86 22.24 0.15
C ALA B 361 5.80 21.89 1.63
N PHE B 362 4.75 21.18 2.04
CA PHE B 362 4.63 20.73 3.41
C PHE B 362 5.62 19.66 3.83
N ALA B 363 5.86 18.69 2.97
CA ALA B 363 6.79 17.62 3.27
C ALA B 363 8.19 18.16 3.45
N VAL B 364 8.57 19.10 2.60
CA VAL B 364 9.88 19.71 2.65
C VAL B 364 10.02 20.65 3.83
N ALA B 365 9.03 21.50 4.06
CA ALA B 365 9.09 22.42 5.18
C ALA B 365 9.10 21.71 6.51
N PHE B 366 8.28 20.68 6.66
CA PHE B 366 8.21 19.91 7.88
C PHE B 366 9.51 19.18 8.18
N SER B 367 10.08 18.62 7.13
CA SER B 367 11.34 17.92 7.25
C SER B 367 12.49 18.82 7.69
N VAL B 368 12.58 20.02 7.12
CA VAL B 368 13.59 20.98 7.51
C VAL B 368 13.33 21.49 8.93
N ALA B 369 12.07 21.74 9.23
CA ALA B 369 11.67 22.24 10.54
C ALA B 369 11.98 21.25 11.64
N SER B 370 11.78 19.97 11.35
CA SER B 370 12.01 18.86 12.26
C SER B 370 13.45 18.74 12.68
N VAL B 371 14.36 18.97 11.75
CA VAL B 371 15.75 18.92 12.05
C VAL B 371 16.07 19.98 13.09
N TYR B 372 15.46 21.15 13.00
CA TYR B 372 15.78 22.17 13.98
C TYR B 372 15.01 22.01 15.27
N SER B 373 13.81 21.44 15.19
CA SER B 373 13.04 21.17 16.40
C SER B 373 13.71 20.06 17.21
N LEU B 374 14.18 18.99 16.57
CA LEU B 374 14.92 17.97 17.30
C LEU B 374 16.28 18.49 17.75
N LYS B 375 16.92 19.33 16.92
CA LYS B 375 18.23 19.86 17.29
C LYS B 375 18.14 20.81 18.49
N TYR B 376 17.06 21.58 18.60
CA TYR B 376 16.94 22.58 19.64
C TYR B 376 15.85 22.28 20.66
N ASP B 377 15.17 21.14 20.53
CA ASP B 377 14.30 20.60 21.58
C ASP B 377 13.11 21.53 21.87
N TYR B 378 12.33 21.80 20.83
CA TYR B 378 11.07 22.50 21.00
C TYR B 378 10.00 21.77 20.20
N PRO B 379 8.75 21.81 20.64
CA PRO B 379 7.68 21.10 19.94
C PRO B 379 7.33 21.74 18.61
N LEU B 380 6.85 20.90 17.69
CA LEU B 380 6.51 21.33 16.34
C LEU B 380 5.16 20.74 15.96
N ASP B 381 4.20 21.61 15.70
CA ASP B 381 2.86 21.18 15.29
C ASP B 381 2.65 21.23 13.79
N GLY B 382 2.48 20.08 13.15
CA GLY B 382 2.26 20.02 11.71
C GLY B 382 0.99 20.68 11.22
N ASN B 383 -0.09 20.56 11.98
CA ASN B 383 -1.35 21.16 11.59
C ASN B 383 -1.24 22.67 11.52
N GLN B 384 -0.58 23.27 12.50
CA GLN B 384 -0.39 24.70 12.52
C GLN B 384 0.52 25.10 11.36
N GLU B 385 1.49 24.25 11.03
CA GLU B 385 2.36 24.52 9.91
C GLU B 385 1.59 24.60 8.62
N LEU B 386 0.70 23.63 8.39
CA LEU B 386 -0.12 23.63 7.19
C LEU B 386 -0.98 24.88 7.13
N ILE B 387 -1.48 25.33 8.27
CA ILE B 387 -2.29 26.54 8.32
C ILE B 387 -1.44 27.75 8.04
N ALA B 388 -0.28 27.81 8.66
CA ALA B 388 0.63 28.91 8.44
C ALA B 388 1.18 28.86 7.05
N LEU B 389 1.51 27.66 6.56
CA LEU B 389 1.98 27.65 5.18
C LEU B 389 0.84 27.89 4.20
N GLY B 390 -0.37 27.47 4.53
CA GLY B 390 -1.51 27.75 3.68
C GLY B 390 -1.84 29.22 3.59
N LEU B 391 -1.95 29.89 4.73
CA LEU B 391 -2.26 31.32 4.75
C LEU B 391 -1.18 32.17 4.09
N GLY B 392 0.09 31.81 4.28
CA GLY B 392 1.17 32.53 3.65
C GLY B 392 1.10 32.45 2.15
N ASN B 393 0.77 31.27 1.64
CA ASN B 393 0.66 31.09 0.20
C ASN B 393 -0.54 31.79 -0.40
N ILE B 394 -1.64 31.85 0.35
CA ILE B 394 -2.81 32.57 -0.13
C ILE B 394 -2.53 34.05 -0.25
N VAL B 395 -1.90 34.64 0.77
CA VAL B 395 -1.58 36.06 0.73
C VAL B 395 -0.57 36.31 -0.36
N CYS B 396 0.32 35.35 -0.56
CA CYS B 396 1.29 35.47 -1.64
C CYS B 396 0.61 35.34 -3.01
N GLY B 397 -0.19 34.29 -3.23
CA GLY B 397 -0.89 34.22 -4.49
C GLY B 397 -1.86 35.35 -4.71
N VAL B 398 -2.47 35.87 -3.63
CA VAL B 398 -3.33 37.03 -3.78
C VAL B 398 -2.51 38.23 -4.22
N PHE B 399 -1.31 38.39 -3.67
CA PHE B 399 -0.46 39.52 -4.01
C PHE B 399 0.58 39.17 -5.06
N ARG B 400 0.25 38.27 -5.98
CA ARG B 400 0.95 37.97 -7.24
C ARG B 400 2.20 37.11 -7.09
N GLY B 401 2.57 36.67 -5.89
CA GLY B 401 3.69 35.78 -5.72
C GLY B 401 3.33 34.36 -6.11
N PHE B 402 4.30 33.46 -5.96
CA PHE B 402 4.07 32.04 -6.22
C PHE B 402 4.42 31.22 -4.99
N ALA B 403 4.08 29.94 -5.05
CA ALA B 403 4.12 29.08 -3.87
C ALA B 403 5.56 28.86 -3.39
N GLY B 404 5.70 28.66 -2.09
CA GLY B 404 7.01 28.38 -1.53
C GLY B 404 6.85 28.10 -0.07
N SER B 405 7.57 27.11 0.43
CA SER B 405 7.54 26.81 1.85
C SER B 405 8.86 27.23 2.48
N THR B 406 9.91 26.51 2.18
CA THR B 406 11.23 26.84 2.69
C THR B 406 12.31 26.22 1.85
N ALA B 407 13.47 26.86 1.79
CA ALA B 407 14.60 26.26 1.11
C ALA B 407 15.58 25.85 2.19
N LEU B 408 16.03 24.61 2.15
CA LEU B 408 16.99 24.13 3.13
C LEU B 408 18.25 24.97 3.14
N SER B 409 18.72 25.37 1.96
CA SER B 409 19.91 26.17 1.87
C SER B 409 19.72 27.48 2.62
N ARG B 410 18.63 28.17 2.36
CA ARG B 410 18.37 29.44 3.03
C ARG B 410 18.11 29.24 4.52
N SER B 411 17.46 28.15 4.91
CA SER B 411 17.24 27.86 6.32
C SER B 411 18.58 27.53 6.99
N ALA B 412 19.34 26.60 6.42
CA ALA B 412 20.68 26.39 6.95
C ALA B 412 21.44 27.70 7.09
N VAL B 413 21.27 28.62 6.14
CA VAL B 413 21.90 29.93 6.26
C VAL B 413 21.33 30.71 7.44
N GLN B 414 20.05 30.50 7.72
CA GLN B 414 19.44 31.22 8.84
C GLN B 414 19.86 30.63 10.18
N GLU B 415 19.93 29.31 10.27
CA GLU B 415 20.27 28.67 11.54
C GLU B 415 21.76 28.76 11.83
N SER B 416 22.60 28.62 10.81
CA SER B 416 24.05 28.66 10.96
C SER B 416 24.58 30.04 11.33
N THR B 417 23.78 31.09 11.05
CA THR B 417 24.19 32.49 11.33
C THR B 417 23.64 33.01 12.65
N GLY B 418 23.08 32.13 13.47
CA GLY B 418 22.62 32.51 14.78
C GLY B 418 21.13 32.66 14.93
N GLY B 419 20.34 32.18 13.98
CA GLY B 419 18.90 32.31 14.06
C GLY B 419 18.33 31.67 15.30
N LYS B 420 17.73 32.48 16.16
CA LYS B 420 17.18 32.04 17.43
C LYS B 420 15.66 31.96 17.44
N THR B 421 14.99 32.96 16.87
CA THR B 421 13.54 32.94 16.74
C THR B 421 13.14 33.23 15.31
N GLN B 422 11.88 33.49 15.06
CA GLN B 422 11.42 33.84 13.72
C GLN B 422 11.56 35.33 13.48
N ILE B 423 12.18 36.04 14.42
CA ILE B 423 12.48 37.45 14.16
C ILE B 423 13.51 37.55 13.04
N ALA B 424 14.36 36.53 12.88
CA ALA B 424 15.27 36.50 11.75
C ALA B 424 14.49 36.42 10.44
N GLY B 425 13.37 35.72 10.43
CA GLY B 425 12.51 35.71 9.26
C GLY B 425 11.90 37.07 9.00
N LEU B 426 11.50 37.77 10.05
CA LEU B 426 10.97 39.13 9.90
C LEU B 426 12.02 40.06 9.32
N ILE B 427 13.27 39.95 9.76
CA ILE B 427 14.29 40.86 9.25
C ILE B 427 14.70 40.47 7.84
N GLY B 428 14.65 39.18 7.49
CA GLY B 428 14.85 38.80 6.11
C GLY B 428 13.77 39.36 5.20
N ALA B 429 12.51 39.29 5.64
CA ALA B 429 11.43 39.87 4.86
C ALA B 429 11.54 41.39 4.79
N ILE B 430 12.10 42.03 5.83
CA ILE B 430 12.33 43.47 5.77
C ILE B 430 13.40 43.80 4.76
N ILE B 431 14.45 42.98 4.66
CA ILE B 431 15.46 43.19 3.63
C ILE B 431 14.84 43.02 2.25
N VAL B 432 13.98 42.01 2.08
CA VAL B 432 13.31 41.82 0.81
C VAL B 432 12.42 43.01 0.48
N LEU B 433 11.78 43.58 1.51
CA LEU B 433 10.98 44.78 1.29
C LEU B 433 11.84 45.90 0.80
N ILE B 434 12.96 46.10 1.47
CA ILE B 434 13.85 47.19 1.08
C ILE B 434 14.30 47.04 -0.36
N VAL B 435 14.56 45.80 -0.77
CA VAL B 435 14.98 45.56 -2.16
C VAL B 435 13.82 45.83 -3.11
N VAL B 436 12.60 45.49 -2.74
CA VAL B 436 11.44 45.68 -3.62
C VAL B 436 11.02 47.14 -3.86
N LEU B 437 11.36 48.04 -2.93
CA LEU B 437 10.89 49.43 -3.05
C LEU B 437 11.94 50.48 -3.37
N ALA B 438 13.19 50.27 -2.97
CA ALA B 438 14.19 51.32 -3.14
C ALA B 438 15.46 50.96 -3.91
N ILE B 439 16.09 49.84 -3.59
CA ILE B 439 17.37 49.52 -4.21
C ILE B 439 17.33 48.42 -5.28
N GLY B 440 16.15 48.01 -5.69
CA GLY B 440 16.02 46.99 -6.70
C GLY B 440 16.72 47.37 -7.98
N PHE B 441 16.76 48.65 -8.28
CA PHE B 441 17.44 49.11 -9.48
C PHE B 441 18.89 48.66 -9.55
N LEU B 442 19.49 48.27 -8.42
CA LEU B 442 20.86 47.79 -8.44
C LEU B 442 20.96 46.39 -9.01
N LEU B 443 19.86 45.63 -8.98
CA LEU B 443 19.85 44.28 -9.53
C LEU B 443 19.47 44.25 -11.00
N ALA B 444 19.58 45.40 -11.69
CA ALA B 444 19.25 45.50 -13.10
C ALA B 444 20.35 44.94 -13.99
N PRO B 445 21.63 45.26 -13.79
CA PRO B 445 22.67 44.74 -14.67
C PRO B 445 23.14 43.33 -14.33
N LEU B 446 22.43 42.59 -13.49
CA LEU B 446 22.87 41.26 -13.09
C LEU B 446 22.37 40.22 -14.08
N GLN B 447 23.27 39.33 -14.50
CA GLN B 447 22.94 38.33 -15.49
C GLN B 447 22.12 37.20 -14.89
N LYS B 448 21.30 36.59 -15.74
CA LYS B 448 20.53 35.43 -15.31
C LYS B 448 21.38 34.17 -15.21
N SER B 449 22.53 34.16 -15.88
CA SER B 449 23.45 33.03 -15.73
C SER B 449 24.04 32.99 -14.34
N VAL B 450 24.20 34.14 -13.69
CA VAL B 450 24.70 34.16 -12.32
C VAL B 450 23.66 33.60 -11.36
N LEU B 451 22.40 33.98 -11.54
CA LEU B 451 21.33 33.39 -10.73
C LEU B 451 21.25 31.88 -10.95
N ALA B 452 21.36 31.46 -12.20
CA ALA B 452 21.35 30.03 -12.49
C ALA B 452 22.55 29.31 -11.88
N ALA B 453 23.71 29.97 -11.86
CA ALA B 453 24.90 29.36 -11.28
C ALA B 453 24.75 29.21 -9.77
N LEU B 454 24.13 30.18 -9.10
CA LEU B 454 23.86 30.02 -7.68
C LEU B 454 22.87 28.88 -7.43
N ALA B 455 21.78 28.85 -8.19
CA ALA B 455 20.80 27.78 -8.02
C ALA B 455 21.42 26.42 -8.29
N LEU B 456 22.43 26.36 -9.16
CA LEU B 456 23.11 25.10 -9.43
C LEU B 456 24.08 24.76 -8.31
N GLY B 457 24.75 25.77 -7.74
CA GLY B 457 25.60 25.53 -6.60
C GLY B 457 24.87 24.97 -5.42
N ASN B 458 23.59 25.30 -5.26
CA ASN B 458 22.81 24.76 -4.15
C ASN B 458 22.29 23.35 -4.39
N LEU B 459 22.87 22.62 -5.35
CA LEU B 459 22.38 21.30 -5.72
C LEU B 459 23.30 20.16 -5.29
N LYS B 460 24.46 20.45 -4.71
CA LYS B 460 25.41 19.39 -4.36
C LYS B 460 24.82 18.42 -3.36
N GLY B 461 24.13 18.94 -2.33
CA GLY B 461 23.60 18.07 -1.29
C GLY B 461 22.60 17.08 -1.81
N MET B 462 21.70 17.53 -2.69
CA MET B 462 20.70 16.63 -3.26
C MET B 462 21.29 15.73 -4.34
N LEU B 463 22.27 16.23 -5.10
CA LEU B 463 22.84 15.42 -6.17
C LEU B 463 23.72 14.30 -5.64
N MET B 464 24.37 14.51 -4.50
CA MET B 464 25.21 13.44 -3.97
C MET B 464 24.43 12.38 -3.22
N GLN B 465 23.09 12.42 -3.27
CA GLN B 465 22.26 11.36 -2.73
C GLN B 465 22.21 10.15 -3.65
N PHE B 466 22.96 10.14 -4.74
CA PHE B 466 23.08 8.94 -5.56
C PHE B 466 23.84 7.85 -4.84
N ALA B 467 24.59 8.19 -3.79
CA ALA B 467 25.29 7.20 -2.98
C ALA B 467 24.35 6.35 -2.16
N GLU B 468 23.08 6.72 -2.05
CA GLU B 468 22.13 5.93 -1.28
C GLU B 468 21.75 4.64 -1.99
N ILE B 469 21.97 4.56 -3.30
CA ILE B 469 21.62 3.34 -4.04
C ILE B 469 22.42 2.15 -3.51
N GLY B 470 23.74 2.29 -3.42
CA GLY B 470 24.56 1.19 -2.93
C GLY B 470 24.30 0.87 -1.47
N ARG B 471 24.12 1.90 -0.64
CA ARG B 471 23.82 1.67 0.77
C ARG B 471 22.52 0.90 0.94
N LEU B 472 21.45 1.33 0.27
CA LEU B 472 20.17 0.65 0.38
C LEU B 472 20.24 -0.74 -0.24
N TRP B 473 21.06 -0.92 -1.27
CA TRP B 473 21.26 -2.26 -1.81
C TRP B 473 21.85 -3.17 -0.75
N ARG B 474 22.85 -2.70 -0.02
CA ARG B 474 23.43 -3.49 1.05
C ARG B 474 22.42 -3.78 2.15
N LYS B 475 21.68 -2.75 2.59
CA LYS B 475 20.83 -2.90 3.77
C LYS B 475 19.48 -3.54 3.43
N ASP B 476 18.67 -2.87 2.62
CA ASP B 476 17.30 -3.31 2.37
C ASP B 476 16.96 -3.06 0.91
N LYS B 477 16.71 -4.14 0.16
CA LYS B 477 16.47 -4.03 -1.26
C LYS B 477 15.05 -3.55 -1.59
N TYR B 478 14.12 -3.62 -0.63
CA TYR B 478 12.82 -3.01 -0.84
C TYR B 478 12.92 -1.49 -0.82
N ASP B 479 13.78 -0.95 0.06
CA ASP B 479 13.98 0.49 0.08
C ASP B 479 14.86 0.95 -1.07
N CYS B 480 15.79 0.10 -1.53
CA CYS B 480 16.51 0.40 -2.75
C CYS B 480 15.58 0.42 -3.95
N LEU B 481 14.60 -0.49 -3.96
CA LEU B 481 13.60 -0.47 -5.01
C LEU B 481 12.74 0.79 -4.95
N ILE B 482 12.36 1.21 -3.74
CA ILE B 482 11.60 2.44 -3.58
C ILE B 482 12.41 3.62 -4.12
N TRP B 483 13.65 3.71 -3.81
CA TRP B 483 14.51 4.81 -4.25
C TRP B 483 14.70 4.84 -5.72
N ILE B 484 15.11 3.66 -6.26
CA ILE B 484 15.33 3.62 -7.71
C ILE B 484 14.05 3.94 -8.51
N MET B 485 12.92 3.38 -8.10
CA MET B 485 11.66 3.63 -8.79
C MET B 485 11.19 5.07 -8.70
N THR B 486 11.35 5.69 -7.54
CA THR B 486 10.96 7.08 -7.38
C THR B 486 11.80 7.96 -8.30
N PHE B 487 13.08 7.66 -8.42
CA PHE B 487 13.94 8.44 -9.28
C PHE B 487 13.46 8.35 -10.72
N ILE B 488 13.19 7.14 -11.19
CA ILE B 488 12.72 6.95 -12.56
C ILE B 488 11.37 7.63 -12.80
N PHE B 489 10.41 7.41 -11.91
CA PHE B 489 9.11 8.05 -12.05
C PHE B 489 9.24 9.57 -12.07
N THR B 490 10.07 10.12 -11.21
CA THR B 490 10.19 11.58 -11.13
C THR B 490 10.83 12.11 -12.39
N ILE B 491 11.83 11.43 -12.90
CA ILE B 491 12.48 11.85 -14.13
C ILE B 491 11.57 11.72 -15.35
N VAL B 492 10.81 10.64 -15.43
CA VAL B 492 9.99 10.40 -16.62
C VAL B 492 8.61 11.04 -16.57
N LEU B 493 7.93 10.94 -15.43
CA LEU B 493 6.59 11.49 -15.31
C LEU B 493 6.59 12.92 -14.80
N GLY B 494 7.71 13.35 -14.24
CA GLY B 494 7.78 14.69 -13.69
C GLY B 494 7.65 14.75 -12.19
N LEU B 495 7.80 15.93 -11.63
CA LEU B 495 7.76 16.10 -10.19
C LEU B 495 6.41 15.76 -9.55
N GLY B 496 5.32 16.24 -10.13
CA GLY B 496 4.01 15.99 -9.59
C GLY B 496 3.50 14.58 -9.75
N LEU B 497 3.52 14.09 -11.00
CA LEU B 497 3.01 12.75 -11.28
C LEU B 497 3.99 11.69 -10.79
N GLY B 498 5.27 11.97 -10.85
CA GLY B 498 6.27 11.03 -10.36
C GLY B 498 6.08 10.74 -8.89
N LEU B 499 5.66 11.74 -8.13
CA LEU B 499 5.43 11.53 -6.70
C LEU B 499 4.19 10.65 -6.38
N ALA B 500 3.07 10.83 -7.09
CA ALA B 500 1.90 9.99 -6.86
C ALA B 500 2.18 8.53 -7.18
N ALA B 501 2.79 8.28 -8.35
CA ALA B 501 3.15 6.91 -8.70
C ALA B 501 4.14 6.34 -7.70
N SER B 502 5.02 7.19 -7.17
CA SER B 502 6.04 6.75 -6.24
C SER B 502 5.44 6.36 -4.89
N VAL B 503 4.46 7.13 -4.42
CA VAL B 503 3.79 6.78 -3.17
C VAL B 503 2.99 5.49 -3.35
N ALA B 504 2.35 5.32 -4.51
CA ALA B 504 1.62 4.08 -4.76
C ALA B 504 2.57 2.88 -4.75
N PHE B 505 3.72 2.99 -5.42
CA PHE B 505 4.67 1.87 -5.44
C PHE B 505 5.27 1.63 -4.06
N GLN B 506 5.45 2.77 -3.31
CA GLN B 506 5.96 2.62 -1.97
C GLN B 506 4.98 1.81 -1.11
N LEU B 507 3.72 1.94 -1.31
CA LEU B 507 2.74 1.21 -0.54
C LEU B 507 2.73 -0.23 -1.01
N LEU B 508 3.04 -0.45 -2.28
CA LEU B 508 3.05 -1.80 -2.83
C LEU B 508 4.21 -2.65 -2.34
N THR B 509 5.30 -2.01 -1.93
CA THR B 509 6.46 -2.73 -1.43
C THR B 509 6.16 -3.37 -0.08
N ILE B 510 5.20 -2.80 0.64
CA ILE B 510 4.79 -3.32 1.92
C ILE B 510 4.13 -4.67 1.69
N VAL B 511 3.39 -4.79 0.61
CA VAL B 511 2.78 -6.03 0.23
C VAL B 511 3.86 -6.98 -0.28
N PHE B 512 4.86 -6.50 -1.02
CA PHE B 512 5.97 -7.31 -1.50
C PHE B 512 6.73 -7.93 -0.33
N ARG B 513 6.91 -7.17 0.74
CA ARG B 513 7.62 -7.66 1.90
C ARG B 513 6.88 -8.76 2.63
N THR B 514 5.55 -8.73 2.61
CA THR B 514 4.76 -9.69 3.35
C THR B 514 4.00 -10.69 2.49
N GLN B 515 4.17 -10.62 1.18
CA GLN B 515 3.43 -11.47 0.24
C GLN B 515 3.76 -12.97 0.35
N PHE B 516 5.04 -13.29 0.53
CA PHE B 516 5.46 -14.68 0.64
C PHE B 516 6.27 -14.86 1.90
N PRO B 517 5.58 -14.87 3.05
CA PRO B 517 6.29 -14.97 4.32
C PRO B 517 7.03 -16.27 4.41
N LYS B 518 8.19 -16.26 5.06
CA LYS B 518 8.94 -17.47 5.23
C LYS B 518 8.37 -18.25 6.39
N CYS B 519 7.33 -19.01 6.12
CA CYS B 519 6.70 -19.81 7.16
C CYS B 519 7.59 -20.98 7.54
N SER B 520 7.49 -21.45 8.77
CA SER B 520 8.38 -22.51 9.23
C SER B 520 7.72 -23.49 10.16
N THR B 521 8.34 -24.66 10.29
CA THR B 521 7.85 -25.65 11.22
C THR B 521 8.77 -25.58 12.40
N LEU B 522 8.23 -25.62 13.60
CA LEU B 522 9.06 -25.49 14.79
C LEU B 522 9.21 -26.79 15.53
N ALA B 523 10.25 -26.89 16.35
CA ALA B 523 10.53 -28.08 17.12
C ALA B 523 11.18 -27.66 18.43
N ASN B 524 11.01 -28.51 19.44
CA ASN B 524 11.56 -28.24 20.76
C ASN B 524 13.04 -28.57 20.79
N ILE B 525 13.84 -27.64 21.29
CA ILE B 525 15.27 -27.84 21.44
C ILE B 525 15.65 -27.62 22.90
N GLY B 526 16.12 -28.67 23.56
CA GLY B 526 16.59 -28.60 24.92
C GLY B 526 15.72 -29.26 25.96
N ARG B 527 14.58 -29.81 25.57
CA ARG B 527 13.62 -30.42 26.50
C ARG B 527 13.13 -29.39 27.51
N THR B 528 12.89 -28.18 27.02
CA THR B 528 12.41 -27.07 27.82
C THR B 528 11.33 -26.35 27.01
N ASN B 529 11.02 -25.11 27.36
CA ASN B 529 9.97 -24.36 26.70
C ASN B 529 10.48 -23.51 25.55
N ILE B 530 11.55 -23.92 24.88
CA ILE B 530 12.12 -23.19 23.75
C ILE B 530 11.81 -23.97 22.48
N TYR B 531 11.13 -23.31 21.54
CA TYR B 531 10.72 -23.92 20.29
C TYR B 531 11.28 -23.08 19.15
N LYS B 532 12.17 -23.67 18.36
CA LYS B 532 12.88 -22.95 17.31
C LYS B 532 12.57 -23.58 15.96
N ASN B 533 13.14 -23.02 14.90
CA ASN B 533 12.95 -23.57 13.57
C ASN B 533 13.50 -24.99 13.51
N LYS B 534 12.74 -25.91 12.93
CA LYS B 534 13.14 -27.31 12.90
C LYS B 534 14.38 -27.56 12.04
N LYS B 535 14.58 -26.76 11.01
CA LYS B 535 15.72 -26.96 10.13
C LYS B 535 16.96 -26.19 10.54
N ASP B 536 16.93 -25.46 11.64
CA ASP B 536 18.06 -24.61 12.02
C ASP B 536 19.00 -25.15 13.09
N TYR B 537 18.63 -26.23 13.75
CA TYR B 537 19.46 -26.74 14.85
C TYR B 537 19.54 -28.24 14.85
N TYR B 538 20.44 -28.78 15.65
CA TYR B 538 20.56 -30.23 15.75
C TYR B 538 19.89 -30.72 17.02
N ASP B 539 19.54 -32.00 17.05
CA ASP B 539 18.93 -32.59 18.25
C ASP B 539 17.61 -31.92 18.64
N MET B 540 16.83 -31.52 17.65
CA MET B 540 15.55 -30.91 17.93
C MET B 540 14.52 -32.00 18.09
N TYR B 541 13.42 -31.70 18.77
CA TYR B 541 12.41 -32.72 19.03
C TYR B 541 11.01 -32.29 18.68
N GLU B 542 10.30 -33.11 17.93
CA GLU B 542 8.91 -32.82 17.63
C GLU B 542 8.06 -33.85 18.32
N PRO B 543 7.21 -33.40 19.25
CA PRO B 543 6.31 -34.34 19.93
C PRO B 543 5.52 -35.12 18.91
N GLU B 544 5.35 -36.42 19.12
CA GLU B 544 4.66 -37.25 18.15
C GLU B 544 3.23 -36.80 17.87
N GLY B 545 2.88 -36.73 16.61
CA GLY B 545 1.54 -36.33 16.24
C GLY B 545 1.34 -34.84 16.30
N VAL B 546 2.36 -34.10 16.73
CA VAL B 546 2.17 -32.67 16.88
C VAL B 546 2.97 -31.88 15.86
N LYS B 547 2.35 -30.85 15.30
CA LYS B 547 3.00 -29.96 14.36
C LYS B 547 2.85 -28.53 14.87
N ILE B 548 3.96 -27.80 14.90
CA ILE B 548 3.96 -26.41 15.29
C ILE B 548 4.35 -25.59 14.06
N PHE B 549 3.47 -24.69 13.65
CA PHE B 549 3.64 -23.93 12.42
C PHE B 549 3.65 -22.44 12.74
N ARG B 550 4.59 -21.70 12.16
CA ARG B 550 4.75 -20.28 12.44
C ARG B 550 4.72 -19.50 11.14
N CYS B 551 3.81 -18.55 11.04
CA CYS B 551 3.83 -17.53 9.99
C CYS B 551 4.29 -16.22 10.60
N PRO B 552 5.48 -15.75 10.23
CA PRO B 552 6.14 -14.57 10.78
C PRO B 552 5.69 -13.21 10.34
N SER B 553 4.42 -13.06 9.97
CA SER B 553 3.90 -11.82 9.45
C SER B 553 2.40 -11.69 9.62
N PRO B 554 1.87 -10.48 9.42
CA PRO B 554 0.41 -10.35 9.45
C PRO B 554 -0.21 -11.14 8.31
N ILE B 555 -1.38 -11.72 8.53
CA ILE B 555 -2.02 -12.49 7.49
C ILE B 555 -3.21 -11.71 6.99
N TYR B 556 -3.26 -11.51 5.68
CA TYR B 556 -4.34 -10.74 5.07
C TYR B 556 -4.62 -11.20 3.65
N PHE B 557 -5.33 -10.40 2.87
CA PHE B 557 -5.73 -10.80 1.52
C PHE B 557 -4.58 -11.18 0.58
N ALA B 558 -3.43 -10.54 0.70
CA ALA B 558 -2.33 -10.79 -0.22
C ALA B 558 -1.48 -12.04 0.10
N ASN B 559 -1.63 -12.61 1.29
CA ASN B 559 -0.81 -13.75 1.66
C ASN B 559 -1.60 -14.92 2.25
N ILE B 560 -2.91 -14.79 2.32
CA ILE B 560 -3.74 -15.84 2.92
C ILE B 560 -3.64 -17.15 2.14
N GLY B 561 -3.65 -17.09 0.82
CA GLY B 561 -3.50 -18.28 -0.01
C GLY B 561 -2.15 -18.92 0.19
N PHE B 562 -1.11 -18.10 0.34
CA PHE B 562 0.23 -18.60 0.57
C PHE B 562 0.31 -19.29 1.92
N PHE B 563 -0.40 -18.77 2.93
CA PHE B 563 -0.41 -19.38 4.26
C PHE B 563 -1.03 -20.77 4.22
N ARG B 564 -2.09 -20.90 3.45
CA ARG B 564 -2.79 -22.15 3.28
C ARG B 564 -1.93 -23.18 2.56
N ARG B 565 -1.24 -22.78 1.51
CA ARG B 565 -0.33 -23.66 0.76
C ARG B 565 0.82 -24.12 1.64
N LYS B 566 1.41 -23.21 2.41
CA LYS B 566 2.55 -23.57 3.24
C LYS B 566 2.13 -24.45 4.42
N LEU B 567 0.96 -24.19 5.00
CA LEU B 567 0.45 -25.05 6.07
C LEU B 567 0.21 -26.47 5.55
N ILE B 568 -0.32 -26.60 4.34
CA ILE B 568 -0.56 -27.92 3.79
C ILE B 568 0.75 -28.62 3.45
N ASP B 569 1.73 -27.88 2.93
CA ASP B 569 3.04 -28.46 2.68
C ASP B 569 3.71 -28.89 3.99
N ALA B 570 3.44 -28.16 5.08
CA ALA B 570 4.10 -28.46 6.35
C ALA B 570 3.47 -29.67 7.03
N VAL B 571 2.14 -29.75 7.07
CA VAL B 571 1.51 -30.89 7.73
C VAL B 571 1.63 -32.16 6.90
N GLY B 572 1.79 -32.05 5.58
CA GLY B 572 2.03 -33.19 4.73
C GLY B 572 0.84 -33.69 3.96
N PHE B 573 -0.30 -33.02 4.04
CA PHE B 573 -1.52 -33.47 3.38
C PHE B 573 -2.49 -32.30 3.33
N SER B 574 -3.56 -32.49 2.56
CA SER B 574 -4.65 -31.53 2.53
C SER B 574 -5.78 -32.03 3.40
N PRO B 575 -6.18 -31.32 4.45
CA PRO B 575 -7.26 -31.81 5.33
C PRO B 575 -8.58 -32.00 4.61
N LEU B 576 -8.91 -31.16 3.63
CA LEU B 576 -10.13 -31.33 2.85
C LEU B 576 -10.09 -32.60 2.00
N ARG B 577 -8.94 -32.94 1.44
CA ARG B 577 -8.82 -34.18 0.66
C ARG B 577 -8.97 -35.41 1.55
N ILE B 578 -8.37 -35.37 2.74
CA ILE B 578 -8.53 -36.49 3.68
C ILE B 578 -9.99 -36.62 4.10
N LEU B 579 -10.65 -35.48 4.33
CA LEU B 579 -12.06 -35.53 4.71
C LEU B 579 -12.92 -36.07 3.58
N ARG B 580 -12.63 -35.68 2.34
CA ARG B 580 -13.40 -36.16 1.20
C ARG B 580 -13.21 -37.67 1.00
N LYS B 581 -11.98 -38.16 1.15
CA LYS B 581 -11.77 -39.59 1.00
C LYS B 581 -12.37 -40.38 2.15
N ARG B 582 -12.37 -39.80 3.36
CA ARG B 582 -13.05 -40.46 4.48
C ARG B 582 -14.56 -40.50 4.24
N ASN B 583 -15.12 -39.44 3.66
CA ASN B 583 -16.55 -39.43 3.36
C ASN B 583 -16.90 -40.42 2.26
N LYS B 584 -16.03 -40.56 1.26
CA LYS B 584 -16.22 -41.60 0.25
C LYS B 584 -16.20 -42.99 0.88
N ALA B 585 -15.22 -43.24 1.74
CA ALA B 585 -15.14 -44.53 2.41
C ALA B 585 -16.37 -44.80 3.27
N LEU B 586 -16.89 -43.77 3.94
CA LEU B 586 -18.06 -43.96 4.77
C LEU B 586 -19.29 -44.21 3.93
N ARG B 587 -19.42 -43.54 2.79
CA ARG B 587 -20.51 -43.81 1.87
C ARG B 587 -20.46 -45.25 1.37
N LYS B 588 -19.27 -45.73 1.02
CA LYS B 588 -19.14 -47.11 0.57
C LYS B 588 -19.46 -48.09 1.69
N ILE B 589 -19.06 -47.77 2.93
CA ILE B 589 -19.33 -48.64 4.06
C ILE B 589 -20.83 -48.74 4.30
N ARG B 590 -21.53 -47.59 4.23
CA ARG B 590 -22.98 -47.61 4.41
C ARG B 590 -23.67 -48.37 3.28
N LYS B 591 -23.19 -48.25 2.05
CA LYS B 591 -23.77 -48.99 0.92
C LYS B 591 -23.78 -50.49 1.20
N LEU B 592 -22.66 -50.99 1.70
CA LEU B 592 -22.53 -52.39 2.10
C LEU B 592 -23.44 -52.73 3.28
N GLN B 593 -23.56 -51.84 4.24
CA GLN B 593 -24.41 -52.07 5.39
C GLN B 593 -25.88 -52.21 5.02
N LYS B 594 -26.34 -51.36 4.10
CA LYS B 594 -27.73 -51.41 3.63
C LYS B 594 -28.00 -52.73 2.91
N GLN B 595 -27.02 -53.17 2.14
CA GLN B 595 -27.07 -54.44 1.41
C GLN B 595 -27.15 -55.62 2.38
N GLY B 596 -26.45 -55.51 3.50
CA GLY B 596 -26.40 -56.55 4.50
C GLY B 596 -25.13 -57.38 4.39
N LEU B 597 -24.30 -57.08 3.39
CA LEU B 597 -23.02 -57.75 3.21
C LEU B 597 -22.08 -57.48 4.38
N LEU B 598 -22.12 -56.26 4.88
CA LEU B 598 -21.31 -55.86 6.02
C LEU B 598 -22.23 -55.79 7.22
N GLN B 599 -22.01 -56.64 8.20
CA GLN B 599 -22.85 -56.65 9.39
C GLN B 599 -22.18 -55.85 10.50
N VAL B 600 -22.97 -55.01 11.16
CA VAL B 600 -22.44 -54.15 12.22
C VAL B 600 -22.33 -54.95 13.51
N THR B 601 -21.18 -54.82 14.17
CA THR B 601 -20.91 -55.49 15.45
C THR B 601 -20.17 -54.48 16.31
N PRO B 602 -20.47 -54.40 17.61
CA PRO B 602 -19.77 -53.45 18.48
C PRO B 602 -18.28 -53.75 18.65
N LYS B 603 -17.77 -54.82 18.05
CA LYS B 603 -16.36 -55.18 18.14
C LYS B 603 -15.56 -54.80 16.90
N GLY B 604 -16.17 -54.82 15.72
CA GLY B 604 -15.43 -54.50 14.51
C GLY B 604 -16.33 -54.56 13.30
N PHE B 605 -15.69 -54.45 12.14
CA PHE B 605 -16.37 -54.47 10.85
C PHE B 605 -16.33 -55.85 10.21
N ILE B 606 -17.01 -56.83 10.81
CA ILE B 606 -17.05 -58.18 10.27
C ILE B 606 -17.87 -58.18 8.98
N CYS B 607 -17.39 -58.88 7.97
CA CYS B 607 -18.05 -58.97 6.68
C CYS B 607 -18.41 -60.42 6.39
N THR B 608 -19.69 -60.67 6.08
CA THR B 608 -20.12 -62.04 5.82
C THR B 608 -19.62 -62.53 4.46
N VAL B 609 -19.47 -61.62 3.51
CA VAL B 609 -18.99 -61.95 2.17
C VAL B 609 -17.84 -61.03 1.82
N ASP B 610 -16.75 -61.62 1.32
CA ASP B 610 -15.56 -60.88 0.94
C ASP B 610 -15.40 -60.77 -0.58
N THR B 611 -16.50 -60.59 -1.30
CA THR B 611 -16.49 -60.57 -2.76
C THR B 611 -16.89 -59.18 -3.27
N ILE B 612 -16.31 -58.14 -2.67
CA ILE B 612 -16.60 -56.77 -3.12
C ILE B 612 -16.00 -56.55 -4.50
N LYS B 613 -16.81 -56.01 -5.41
CA LYS B 613 -16.38 -55.72 -6.76
C LYS B 613 -16.03 -54.23 -6.88
N ASP B 614 -15.04 -53.94 -7.71
CA ASP B 614 -14.58 -52.57 -7.90
C ASP B 614 -15.71 -51.71 -8.47
N SER B 615 -16.08 -50.66 -7.73
CA SER B 615 -17.15 -49.77 -8.15
C SER B 615 -17.10 -48.50 -7.32
N ASP B 616 -17.15 -47.35 -7.99
CA ASP B 616 -17.18 -46.08 -7.29
C ASP B 616 -18.51 -45.40 -7.54
N GLU B 617 -18.98 -44.61 -6.59
CA GLU B 617 -20.29 -43.97 -6.73
C GLU B 617 -20.38 -43.00 -7.90
N GLU B 618 -19.29 -42.26 -8.14
CA GLU B 618 -19.21 -41.23 -9.20
C GLU B 618 -20.36 -40.22 -9.04
N LEU B 619 -20.28 -39.39 -8.01
CA LEU B 619 -21.30 -38.40 -7.66
C LEU B 619 -21.39 -37.31 -8.71
N ASP B 620 -22.60 -36.80 -8.92
CA ASP B 620 -22.79 -35.76 -9.92
C ASP B 620 -22.31 -34.41 -9.41
N ASN B 621 -22.23 -33.43 -10.32
CA ASN B 621 -21.75 -32.12 -9.93
C ASN B 621 -22.58 -31.48 -8.83
N ASN B 622 -23.86 -31.83 -8.78
CA ASN B 622 -24.75 -31.23 -7.79
C ASN B 622 -24.83 -32.05 -6.51
N GLN B 623 -24.13 -33.18 -6.48
CA GLN B 623 -24.10 -34.06 -5.32
C GLN B 623 -22.72 -34.20 -4.72
N ILE B 624 -21.69 -33.75 -5.42
CA ILE B 624 -20.32 -33.98 -4.97
C ILE B 624 -19.96 -33.21 -3.69
N GLU B 625 -20.76 -32.21 -3.34
CA GLU B 625 -20.45 -31.39 -2.17
C GLU B 625 -20.81 -32.06 -0.85
N VAL B 626 -21.39 -33.24 -0.91
CA VAL B 626 -21.74 -33.97 0.30
C VAL B 626 -20.48 -34.54 0.92
N LEU B 627 -19.38 -34.50 0.18
CA LEU B 627 -18.12 -35.04 0.68
C LEU B 627 -17.35 -34.07 1.57
N ASP B 628 -17.78 -32.82 1.68
CA ASP B 628 -17.13 -31.90 2.60
C ASP B 628 -17.86 -31.76 3.92
N GLN B 629 -18.92 -32.52 4.12
CA GLN B 629 -19.67 -32.42 5.37
C GLN B 629 -18.97 -33.14 6.48
N PRO B 630 -19.25 -32.74 7.74
CA PRO B 630 -18.69 -33.46 8.90
C PRO B 630 -19.12 -34.92 8.91
N ILE B 631 -18.24 -35.78 9.40
CA ILE B 631 -18.51 -37.21 9.48
C ILE B 631 -19.29 -37.45 10.76
N ASN B 632 -20.52 -37.92 10.63
CA ASN B 632 -21.33 -38.25 11.80
C ASN B 632 -21.60 -39.73 11.78
N THR B 633 -20.81 -40.49 12.51
CA THR B 633 -20.96 -41.95 12.50
C THR B 633 -21.70 -42.46 13.73
N THR B 634 -22.48 -41.58 14.36
CA THR B 634 -23.26 -41.99 15.53
C THR B 634 -24.19 -43.13 15.16
N ASP B 635 -24.61 -43.18 13.90
CA ASP B 635 -25.46 -44.27 13.44
C ASP B 635 -24.79 -45.59 13.70
N LEU B 636 -23.49 -45.68 13.38
CA LEU B 636 -22.76 -46.91 13.64
C LEU B 636 -22.47 -47.06 15.11
N PRO B 637 -22.64 -48.28 15.64
CA PRO B 637 -22.39 -48.54 17.07
C PRO B 637 -20.95 -48.31 17.50
N PHE B 638 -19.98 -48.69 16.67
CA PHE B 638 -18.58 -48.57 17.08
C PHE B 638 -17.79 -47.52 16.30
N HIS B 639 -16.91 -46.81 16.99
CA HIS B 639 -16.11 -45.77 16.34
C HIS B 639 -15.29 -46.34 15.21
N ILE B 640 -15.04 -45.52 14.19
CA ILE B 640 -14.21 -45.96 13.08
C ILE B 640 -12.86 -45.30 13.21
N ASP B 641 -11.80 -46.10 13.32
CA ASP B 641 -10.47 -45.53 13.35
C ASP B 641 -10.06 -45.27 11.93
N TRP B 642 -10.21 -44.04 11.48
CA TRP B 642 -9.89 -43.73 10.09
C TRP B 642 -8.42 -43.92 9.79
N ASN B 643 -7.61 -43.96 10.84
CA ASN B 643 -6.18 -44.19 10.66
C ASN B 643 -5.86 -45.67 10.78
N ASP B 644 -6.88 -46.50 10.85
CA ASP B 644 -6.67 -47.95 10.90
C ASP B 644 -7.34 -48.57 9.68
N ASP B 645 -6.95 -49.80 9.34
CA ASP B 645 -7.49 -50.46 8.15
C ASP B 645 -9.01 -50.60 8.16
N LEU B 646 -9.64 -50.36 7.02
CA LEU B 646 -11.11 -50.44 6.93
C LEU B 646 -11.57 -51.74 6.28
N PRO B 647 -12.86 -52.09 6.46
CA PRO B 647 -13.37 -53.36 5.93
C PRO B 647 -13.44 -53.44 4.41
N LEU B 648 -13.30 -54.64 3.85
CA LEU B 648 -13.44 -54.83 2.41
C LEU B 648 -12.47 -54.00 1.58
N ASN B 649 -11.25 -53.85 2.04
CA ASN B 649 -10.23 -53.14 1.27
C ASN B 649 -10.60 -51.71 0.87
N ILE B 650 -11.19 -50.96 1.79
CA ILE B 650 -11.47 -49.56 1.50
C ILE B 650 -10.23 -48.76 1.87
N GLU B 651 -9.64 -48.05 0.92
CA GLU B 651 -8.39 -47.36 1.17
C GLU B 651 -8.64 -45.87 1.42
N VAL B 652 -8.13 -45.40 2.56
CA VAL B 652 -8.19 -44.00 2.96
C VAL B 652 -6.77 -43.59 3.36
N PRO B 653 -6.36 -42.38 2.98
CA PRO B 653 -5.03 -41.94 3.41
C PRO B 653 -5.02 -41.78 4.92
N LYS B 654 -4.05 -42.40 5.56
CA LYS B 654 -3.93 -42.31 7.00
C LYS B 654 -3.05 -41.14 7.40
N ILE B 655 -3.51 -40.35 8.37
CA ILE B 655 -2.73 -39.21 8.83
C ILE B 655 -2.16 -39.48 10.21
N SER B 656 -0.99 -38.91 10.49
CA SER B 656 -0.38 -39.08 11.81
C SER B 656 -0.59 -37.86 12.70
N LEU B 657 -1.00 -36.75 12.10
CA LEU B 657 -1.21 -35.54 12.87
C LEU B 657 -2.45 -35.60 13.70
N HIS B 658 -2.34 -35.26 14.98
CA HIS B 658 -3.52 -35.20 15.82
C HIS B 658 -3.62 -33.82 16.44
N SER B 659 -2.52 -33.06 16.41
CA SER B 659 -2.54 -31.77 17.07
C SER B 659 -1.75 -30.79 16.22
N LEU B 660 -2.38 -29.69 15.85
CA LEU B 660 -1.74 -28.65 15.04
C LEU B 660 -1.69 -27.37 15.86
N ILE B 661 -0.48 -26.90 16.14
CA ILE B 661 -0.28 -25.65 16.87
C ILE B 661 0.11 -24.58 15.86
N LEU B 662 -0.52 -23.42 15.97
CA LEU B 662 -0.23 -22.29 15.09
C LEU B 662 0.35 -21.17 15.94
N ASP B 663 1.62 -20.84 15.71
CA ASP B 663 2.30 -19.83 16.48
C ASP B 663 2.00 -18.45 15.88
N PHE B 664 1.00 -17.78 16.41
CA PHE B 664 0.58 -16.49 15.89
C PHE B 664 1.17 -15.25 16.56
N SER B 665 2.32 -15.38 17.19
CA SER B 665 2.94 -14.26 17.86
C SER B 665 3.29 -13.11 16.92
N ALA B 666 3.81 -13.44 15.75
CA ALA B 666 4.19 -12.46 14.75
C ALA B 666 3.05 -12.07 13.83
N VAL B 667 1.86 -12.59 14.06
CA VAL B 667 0.70 -12.24 13.23
C VAL B 667 0.06 -11.02 13.89
N SER B 668 0.35 -9.84 13.35
CA SER B 668 -0.10 -8.60 13.98
C SER B 668 -1.60 -8.40 13.82
N PHE B 669 -2.11 -8.56 12.60
CA PHE B 669 -3.52 -8.35 12.34
C PHE B 669 -4.03 -9.39 11.34
N LEU B 670 -5.35 -9.47 11.26
CA LEU B 670 -6.06 -10.21 10.23
C LEU B 670 -7.07 -9.29 9.58
N ASP B 671 -7.53 -9.65 8.40
CA ASP B 671 -8.55 -8.86 7.74
C ASP B 671 -9.68 -9.82 7.43
N VAL B 672 -10.72 -9.34 6.78
CA VAL B 672 -11.87 -10.20 6.51
C VAL B 672 -11.48 -11.40 5.66
N SER B 673 -10.67 -11.17 4.63
CA SER B 673 -10.28 -12.25 3.74
C SER B 673 -9.52 -13.32 4.50
N SER B 674 -8.63 -12.96 5.36
CA SER B 674 -7.81 -13.93 6.07
C SER B 674 -8.56 -14.65 7.17
N VAL B 675 -9.48 -13.94 7.86
CA VAL B 675 -10.26 -14.60 8.88
C VAL B 675 -11.09 -15.69 8.22
N ARG B 676 -11.61 -15.41 7.05
CA ARG B 676 -12.40 -16.40 6.33
C ARG B 676 -11.54 -17.58 5.91
N GLY B 677 -10.34 -17.32 5.41
CA GLY B 677 -9.45 -18.39 5.02
C GLY B 677 -9.02 -19.20 6.21
N LEU B 678 -8.75 -18.49 7.33
CA LEU B 678 -8.35 -19.16 8.54
C LEU B 678 -9.45 -20.08 9.08
N LYS B 679 -10.68 -19.59 9.09
CA LYS B 679 -11.81 -20.35 9.57
C LYS B 679 -12.02 -21.63 8.78
N SER B 680 -11.88 -21.51 7.47
CA SER B 680 -12.03 -22.59 6.56
C SER B 680 -10.98 -23.67 6.77
N ILE B 681 -9.75 -23.25 7.03
CA ILE B 681 -8.62 -24.11 7.31
C ILE B 681 -8.84 -24.87 8.61
N LEU B 682 -9.21 -24.15 9.67
CA LEU B 682 -9.44 -24.75 10.96
C LEU B 682 -10.61 -25.72 10.95
N GLN B 683 -11.65 -25.41 10.19
CA GLN B 683 -12.78 -26.31 10.07
C GLN B 683 -12.40 -27.61 9.43
N GLU B 684 -11.64 -27.57 8.34
CA GLU B 684 -11.26 -28.84 7.75
C GLU B 684 -10.30 -29.64 8.61
N PHE B 685 -9.54 -29.01 9.49
CA PHE B 685 -8.67 -29.79 10.38
C PHE B 685 -9.48 -30.38 11.52
N ILE B 686 -10.45 -29.64 12.01
CA ILE B 686 -11.30 -30.14 13.08
C ILE B 686 -12.19 -31.27 12.59
N ARG B 687 -12.63 -31.19 11.34
CA ARG B 687 -13.52 -32.22 10.80
C ARG B 687 -12.81 -33.54 10.55
N ILE B 688 -11.49 -33.52 10.44
CA ILE B 688 -10.73 -34.74 10.29
C ILE B 688 -10.14 -35.14 11.64
N LYS B 689 -10.66 -34.54 12.71
CA LYS B 689 -10.22 -34.86 14.09
C LYS B 689 -8.82 -34.39 14.45
N VAL B 690 -8.39 -33.28 13.89
CA VAL B 690 -7.08 -32.74 14.26
C VAL B 690 -7.36 -31.53 15.12
N ASP B 691 -6.92 -31.58 16.37
CA ASP B 691 -7.12 -30.47 17.29
C ASP B 691 -6.23 -29.31 16.92
N VAL B 692 -6.82 -28.14 16.77
CA VAL B 692 -6.07 -26.96 16.42
C VAL B 692 -5.89 -26.02 17.59
N TYR B 693 -4.65 -25.58 17.81
CA TYR B 693 -4.30 -24.66 18.87
C TYR B 693 -3.66 -23.41 18.27
N ILE B 694 -4.08 -22.24 18.74
CA ILE B 694 -3.50 -20.98 18.34
C ILE B 694 -2.87 -20.35 19.57
N VAL B 695 -1.56 -20.09 19.51
CA VAL B 695 -0.79 -19.69 20.67
C VAL B 695 -0.04 -18.40 20.35
N GLY B 696 0.38 -17.71 21.41
CA GLY B 696 1.21 -16.53 21.27
C GLY B 696 0.47 -15.24 21.03
N THR B 697 -0.85 -15.25 21.04
CA THR B 697 -1.65 -14.07 20.76
C THR B 697 -1.96 -13.31 22.04
N ASP B 698 -2.04 -11.98 21.92
CA ASP B 698 -2.44 -11.14 23.03
C ASP B 698 -3.96 -11.11 23.14
N ASP B 699 -4.46 -10.39 24.16
CA ASP B 699 -5.91 -10.37 24.39
C ASP B 699 -6.64 -9.51 23.37
N ASP B 700 -5.99 -8.48 22.84
CA ASP B 700 -6.62 -7.66 21.81
C ASP B 700 -6.86 -8.46 20.55
N PHE B 701 -5.98 -9.41 20.24
CA PHE B 701 -6.16 -10.26 19.06
C PHE B 701 -7.43 -11.08 19.17
N ILE B 702 -7.65 -11.71 20.32
CA ILE B 702 -8.84 -12.54 20.51
C ILE B 702 -10.08 -11.66 20.60
N GLU B 703 -9.94 -10.42 21.03
CA GLU B 703 -11.08 -9.52 21.04
C GLU B 703 -11.54 -9.18 19.62
N LYS B 704 -10.62 -8.82 18.75
CA LYS B 704 -10.97 -8.50 17.38
C LYS B 704 -11.57 -9.69 16.69
N LEU B 705 -10.99 -10.85 16.89
CA LEU B 705 -11.49 -12.06 16.23
C LEU B 705 -12.93 -12.34 16.60
N ASN B 706 -13.34 -11.95 17.81
CA ASN B 706 -14.74 -12.11 18.22
C ASN B 706 -15.67 -11.24 17.37
N ARG B 707 -15.19 -10.08 16.94
CA ARG B 707 -15.99 -9.21 16.09
C ARG B 707 -16.19 -9.77 14.68
N TYR B 708 -15.32 -10.68 14.27
CA TYR B 708 -15.42 -11.28 12.94
C TYR B 708 -16.35 -12.46 12.92
N GLU B 709 -16.95 -12.78 14.06
CA GLU B 709 -17.80 -13.97 14.15
C GLU B 709 -17.02 -15.21 13.77
N PHE B 710 -15.79 -15.29 14.25
CA PHE B 710 -14.93 -16.42 13.93
C PHE B 710 -15.30 -17.66 14.72
N PHE B 711 -15.69 -17.46 15.98
CA PHE B 711 -15.99 -18.61 16.84
C PHE B 711 -17.41 -19.11 16.71
N ASP B 712 -17.58 -20.41 16.84
CA ASP B 712 -18.90 -21.01 16.70
C ASP B 712 -18.84 -22.38 17.36
N GLY B 713 -19.77 -23.26 16.99
CA GLY B 713 -19.84 -24.57 17.61
C GLY B 713 -18.63 -25.45 17.37
N GLU B 714 -18.05 -25.36 16.18
CA GLU B 714 -16.89 -26.19 15.84
C GLU B 714 -15.60 -25.51 16.24
N VAL B 715 -15.42 -24.26 15.86
CA VAL B 715 -14.23 -23.52 16.22
C VAL B 715 -14.53 -22.75 17.47
N LYS B 716 -13.84 -23.05 18.56
CA LYS B 716 -14.15 -22.42 19.84
C LYS B 716 -12.95 -21.68 20.42
N SER B 717 -13.20 -20.85 21.42
CA SER B 717 -12.12 -20.09 22.07
C SER B 717 -11.16 -20.97 22.89
N SER B 718 -11.56 -22.19 23.26
CA SER B 718 -10.67 -23.12 23.94
C SER B 718 -9.48 -23.52 23.10
N ILE B 719 -9.42 -23.11 21.84
CA ILE B 719 -8.28 -23.41 20.98
C ILE B 719 -7.14 -22.43 21.18
N PHE B 720 -7.35 -21.34 21.90
CA PHE B 720 -6.32 -20.35 22.16
C PHE B 720 -5.62 -20.68 23.46
N PHE B 721 -4.30 -20.81 23.41
CA PHE B 721 -3.48 -21.02 24.58
C PHE B 721 -2.51 -19.86 24.75
N LEU B 722 -1.76 -19.84 25.83
CA LEU B 722 -0.88 -18.70 26.05
C LEU B 722 0.39 -18.81 25.24
N THR B 723 1.02 -19.97 25.27
CA THR B 723 2.28 -20.16 24.56
C THR B 723 2.31 -21.50 23.89
N ILE B 724 3.35 -21.77 23.13
CA ILE B 724 3.50 -23.05 22.47
C ILE B 724 3.62 -24.15 23.51
N HIS B 725 4.43 -23.93 24.54
CA HIS B 725 4.66 -24.97 25.54
C HIS B 725 3.40 -25.30 26.33
N ASP B 726 2.52 -24.33 26.54
CA ASP B 726 1.26 -24.59 27.21
C ASP B 726 0.45 -25.55 26.39
N ALA B 727 0.30 -25.26 25.11
CA ALA B 727 -0.40 -26.14 24.18
C ALA B 727 0.23 -27.51 24.13
N VAL B 728 1.56 -27.59 24.14
CA VAL B 728 2.24 -28.88 24.03
C VAL B 728 1.99 -29.72 25.28
N LEU B 729 2.02 -29.10 26.45
CA LEU B 729 1.77 -29.86 27.67
C LEU B 729 0.31 -30.30 27.76
N HIS B 730 -0.61 -29.44 27.30
CA HIS B 730 -2.01 -29.83 27.21
C HIS B 730 -2.17 -31.03 26.28
N ILE B 731 -1.51 -31.01 25.13
CA ILE B 731 -1.57 -32.11 24.18
C ILE B 731 -1.05 -33.39 24.82
N LEU B 732 0.08 -33.29 25.54
CA LEU B 732 0.66 -34.48 26.14
C LEU B 732 -0.24 -35.08 27.21
N MET B 733 -0.87 -34.25 28.04
CA MET B 733 -1.75 -34.80 29.06
C MET B 733 -3.03 -35.37 28.45
N LYS B 734 -3.59 -34.68 27.45
CA LYS B 734 -4.72 -35.25 26.71
C LYS B 734 -4.39 -36.62 26.15
N LYS B 735 -3.22 -36.76 25.53
CA LYS B 735 -2.89 -37.99 24.83
C LYS B 735 -2.54 -39.10 25.82
N ASP B 736 -1.92 -38.76 26.95
CA ASP B 736 -1.66 -39.81 27.94
C ASP B 736 -2.95 -40.26 28.61
S SO4 C . -22.14 -12.89 -15.18
O1 SO4 C . -22.46 -13.87 -14.17
O2 SO4 C . -20.69 -12.71 -15.24
O3 SO4 C . -22.76 -11.61 -14.83
O4 SO4 C . -22.71 -13.30 -16.45
S SO4 D . 17.57 24.08 -1.42
O1 SO4 D . 16.23 23.61 -1.07
O2 SO4 D . 18.50 23.73 -0.35
O3 SO4 D . 17.53 25.53 -1.57
O4 SO4 D . 18.00 23.46 -2.67
#